data_8EF4
# 
_entry.id   8EF4 
# 
_audit_conform.dict_name       mmcif_pdbx.dic 
_audit_conform.dict_version    5.398 
_audit_conform.dict_location   http://mmcif.pdb.org/dictionaries/ascii/mmcif_pdbx.dic 
# 
loop_
_database_2.database_id 
_database_2.database_code 
_database_2.pdbx_database_accession 
_database_2.pdbx_DOI 
PDB   8EF4         pdb_00008ef4 10.2210/pdb8ef4/pdb 
WWPDB D_1000268312 ?            ?                   
BMRB  51618        ?            10.13018/BMR51618   
# 
loop_
_pdbx_audit_revision_history.ordinal 
_pdbx_audit_revision_history.data_content_type 
_pdbx_audit_revision_history.major_revision 
_pdbx_audit_revision_history.minor_revision 
_pdbx_audit_revision_history.revision_date 
1 'Structure model' 1 0 2022-10-05 
2 'Structure model' 1 1 2024-11-13 
# 
_pdbx_audit_revision_details.ordinal             1 
_pdbx_audit_revision_details.revision_ordinal    1 
_pdbx_audit_revision_details.data_content_type   'Structure model' 
_pdbx_audit_revision_details.provider            repository 
_pdbx_audit_revision_details.type                'Initial release' 
_pdbx_audit_revision_details.description         ? 
_pdbx_audit_revision_details.details             ? 
# 
loop_
_pdbx_audit_revision_group.ordinal 
_pdbx_audit_revision_group.revision_ordinal 
_pdbx_audit_revision_group.data_content_type 
_pdbx_audit_revision_group.group 
1 2 'Structure model' 'Data collection'     
2 2 'Structure model' 'Database references' 
3 2 'Structure model' 'Structure summary'   
# 
loop_
_pdbx_audit_revision_category.ordinal 
_pdbx_audit_revision_category.revision_ordinal 
_pdbx_audit_revision_category.data_content_type 
_pdbx_audit_revision_category.category 
1 2 'Structure model' chem_comp_atom      
2 2 'Structure model' chem_comp_bond      
3 2 'Structure model' database_2          
4 2 'Structure model' pdbx_contact_author 
5 2 'Structure model' pdbx_entry_details  
# 
loop_
_pdbx_audit_revision_item.ordinal 
_pdbx_audit_revision_item.revision_ordinal 
_pdbx_audit_revision_item.data_content_type 
_pdbx_audit_revision_item.item 
1 2 'Structure model' '_database_2.pdbx_DOI'                         
2 2 'Structure model' '_pdbx_contact_author.address_1'               
3 2 'Structure model' '_pdbx_contact_author.address_2'               
4 2 'Structure model' '_pdbx_contact_author.email'                   
5 2 'Structure model' '_pdbx_contact_author.organization_type'       
6 2 'Structure model' '_pdbx_contact_author.phone'                   
7 2 'Structure model' '_pdbx_contact_author.postal_code'             
8 2 'Structure model' '_pdbx_entry_details.has_protein_modification' 
# 
_pdbx_database_status.status_code                     REL 
_pdbx_database_status.status_code_sf                  ? 
_pdbx_database_status.status_code_mr                  REL 
_pdbx_database_status.entry_id                        8EF4 
_pdbx_database_status.recvd_initial_deposition_date   2022-09-08 
_pdbx_database_status.SG_entry                        N 
_pdbx_database_status.deposit_site                    RCSB 
_pdbx_database_status.process_site                    RCSB 
_pdbx_database_status.status_code_cs                  REL 
_pdbx_database_status.status_code_nmr_data            ? 
_pdbx_database_status.methods_development_category    ? 
_pdbx_database_status.pdb_format_compatible           Y 
# 
_pdbx_database_related.db_name        BMRB 
_pdbx_database_related.details        . 
_pdbx_database_related.db_id          51618 
_pdbx_database_related.content_type   unspecified 
# 
_pdbx_contact_author.id                 2 
_pdbx_contact_author.email              shmishra@umd.edu 
_pdbx_contact_author.name_first         Subrata 
_pdbx_contact_author.name_last          Mishra 
_pdbx_contact_author.name_mi            H. 
_pdbx_contact_author.role               'principal investigator/group leader' 
_pdbx_contact_author.identifier_ORCID   0000-0002-1515-3427 
# 
loop_
_audit_author.name 
_audit_author.pdbx_ordinal 
_audit_author.identifier_ORCID 
'Mishra, S.H.'  1 0000-0002-1515-3427 
'Bhavaraju, S.' 2 0000-0001-9551-8846 
# 
_citation.abstract                  ? 
_citation.abstract_id_CAS           ? 
_citation.book_id_ISBN              ? 
_citation.book_publisher            ? 
_citation.book_publisher_city       ? 
_citation.book_title                ? 
_citation.coordinate_linkage        ? 
_citation.country                   ? 
_citation.database_id_Medline       ? 
_citation.details                   ? 
_citation.id                        primary 
_citation.journal_abbrev            'To Be Published' 
_citation.journal_id_ASTM           ? 
_citation.journal_id_CSD            0353 
_citation.journal_id_ISSN           ? 
_citation.journal_full              ? 
_citation.journal_issue             ? 
_citation.journal_volume            ? 
_citation.language                  ? 
_citation.page_first                ? 
_citation.page_last                 ? 
_citation.title                     'Solution structural bundle of bivalirudin - a bivalent hirudin based thrombin inhibitor' 
_citation.year                      ? 
_citation.database_id_CSD           ? 
_citation.pdbx_database_id_DOI      ? 
_citation.pdbx_database_id_PubMed   ? 
_citation.pdbx_database_id_patent   ? 
_citation.unpublished_flag          ? 
# 
loop_
_citation_author.citation_id 
_citation_author.name 
_citation_author.ordinal 
_citation_author.identifier_ORCID 
primary 'Mishra, S.H.'  1 0000-0002-1515-3427 
primary 'Bhavaraju, S.' 2 0000-0001-9551-8846 
# 
_entity.id                         1 
_entity.type                       polymer 
_entity.src_method                 syn 
_entity.pdbx_description           Bivalirudin 
_entity.formula_weight             2181.295 
_entity.pdbx_number_of_molecules   1 
_entity.pdbx_ec                    ? 
_entity.pdbx_mutation              ? 
_entity.pdbx_fragment              ? 
_entity.details                    ? 
# 
_entity_poly.entity_id                      1 
_entity_poly.type                           'polypeptide(L)' 
_entity_poly.nstd_linkage                   no 
_entity_poly.nstd_monomer                   yes 
_entity_poly.pdbx_seq_one_letter_code       '(DPN)PRPGGGGNGDFEEIPEEYL' 
_entity_poly.pdbx_seq_one_letter_code_can   FPRPGGGGNGDFEEIPEEYL 
_entity_poly.pdbx_strand_id                 A 
_entity_poly.pdbx_target_identifier         ? 
# 
loop_
_entity_poly_seq.entity_id 
_entity_poly_seq.num 
_entity_poly_seq.mon_id 
_entity_poly_seq.hetero 
1 1  DPN n 
1 2  PRO n 
1 3  ARG n 
1 4  PRO n 
1 5  GLY n 
1 6  GLY n 
1 7  GLY n 
1 8  GLY n 
1 9  ASN n 
1 10 GLY n 
1 11 ASP n 
1 12 PHE n 
1 13 GLU n 
1 14 GLU n 
1 15 ILE n 
1 16 PRO n 
1 17 GLU n 
1 18 GLU n 
1 19 TYR n 
1 20 LEU n 
# 
_pdbx_entity_src_syn.entity_id              1 
_pdbx_entity_src_syn.pdbx_src_id            1 
_pdbx_entity_src_syn.pdbx_alt_source_flag   sample 
_pdbx_entity_src_syn.pdbx_beg_seq_num       1 
_pdbx_entity_src_syn.pdbx_end_seq_num       20 
_pdbx_entity_src_syn.organism_scientific    'Hirudo medicinalis' 
_pdbx_entity_src_syn.organism_common_name   'medicinal leech' 
_pdbx_entity_src_syn.ncbi_taxonomy_id       6421 
_pdbx_entity_src_syn.details                ? 
# 
loop_
_chem_comp.id 
_chem_comp.type 
_chem_comp.mon_nstd_flag 
_chem_comp.name 
_chem_comp.pdbx_synonyms 
_chem_comp.formula 
_chem_comp.formula_weight 
ARG 'L-peptide linking' y ARGININE        ? 'C6 H15 N4 O2 1' 175.209 
ASN 'L-peptide linking' y ASPARAGINE      ? 'C4 H8 N2 O3'    132.118 
ASP 'L-peptide linking' y 'ASPARTIC ACID' ? 'C4 H7 N O4'     133.103 
DPN 'D-peptide linking' . D-PHENYLALANINE ? 'C9 H11 N O2'    165.189 
GLU 'L-peptide linking' y 'GLUTAMIC ACID' ? 'C5 H9 N O4'     147.129 
GLY 'peptide linking'   y GLYCINE         ? 'C2 H5 N O2'     75.067  
ILE 'L-peptide linking' y ISOLEUCINE      ? 'C6 H13 N O2'    131.173 
LEU 'L-peptide linking' y LEUCINE         ? 'C6 H13 N O2'    131.173 
PHE 'L-peptide linking' y PHENYLALANINE   ? 'C9 H11 N O2'    165.189 
PRO 'L-peptide linking' y PROLINE         ? 'C5 H9 N O2'     115.130 
TYR 'L-peptide linking' y TYROSINE        ? 'C9 H11 N O3'    181.189 
# 
loop_
_pdbx_poly_seq_scheme.asym_id 
_pdbx_poly_seq_scheme.entity_id 
_pdbx_poly_seq_scheme.seq_id 
_pdbx_poly_seq_scheme.mon_id 
_pdbx_poly_seq_scheme.ndb_seq_num 
_pdbx_poly_seq_scheme.pdb_seq_num 
_pdbx_poly_seq_scheme.auth_seq_num 
_pdbx_poly_seq_scheme.pdb_mon_id 
_pdbx_poly_seq_scheme.auth_mon_id 
_pdbx_poly_seq_scheme.pdb_strand_id 
_pdbx_poly_seq_scheme.pdb_ins_code 
_pdbx_poly_seq_scheme.hetero 
A 1 1  DPN 1  1  1  DPN DPN A . n 
A 1 2  PRO 2  2  2  PRO PRO A . n 
A 1 3  ARG 3  3  3  ARG ARG A . n 
A 1 4  PRO 4  4  4  PRO PRO A . n 
A 1 5  GLY 5  5  5  GLY GLY A . n 
A 1 6  GLY 6  6  6  GLY GLY A . n 
A 1 7  GLY 7  7  7  GLY GLY A . n 
A 1 8  GLY 8  8  8  GLY GLY A . n 
A 1 9  ASN 9  9  9  ASN ASN A . n 
A 1 10 GLY 10 10 10 GLY GLY A . n 
A 1 11 ASP 11 11 11 ASP ASP A . n 
A 1 12 PHE 12 12 12 PHE PHE A . n 
A 1 13 GLU 13 13 13 GLU GLU A . n 
A 1 14 GLU 14 14 14 GLU GLU A . n 
A 1 15 ILE 15 15 15 ILE ILE A . n 
A 1 16 PRO 16 16 16 PRO PRO A . n 
A 1 17 GLU 17 17 17 GLU GLU A . n 
A 1 18 GLU 18 18 18 GLU GLU A . n 
A 1 19 TYR 19 19 19 TYR TYR A . n 
A 1 20 LEU 20 20 20 LEU LEU A . n 
# 
_exptl.absorpt_coefficient_mu     ? 
_exptl.absorpt_correction_T_max   ? 
_exptl.absorpt_correction_T_min   ? 
_exptl.absorpt_correction_type    ? 
_exptl.absorpt_process_details    ? 
_exptl.entry_id                   8EF4 
_exptl.crystals_number            ? 
_exptl.details                    ? 
_exptl.method                     'SOLUTION NMR' 
_exptl.method_details             ? 
# 
_struct.entry_id                     8EF4 
_struct.title                        'Solution structural bundle of bivalirudin - a bivalent hirudin based thrombin inhibitor' 
_struct.pdbx_model_details           ? 
_struct.pdbx_formula_weight          ? 
_struct.pdbx_formula_weight_method   ? 
_struct.pdbx_model_type_details      ? 
_struct.pdbx_CASP_flag               N 
# 
_struct_keywords.entry_id        8EF4 
_struct_keywords.text            'thrombin inhibitor, bivalent, hirulog, blood clotting' 
_struct_keywords.pdbx_keywords   'BLOOD CLOTTING' 
# 
_struct_asym.id                            A 
_struct_asym.pdbx_blank_PDB_chainid_flag   N 
_struct_asym.pdbx_modified                 N 
_struct_asym.entity_id                     1 
_struct_asym.details                       ? 
# 
_struct_ref.id                         1 
_struct_ref.db_name                    PDB 
_struct_ref.db_code                    8EF4 
_struct_ref.pdbx_db_accession          8EF4 
_struct_ref.pdbx_db_isoform            ? 
_struct_ref.entity_id                  1 
_struct_ref.pdbx_seq_one_letter_code   ? 
_struct_ref.pdbx_align_begin           1 
# 
_struct_ref_seq.align_id                      1 
_struct_ref_seq.ref_id                        1 
_struct_ref_seq.pdbx_PDB_id_code              8EF4 
_struct_ref_seq.pdbx_strand_id                A 
_struct_ref_seq.seq_align_beg                 1 
_struct_ref_seq.pdbx_seq_align_beg_ins_code   ? 
_struct_ref_seq.seq_align_end                 20 
_struct_ref_seq.pdbx_seq_align_end_ins_code   ? 
_struct_ref_seq.pdbx_db_accession             8EF4 
_struct_ref_seq.db_align_beg                  1 
_struct_ref_seq.pdbx_db_align_beg_ins_code    ? 
_struct_ref_seq.db_align_end                  20 
_struct_ref_seq.pdbx_db_align_end_ins_code    ? 
_struct_ref_seq.pdbx_auth_seq_align_beg       1 
_struct_ref_seq.pdbx_auth_seq_align_end       20 
# 
_pdbx_struct_assembly.id                   1 
_pdbx_struct_assembly.details              author_defined_assembly 
_pdbx_struct_assembly.method_details       ? 
_pdbx_struct_assembly.oligomeric_details   monomeric 
_pdbx_struct_assembly.oligomeric_count     1 
# 
_pdbx_struct_assembly_gen.assembly_id       1 
_pdbx_struct_assembly_gen.oper_expression   1 
_pdbx_struct_assembly_gen.asym_id_list      A 
# 
_pdbx_struct_assembly_auth_evidence.id                     1 
_pdbx_struct_assembly_auth_evidence.assembly_id            1 
_pdbx_struct_assembly_auth_evidence.experimental_support   none 
_pdbx_struct_assembly_auth_evidence.details                ? 
# 
_pdbx_struct_oper_list.id                   1 
_pdbx_struct_oper_list.type                 'identity operation' 
_pdbx_struct_oper_list.name                 1_555 
_pdbx_struct_oper_list.symmetry_operation   ? 
_pdbx_struct_oper_list.matrix[1][1]         1.0000000000 
_pdbx_struct_oper_list.matrix[1][2]         0.0000000000 
_pdbx_struct_oper_list.matrix[1][3]         0.0000000000 
_pdbx_struct_oper_list.vector[1]            0.0000000000 
_pdbx_struct_oper_list.matrix[2][1]         0.0000000000 
_pdbx_struct_oper_list.matrix[2][2]         1.0000000000 
_pdbx_struct_oper_list.matrix[2][3]         0.0000000000 
_pdbx_struct_oper_list.vector[2]            0.0000000000 
_pdbx_struct_oper_list.matrix[3][1]         0.0000000000 
_pdbx_struct_oper_list.matrix[3][2]         0.0000000000 
_pdbx_struct_oper_list.matrix[3][3]         1.0000000000 
_pdbx_struct_oper_list.vector[3]            0.0000000000 
# 
_struct_conn.id                            covale1 
_struct_conn.conn_type_id                  covale 
_struct_conn.pdbx_leaving_atom_flag        both 
_struct_conn.pdbx_PDB_id                   ? 
_struct_conn.ptnr1_label_asym_id           A 
_struct_conn.ptnr1_label_comp_id           DPN 
_struct_conn.ptnr1_label_seq_id            1 
_struct_conn.ptnr1_label_atom_id           C 
_struct_conn.pdbx_ptnr1_label_alt_id       ? 
_struct_conn.pdbx_ptnr1_PDB_ins_code       ? 
_struct_conn.pdbx_ptnr1_standard_comp_id   ? 
_struct_conn.ptnr1_symmetry                1_555 
_struct_conn.ptnr2_label_asym_id           A 
_struct_conn.ptnr2_label_comp_id           PRO 
_struct_conn.ptnr2_label_seq_id            2 
_struct_conn.ptnr2_label_atom_id           N 
_struct_conn.pdbx_ptnr2_label_alt_id       ? 
_struct_conn.pdbx_ptnr2_PDB_ins_code       ? 
_struct_conn.ptnr1_auth_asym_id            A 
_struct_conn.ptnr1_auth_comp_id            DPN 
_struct_conn.ptnr1_auth_seq_id             1 
_struct_conn.ptnr2_auth_asym_id            A 
_struct_conn.ptnr2_auth_comp_id            PRO 
_struct_conn.ptnr2_auth_seq_id             2 
_struct_conn.ptnr2_symmetry                1_555 
_struct_conn.pdbx_ptnr3_label_atom_id      ? 
_struct_conn.pdbx_ptnr3_label_seq_id       ? 
_struct_conn.pdbx_ptnr3_label_comp_id      ? 
_struct_conn.pdbx_ptnr3_label_asym_id      ? 
_struct_conn.pdbx_ptnr3_label_alt_id       ? 
_struct_conn.pdbx_ptnr3_PDB_ins_code       ? 
_struct_conn.details                       ? 
_struct_conn.pdbx_dist_value               1.348 
_struct_conn.pdbx_value_order              ? 
_struct_conn.pdbx_role                     ? 
# 
_struct_conn_type.id          covale 
_struct_conn_type.criteria    ? 
_struct_conn_type.reference   ? 
# 
_pdbx_entry_details.entry_id                   8EF4 
_pdbx_entry_details.has_ligand_of_interest     N 
_pdbx_entry_details.compound_details           ? 
_pdbx_entry_details.source_details             ? 
_pdbx_entry_details.nonpolymer_details         ? 
_pdbx_entry_details.sequence_details           ? 
_pdbx_entry_details.has_protein_modification   N 
# 
_pdbx_validate_close_contact.id               1 
_pdbx_validate_close_contact.PDB_model_num    4 
_pdbx_validate_close_contact.auth_atom_id_1   H1 
_pdbx_validate_close_contact.auth_asym_id_1   A 
_pdbx_validate_close_contact.auth_comp_id_1   DPN 
_pdbx_validate_close_contact.auth_seq_id_1    1 
_pdbx_validate_close_contact.PDB_ins_code_1   ? 
_pdbx_validate_close_contact.label_alt_id_1   ? 
_pdbx_validate_close_contact.auth_atom_id_2   OE2 
_pdbx_validate_close_contact.auth_asym_id_2   A 
_pdbx_validate_close_contact.auth_comp_id_2   GLU 
_pdbx_validate_close_contact.auth_seq_id_2    14 
_pdbx_validate_close_contact.PDB_ins_code_2   ? 
_pdbx_validate_close_contact.label_alt_id_2   ? 
_pdbx_validate_close_contact.dist             1.58 
# 
_pdbx_validate_torsion.id              1 
_pdbx_validate_torsion.PDB_model_num   4 
_pdbx_validate_torsion.auth_comp_id    ASP 
_pdbx_validate_torsion.auth_asym_id    A 
_pdbx_validate_torsion.auth_seq_id     11 
_pdbx_validate_torsion.PDB_ins_code    ? 
_pdbx_validate_torsion.label_alt_id    ? 
_pdbx_validate_torsion.phi             -68.65 
_pdbx_validate_torsion.psi             97.70 
# 
_pdbx_nmr_ensemble.entry_id                                      8EF4 
_pdbx_nmr_ensemble.conformers_calculated_total_number            100 
_pdbx_nmr_ensemble.conformers_submitted_total_number             5 
_pdbx_nmr_ensemble.conformer_selection_criteria                  'structures with the lowest energy' 
_pdbx_nmr_ensemble.representative_conformer                      ? 
_pdbx_nmr_ensemble.average_constraints_per_residue               ? 
_pdbx_nmr_ensemble.average_constraint_violations_per_residue     ? 
_pdbx_nmr_ensemble.maximum_distance_constraint_violation         ? 
_pdbx_nmr_ensemble.average_distance_constraint_violation         ? 
_pdbx_nmr_ensemble.maximum_upper_distance_constraint_violation   ? 
_pdbx_nmr_ensemble.maximum_lower_distance_constraint_violation   ? 
_pdbx_nmr_ensemble.distance_constraint_violation_method          ? 
_pdbx_nmr_ensemble.maximum_torsion_angle_constraint_violation    ? 
_pdbx_nmr_ensemble.average_torsion_angle_constraint_violation    ? 
_pdbx_nmr_ensemble.torsion_angle_constraint_violation_method     ? 
# 
_pdbx_nmr_representative.entry_id             8EF4 
_pdbx_nmr_representative.conformer_id         1 
_pdbx_nmr_representative.selection_criteria   medoid 
# 
_pdbx_nmr_sample_details.solution_id      1 
_pdbx_nmr_sample_details.contents         '16.67 mg/mL bivalirudin, 20 mM sodium phosphate, 90% H2O/10% D2O' 
_pdbx_nmr_sample_details.solvent_system   '90% H2O/10% D2O' 
_pdbx_nmr_sample_details.label            10mg_natural_abundance 
_pdbx_nmr_sample_details.type             solution 
_pdbx_nmr_sample_details.details          
'600 ul of 20 mM Sodium Phosphate buffer with 10 mg of bivalirudin. pH was checked and adjusted to 4.6' 
# 
loop_
_pdbx_nmr_exptl_sample.solution_id 
_pdbx_nmr_exptl_sample.component 
_pdbx_nmr_exptl_sample.concentration 
_pdbx_nmr_exptl_sample.concentration_range 
_pdbx_nmr_exptl_sample.concentration_units 
_pdbx_nmr_exptl_sample.isotopic_labeling 
1 bivalirudin        16.67 ? mg/mL 'natural abundance' 
1 'sodium phosphate' 20    ? mM    'natural abundance' 
# 
_pdbx_nmr_exptl_sample_conditions.conditions_id          1 
_pdbx_nmr_exptl_sample_conditions.temperature            298 
_pdbx_nmr_exptl_sample_conditions.pressure_units         atm 
_pdbx_nmr_exptl_sample_conditions.pressure               1 
_pdbx_nmr_exptl_sample_conditions.pH                     4.6 
_pdbx_nmr_exptl_sample_conditions.ionic_strength         20 
_pdbx_nmr_exptl_sample_conditions.details                'pH 4.6 298 K' 
_pdbx_nmr_exptl_sample_conditions.ionic_strength_err     ? 
_pdbx_nmr_exptl_sample_conditions.ionic_strength_units   mM 
_pdbx_nmr_exptl_sample_conditions.label                  'pH 4.6 298 K' 
_pdbx_nmr_exptl_sample_conditions.pH_err                 ? 
_pdbx_nmr_exptl_sample_conditions.pH_units               pH 
_pdbx_nmr_exptl_sample_conditions.pressure_err           ? 
_pdbx_nmr_exptl_sample_conditions.temperature_err        ? 
_pdbx_nmr_exptl_sample_conditions.temperature_units      K 
# 
loop_
_pdbx_nmr_exptl.experiment_id 
_pdbx_nmr_exptl.conditions_id 
_pdbx_nmr_exptl.solution_id 
_pdbx_nmr_exptl.type 
_pdbx_nmr_exptl.spectrometer_id 
_pdbx_nmr_exptl.sample_state 
1 1 1 '2D 13C HSQC'       1 isotropic 
2 1 1 '2D 13C HSQC TOCSY' 1 isotropic 
3 1 1 '2D 13C HMBC'       1 isotropic 
4 1 1 '2D 15N HSQC'       1 isotropic 
5 1 1 '2D 15N HSQC TOCSY' 1 isotropic 
6 1 1 '2D 1H NOESY'       1 isotropic 
# 
_pdbx_nmr_refine.entry_id           8EF4 
_pdbx_nmr_refine.method             'simulated annealing' 
_pdbx_nmr_refine.details            ? 
_pdbx_nmr_refine.software_ordinal   4 
# 
loop_
_pdbx_nmr_software.ordinal 
_pdbx_nmr_software.classification 
_pdbx_nmr_software.name 
_pdbx_nmr_software.version 
_pdbx_nmr_software.authors 
1 collection                  TopSpin      ? 'Bruker Biospin'                           
2 processing                  TopSpin      ? 'Bruker Biospin'                           
3 'chemical shift assignment' Sparky       ? Goddard                                    
4 refinement                  'X-PLOR NIH' ? 'Schwieters, Kuszewski, Tjandra and Clore' 
5 'structure calculation'     'X-PLOR NIH' ? 'Schwieters, Kuszewski, Tjandra and Clore' 
# 
loop_
_chem_comp_atom.comp_id 
_chem_comp_atom.atom_id 
_chem_comp_atom.type_symbol 
_chem_comp_atom.pdbx_aromatic_flag 
_chem_comp_atom.pdbx_stereo_config 
_chem_comp_atom.pdbx_ordinal 
ARG N    N N N 1   
ARG CA   C N S 2   
ARG C    C N N 3   
ARG O    O N N 4   
ARG CB   C N N 5   
ARG CG   C N N 6   
ARG CD   C N N 7   
ARG NE   N N N 8   
ARG CZ   C N N 9   
ARG NH1  N N N 10  
ARG NH2  N N N 11  
ARG OXT  O N N 12  
ARG H    H N N 13  
ARG H2   H N N 14  
ARG HA   H N N 15  
ARG HB2  H N N 16  
ARG HB3  H N N 17  
ARG HG2  H N N 18  
ARG HG3  H N N 19  
ARG HD2  H N N 20  
ARG HD3  H N N 21  
ARG HE   H N N 22  
ARG HH11 H N N 23  
ARG HH12 H N N 24  
ARG HH21 H N N 25  
ARG HH22 H N N 26  
ARG HXT  H N N 27  
ASN N    N N N 28  
ASN CA   C N S 29  
ASN C    C N N 30  
ASN O    O N N 31  
ASN CB   C N N 32  
ASN CG   C N N 33  
ASN OD1  O N N 34  
ASN ND2  N N N 35  
ASN OXT  O N N 36  
ASN H    H N N 37  
ASN H2   H N N 38  
ASN HA   H N N 39  
ASN HB2  H N N 40  
ASN HB3  H N N 41  
ASN HD21 H N N 42  
ASN HD22 H N N 43  
ASN HXT  H N N 44  
ASP N    N N N 45  
ASP CA   C N S 46  
ASP C    C N N 47  
ASP O    O N N 48  
ASP CB   C N N 49  
ASP CG   C N N 50  
ASP OD1  O N N 51  
ASP OD2  O N N 52  
ASP OXT  O N N 53  
ASP H    H N N 54  
ASP H2   H N N 55  
ASP HA   H N N 56  
ASP HB2  H N N 57  
ASP HB3  H N N 58  
ASP HD2  H N N 59  
ASP HXT  H N N 60  
DPN N    N N N 61  
DPN CA   C N R 62  
DPN C    C N N 63  
DPN O    O N N 64  
DPN OXT  O N N 65  
DPN CB   C N N 66  
DPN CG   C Y N 67  
DPN CD1  C Y N 68  
DPN CD2  C Y N 69  
DPN CE1  C Y N 70  
DPN CE2  C Y N 71  
DPN CZ   C Y N 72  
DPN H    H N N 73  
DPN H2   H N N 74  
DPN HA   H N N 75  
DPN HXT  H N N 76  
DPN HB2  H N N 77  
DPN HB3  H N N 78  
DPN HD1  H N N 79  
DPN HD2  H N N 80  
DPN HE1  H N N 81  
DPN HE2  H N N 82  
DPN HZ   H N N 83  
GLU N    N N N 84  
GLU CA   C N S 85  
GLU C    C N N 86  
GLU O    O N N 87  
GLU CB   C N N 88  
GLU CG   C N N 89  
GLU CD   C N N 90  
GLU OE1  O N N 91  
GLU OE2  O N N 92  
GLU OXT  O N N 93  
GLU H    H N N 94  
GLU H2   H N N 95  
GLU HA   H N N 96  
GLU HB2  H N N 97  
GLU HB3  H N N 98  
GLU HG2  H N N 99  
GLU HG3  H N N 100 
GLU HE2  H N N 101 
GLU HXT  H N N 102 
GLY N    N N N 103 
GLY CA   C N N 104 
GLY C    C N N 105 
GLY O    O N N 106 
GLY OXT  O N N 107 
GLY H    H N N 108 
GLY H2   H N N 109 
GLY HA2  H N N 110 
GLY HA3  H N N 111 
GLY HXT  H N N 112 
ILE N    N N N 113 
ILE CA   C N S 114 
ILE C    C N N 115 
ILE O    O N N 116 
ILE CB   C N S 117 
ILE CG1  C N N 118 
ILE CG2  C N N 119 
ILE CD1  C N N 120 
ILE OXT  O N N 121 
ILE H    H N N 122 
ILE H2   H N N 123 
ILE HA   H N N 124 
ILE HB   H N N 125 
ILE HG12 H N N 126 
ILE HG13 H N N 127 
ILE HG21 H N N 128 
ILE HG22 H N N 129 
ILE HG23 H N N 130 
ILE HD11 H N N 131 
ILE HD12 H N N 132 
ILE HD13 H N N 133 
ILE HXT  H N N 134 
LEU N    N N N 135 
LEU CA   C N S 136 
LEU C    C N N 137 
LEU O    O N N 138 
LEU CB   C N N 139 
LEU CG   C N N 140 
LEU CD1  C N N 141 
LEU CD2  C N N 142 
LEU OXT  O N N 143 
LEU H    H N N 144 
LEU H2   H N N 145 
LEU HA   H N N 146 
LEU HB2  H N N 147 
LEU HB3  H N N 148 
LEU HG   H N N 149 
LEU HD11 H N N 150 
LEU HD12 H N N 151 
LEU HD13 H N N 152 
LEU HD21 H N N 153 
LEU HD22 H N N 154 
LEU HD23 H N N 155 
LEU HXT  H N N 156 
PHE N    N N N 157 
PHE CA   C N S 158 
PHE C    C N N 159 
PHE O    O N N 160 
PHE CB   C N N 161 
PHE CG   C Y N 162 
PHE CD1  C Y N 163 
PHE CD2  C Y N 164 
PHE CE1  C Y N 165 
PHE CE2  C Y N 166 
PHE CZ   C Y N 167 
PHE OXT  O N N 168 
PHE H    H N N 169 
PHE H2   H N N 170 
PHE HA   H N N 171 
PHE HB2  H N N 172 
PHE HB3  H N N 173 
PHE HD1  H N N 174 
PHE HD2  H N N 175 
PHE HE1  H N N 176 
PHE HE2  H N N 177 
PHE HZ   H N N 178 
PHE HXT  H N N 179 
PRO N    N N N 180 
PRO CA   C N S 181 
PRO C    C N N 182 
PRO O    O N N 183 
PRO CB   C N N 184 
PRO CG   C N N 185 
PRO CD   C N N 186 
PRO OXT  O N N 187 
PRO H    H N N 188 
PRO HA   H N N 189 
PRO HB2  H N N 190 
PRO HB3  H N N 191 
PRO HG2  H N N 192 
PRO HG3  H N N 193 
PRO HD2  H N N 194 
PRO HD3  H N N 195 
PRO HXT  H N N 196 
TYR N    N N N 197 
TYR CA   C N S 198 
TYR C    C N N 199 
TYR O    O N N 200 
TYR CB   C N N 201 
TYR CG   C Y N 202 
TYR CD1  C Y N 203 
TYR CD2  C Y N 204 
TYR CE1  C Y N 205 
TYR CE2  C Y N 206 
TYR CZ   C Y N 207 
TYR OH   O N N 208 
TYR OXT  O N N 209 
TYR H    H N N 210 
TYR H2   H N N 211 
TYR HA   H N N 212 
TYR HB2  H N N 213 
TYR HB3  H N N 214 
TYR HD1  H N N 215 
TYR HD2  H N N 216 
TYR HE1  H N N 217 
TYR HE2  H N N 218 
TYR HH   H N N 219 
TYR HXT  H N N 220 
# 
loop_
_chem_comp_bond.comp_id 
_chem_comp_bond.atom_id_1 
_chem_comp_bond.atom_id_2 
_chem_comp_bond.value_order 
_chem_comp_bond.pdbx_aromatic_flag 
_chem_comp_bond.pdbx_stereo_config 
_chem_comp_bond.pdbx_ordinal 
ARG N   CA   sing N N 1   
ARG N   H    sing N N 2   
ARG N   H2   sing N N 3   
ARG CA  C    sing N N 4   
ARG CA  CB   sing N N 5   
ARG CA  HA   sing N N 6   
ARG C   O    doub N N 7   
ARG C   OXT  sing N N 8   
ARG CB  CG   sing N N 9   
ARG CB  HB2  sing N N 10  
ARG CB  HB3  sing N N 11  
ARG CG  CD   sing N N 12  
ARG CG  HG2  sing N N 13  
ARG CG  HG3  sing N N 14  
ARG CD  NE   sing N N 15  
ARG CD  HD2  sing N N 16  
ARG CD  HD3  sing N N 17  
ARG NE  CZ   sing N N 18  
ARG NE  HE   sing N N 19  
ARG CZ  NH1  sing N N 20  
ARG CZ  NH2  doub N N 21  
ARG NH1 HH11 sing N N 22  
ARG NH1 HH12 sing N N 23  
ARG NH2 HH21 sing N N 24  
ARG NH2 HH22 sing N N 25  
ARG OXT HXT  sing N N 26  
ASN N   CA   sing N N 27  
ASN N   H    sing N N 28  
ASN N   H2   sing N N 29  
ASN CA  C    sing N N 30  
ASN CA  CB   sing N N 31  
ASN CA  HA   sing N N 32  
ASN C   O    doub N N 33  
ASN C   OXT  sing N N 34  
ASN CB  CG   sing N N 35  
ASN CB  HB2  sing N N 36  
ASN CB  HB3  sing N N 37  
ASN CG  OD1  doub N N 38  
ASN CG  ND2  sing N N 39  
ASN ND2 HD21 sing N N 40  
ASN ND2 HD22 sing N N 41  
ASN OXT HXT  sing N N 42  
ASP N   CA   sing N N 43  
ASP N   H    sing N N 44  
ASP N   H2   sing N N 45  
ASP CA  C    sing N N 46  
ASP CA  CB   sing N N 47  
ASP CA  HA   sing N N 48  
ASP C   O    doub N N 49  
ASP C   OXT  sing N N 50  
ASP CB  CG   sing N N 51  
ASP CB  HB2  sing N N 52  
ASP CB  HB3  sing N N 53  
ASP CG  OD1  doub N N 54  
ASP CG  OD2  sing N N 55  
ASP OD2 HD2  sing N N 56  
ASP OXT HXT  sing N N 57  
DPN N   CA   sing N N 58  
DPN N   H    sing N N 59  
DPN N   H2   sing N N 60  
DPN CA  C    sing N N 61  
DPN CA  CB   sing N N 62  
DPN CA  HA   sing N N 63  
DPN C   O    doub N N 64  
DPN C   OXT  sing N N 65  
DPN OXT HXT  sing N N 66  
DPN CB  CG   sing N N 67  
DPN CB  HB2  sing N N 68  
DPN CB  HB3  sing N N 69  
DPN CG  CD1  doub Y N 70  
DPN CG  CD2  sing Y N 71  
DPN CD1 CE1  sing Y N 72  
DPN CD1 HD1  sing N N 73  
DPN CD2 CE2  doub Y N 74  
DPN CD2 HD2  sing N N 75  
DPN CE1 CZ   doub Y N 76  
DPN CE1 HE1  sing N N 77  
DPN CE2 CZ   sing Y N 78  
DPN CE2 HE2  sing N N 79  
DPN CZ  HZ   sing N N 80  
GLU N   CA   sing N N 81  
GLU N   H    sing N N 82  
GLU N   H2   sing N N 83  
GLU CA  C    sing N N 84  
GLU CA  CB   sing N N 85  
GLU CA  HA   sing N N 86  
GLU C   O    doub N N 87  
GLU C   OXT  sing N N 88  
GLU CB  CG   sing N N 89  
GLU CB  HB2  sing N N 90  
GLU CB  HB3  sing N N 91  
GLU CG  CD   sing N N 92  
GLU CG  HG2  sing N N 93  
GLU CG  HG3  sing N N 94  
GLU CD  OE1  doub N N 95  
GLU CD  OE2  sing N N 96  
GLU OE2 HE2  sing N N 97  
GLU OXT HXT  sing N N 98  
GLY N   CA   sing N N 99  
GLY N   H    sing N N 100 
GLY N   H2   sing N N 101 
GLY CA  C    sing N N 102 
GLY CA  HA2  sing N N 103 
GLY CA  HA3  sing N N 104 
GLY C   O    doub N N 105 
GLY C   OXT  sing N N 106 
GLY OXT HXT  sing N N 107 
ILE N   CA   sing N N 108 
ILE N   H    sing N N 109 
ILE N   H2   sing N N 110 
ILE CA  C    sing N N 111 
ILE CA  CB   sing N N 112 
ILE CA  HA   sing N N 113 
ILE C   O    doub N N 114 
ILE C   OXT  sing N N 115 
ILE CB  CG1  sing N N 116 
ILE CB  CG2  sing N N 117 
ILE CB  HB   sing N N 118 
ILE CG1 CD1  sing N N 119 
ILE CG1 HG12 sing N N 120 
ILE CG1 HG13 sing N N 121 
ILE CG2 HG21 sing N N 122 
ILE CG2 HG22 sing N N 123 
ILE CG2 HG23 sing N N 124 
ILE CD1 HD11 sing N N 125 
ILE CD1 HD12 sing N N 126 
ILE CD1 HD13 sing N N 127 
ILE OXT HXT  sing N N 128 
LEU N   CA   sing N N 129 
LEU N   H    sing N N 130 
LEU N   H2   sing N N 131 
LEU CA  C    sing N N 132 
LEU CA  CB   sing N N 133 
LEU CA  HA   sing N N 134 
LEU C   O    doub N N 135 
LEU C   OXT  sing N N 136 
LEU CB  CG   sing N N 137 
LEU CB  HB2  sing N N 138 
LEU CB  HB3  sing N N 139 
LEU CG  CD1  sing N N 140 
LEU CG  CD2  sing N N 141 
LEU CG  HG   sing N N 142 
LEU CD1 HD11 sing N N 143 
LEU CD1 HD12 sing N N 144 
LEU CD1 HD13 sing N N 145 
LEU CD2 HD21 sing N N 146 
LEU CD2 HD22 sing N N 147 
LEU CD2 HD23 sing N N 148 
LEU OXT HXT  sing N N 149 
PHE N   CA   sing N N 150 
PHE N   H    sing N N 151 
PHE N   H2   sing N N 152 
PHE CA  C    sing N N 153 
PHE CA  CB   sing N N 154 
PHE CA  HA   sing N N 155 
PHE C   O    doub N N 156 
PHE C   OXT  sing N N 157 
PHE CB  CG   sing N N 158 
PHE CB  HB2  sing N N 159 
PHE CB  HB3  sing N N 160 
PHE CG  CD1  doub Y N 161 
PHE CG  CD2  sing Y N 162 
PHE CD1 CE1  sing Y N 163 
PHE CD1 HD1  sing N N 164 
PHE CD2 CE2  doub Y N 165 
PHE CD2 HD2  sing N N 166 
PHE CE1 CZ   doub Y N 167 
PHE CE1 HE1  sing N N 168 
PHE CE2 CZ   sing Y N 169 
PHE CE2 HE2  sing N N 170 
PHE CZ  HZ   sing N N 171 
PHE OXT HXT  sing N N 172 
PRO N   CA   sing N N 173 
PRO N   CD   sing N N 174 
PRO N   H    sing N N 175 
PRO CA  C    sing N N 176 
PRO CA  CB   sing N N 177 
PRO CA  HA   sing N N 178 
PRO C   O    doub N N 179 
PRO C   OXT  sing N N 180 
PRO CB  CG   sing N N 181 
PRO CB  HB2  sing N N 182 
PRO CB  HB3  sing N N 183 
PRO CG  CD   sing N N 184 
PRO CG  HG2  sing N N 185 
PRO CG  HG3  sing N N 186 
PRO CD  HD2  sing N N 187 
PRO CD  HD3  sing N N 188 
PRO OXT HXT  sing N N 189 
TYR N   CA   sing N N 190 
TYR N   H    sing N N 191 
TYR N   H2   sing N N 192 
TYR CA  C    sing N N 193 
TYR CA  CB   sing N N 194 
TYR CA  HA   sing N N 195 
TYR C   O    doub N N 196 
TYR C   OXT  sing N N 197 
TYR CB  CG   sing N N 198 
TYR CB  HB2  sing N N 199 
TYR CB  HB3  sing N N 200 
TYR CG  CD1  doub Y N 201 
TYR CG  CD2  sing Y N 202 
TYR CD1 CE1  sing Y N 203 
TYR CD1 HD1  sing N N 204 
TYR CD2 CE2  doub Y N 205 
TYR CD2 HD2  sing N N 206 
TYR CE1 CZ   doub Y N 207 
TYR CE1 HE1  sing N N 208 
TYR CE2 CZ   sing Y N 209 
TYR CE2 HE2  sing N N 210 
TYR CZ  OH   sing N N 211 
TYR OH  HH   sing N N 212 
TYR OXT HXT  sing N N 213 
# 
_pdbx_audit_support.funding_organization   'Not funded' 
_pdbx_audit_support.country                ? 
_pdbx_audit_support.grant_number           ? 
_pdbx_audit_support.ordinal                1 
# 
_pdbx_nmr_spectrometer.spectrometer_id   1 
_pdbx_nmr_spectrometer.model             'AVANCE III' 
_pdbx_nmr_spectrometer.type              ? 
_pdbx_nmr_spectrometer.manufacturer      Bruker 
_pdbx_nmr_spectrometer.field_strength    600 
_pdbx_nmr_spectrometer.details           'room temperature probe' 
# 
_atom_sites.entry_id                    8EF4 
_atom_sites.Cartn_transf_matrix[1][1]   ? 
_atom_sites.Cartn_transf_matrix[1][2]   ? 
_atom_sites.Cartn_transf_matrix[1][3]   ? 
_atom_sites.Cartn_transf_matrix[2][1]   ? 
_atom_sites.Cartn_transf_matrix[2][2]   ? 
_atom_sites.Cartn_transf_matrix[2][3]   ? 
_atom_sites.Cartn_transf_matrix[3][1]   ? 
_atom_sites.Cartn_transf_matrix[3][2]   ? 
_atom_sites.Cartn_transf_matrix[3][3]   ? 
_atom_sites.Cartn_transf_vector[1]      ? 
_atom_sites.Cartn_transf_vector[2]      ? 
_atom_sites.Cartn_transf_vector[3]      ? 
_atom_sites.fract_transf_matrix[1][1]   1.000000 
_atom_sites.fract_transf_matrix[1][2]   0.000000 
_atom_sites.fract_transf_matrix[1][3]   0.000000 
_atom_sites.fract_transf_matrix[2][1]   0.000000 
_atom_sites.fract_transf_matrix[2][2]   1.000000 
_atom_sites.fract_transf_matrix[2][3]   0.000000 
_atom_sites.fract_transf_matrix[3][1]   0.000000 
_atom_sites.fract_transf_matrix[3][2]   0.000000 
_atom_sites.fract_transf_matrix[3][3]   1.000000 
_atom_sites.fract_transf_vector[1]      0.00000 
_atom_sites.fract_transf_vector[2]      0.00000 
_atom_sites.fract_transf_vector[3]      0.00000 
_atom_sites.solution_primary            ? 
_atom_sites.solution_secondary          ? 
_atom_sites.solution_hydrogens          ? 
_atom_sites.special_details             ? 
# 
loop_
_atom_type.symbol 
C 
H 
N 
O 
# 
loop_
_atom_site.group_PDB 
_atom_site.id 
_atom_site.type_symbol 
_atom_site.label_atom_id 
_atom_site.label_alt_id 
_atom_site.label_comp_id 
_atom_site.label_asym_id 
_atom_site.label_entity_id 
_atom_site.label_seq_id 
_atom_site.pdbx_PDB_ins_code 
_atom_site.Cartn_x 
_atom_site.Cartn_y 
_atom_site.Cartn_z 
_atom_site.occupancy 
_atom_site.B_iso_or_equiv 
_atom_site.pdbx_formal_charge 
_atom_site.auth_seq_id 
_atom_site.auth_comp_id 
_atom_site.auth_asym_id 
_atom_site.auth_atom_id 
_atom_site.pdbx_PDB_model_num 
HETATM 1    N N    . DPN A 1 1  ? -0.832  -0.468  8.147   1.00 0.00 ?  1  DPN A N    1 
HETATM 2    C CA   . DPN A 1 1  ? -1.189  -1.901  8.170   1.00 0.00 ?  1  DPN A CA   1 
HETATM 3    C C    . DPN A 1 1  ? -1.208  -2.465  6.769   1.00 0.00 ?  1  DPN A C    1 
HETATM 4    O O    . DPN A 1 1  ? -0.154  -2.688  6.176   1.00 0.00 ?  1  DPN A O    1 
HETATM 5    C CB   . DPN A 1 1  ? -0.206  -2.684  9.033   1.00 0.00 ?  1  DPN A CB   1 
HETATM 6    C CG   . DPN A 1 1  ? -0.213  -2.256  10.469  1.00 0.00 ?  1  DPN A CG   1 
HETATM 7    C CD1  . DPN A 1 1  ? -1.311  -2.518  11.268  1.00 0.00 ?  1  DPN A CD1  1 
HETATM 8    C CD2  . DPN A 1 1  ? 0.867   -1.590  11.019  1.00 0.00 ?  1  DPN A CD2  1 
HETATM 9    C CE1  . DPN A 1 1  ? -1.335  -2.127  12.587  1.00 0.00 ?  1  DPN A CE1  1 
HETATM 10   C CE2  . DPN A 1 1  ? 0.850   -1.195  12.342  1.00 0.00 ?  1  DPN A CE2  1 
HETATM 11   C CZ   . DPN A 1 1  ? -0.253  -1.463  13.129  1.00 0.00 ?  1  DPN A CZ   1 
HETATM 12   H H1   . DPN A 1 1  ? -0.841  -0.079  9.108   1.00 0.00 ?  1  DPN A H1   1 
HETATM 13   H H2   . DPN A 1 1  ? -1.521  0.056   7.573   1.00 0.00 ?  1  DPN A H2   1 
HETATM 14   H H3   . DPN A 1 1  ? 0.114   -0.328  7.734   1.00 0.00 ?  1  DPN A H3   1 
HETATM 15   H HA   . DPN A 1 1  ? -2.179  -1.995  8.592   1.00 0.00 ?  1  DPN A HA   1 
HETATM 16   H HB2  . DPN A 1 1  ? 0.791   -2.548  8.638   1.00 0.00 ?  1  DPN A HB2  1 
HETATM 17   H HB3  . DPN A 1 1  ? -0.463  -3.733  8.997   1.00 0.00 ?  1  DPN A HB3  1 
HETATM 18   H HD1  . DPN A 1 1  ? -2.158  -3.039  10.845  1.00 0.00 ?  1  DPN A HD1  1 
HETATM 19   H HD2  . DPN A 1 1  ? 1.730   -1.379  10.405  1.00 0.00 ?  1  DPN A HD2  1 
HETATM 20   H HE1  . DPN A 1 1  ? -2.202  -2.339  13.193  1.00 0.00 ?  1  DPN A HE1  1 
HETATM 21   H HE2  . DPN A 1 1  ? 1.697   -0.674  12.762  1.00 0.00 ?  1  DPN A HE2  1 
HETATM 22   H HZ   . DPN A 1 1  ? -0.269  -1.154  14.163  1.00 0.00 ?  1  DPN A HZ   1 
ATOM   23   N N    . PRO A 1 2  ? -2.413  -2.727  6.225   1.00 0.00 ?  2  PRO A N    1 
ATOM   24   C CA   . PRO A 1 2  ? -2.564  -3.208  4.854   1.00 0.00 ?  2  PRO A CA   1 
ATOM   25   C C    . PRO A 1 2  ? -1.741  -2.367  3.882   1.00 0.00 ?  2  PRO A C    1 
ATOM   26   O O    . PRO A 1 2  ? -1.884  -1.138  3.830   1.00 0.00 ?  2  PRO A O    1 
ATOM   27   C CB   . PRO A 1 2  ? -4.057  -3.022  4.579   1.00 0.00 ?  2  PRO A CB   1 
ATOM   28   C CG   . PRO A 1 2  ? -4.704  -3.132  5.918   1.00 0.00 ?  2  PRO A CG   1 
ATOM   29   C CD   . PRO A 1 2  ? -3.710  -2.601  6.920   1.00 0.00 ?  2  PRO A CD   1 
ATOM   30   H HA   . PRO A 1 2  ? -2.296  -4.250  4.760   1.00 0.00 ?  2  PRO A HA   1 
ATOM   31   H HB2  . PRO A 1 2  ? -4.223  -2.049  4.137   1.00 0.00 ?  2  PRO A HB2  1 
ATOM   32   H HB3  . PRO A 1 2  ? -4.405  -3.792  3.910   1.00 0.00 ?  2  PRO A HB3  1 
ATOM   33   H HG2  . PRO A 1 2  ? -5.608  -2.541  5.937   1.00 0.00 ?  2  PRO A HG2  1 
ATOM   34   H HG3  . PRO A 1 2  ? -4.930  -4.167  6.129   1.00 0.00 ?  2  PRO A HG3  1 
ATOM   35   H HD2  . PRO A 1 2  ? -3.922  -1.570  7.164   1.00 0.00 ?  2  PRO A HD2  1 
ATOM   36   H HD3  . PRO A 1 2  ? -3.725  -3.209  7.813   1.00 0.00 ?  2  PRO A HD3  1 
ATOM   37   N N    . ARG A 1 3  ? -0.885  -3.025  3.128   1.00 0.00 ?  3  ARG A N    1 
ATOM   38   C CA   . ARG A 1 3  ? -0.019  -2.341  2.192   1.00 0.00 ?  3  ARG A CA   1 
ATOM   39   C C    . ARG A 1 3  ? -0.806  -1.959  0.945   1.00 0.00 ?  3  ARG A C    1 
ATOM   40   O O    . ARG A 1 3  ? -1.766  -2.641  0.583   1.00 0.00 ?  3  ARG A O    1 
ATOM   41   C CB   . ARG A 1 3  ? 1.198   -3.216  1.819   1.00 0.00 ?  3  ARG A CB   1 
ATOM   42   C CG   . ARG A 1 3  ? 2.183   -3.490  2.967   1.00 0.00 ?  3  ARG A CG   1 
ATOM   43   C CD   . ARG A 1 3  ? 1.660   -4.503  3.963   1.00 0.00 ?  3  ARG A CD   1 
ATOM   44   N NE   . ARG A 1 3  ? 2.737   -5.029  4.806   1.00 0.00 ?  3  ARG A NE   1 
ATOM   45   C CZ   . ARG A 1 3  ? 2.680   -5.156  6.131   1.00 0.00 ?  3  ARG A CZ   1 
ATOM   46   N NH1  . ARG A 1 3  ? 1.622   -4.731  6.804   1.00 0.00 1  3  ARG A NH1  1 
ATOM   47   N NH2  . ARG A 1 3  ? 3.697   -5.694  6.785   1.00 0.00 ?  3  ARG A NH2  1 
ATOM   48   H H    . ARG A 1 3  ? -0.847  -4.001  3.190   1.00 0.00 ?  3  ARG A H    1 
ATOM   49   H HA   . ARG A 1 3  ? 0.330   -1.438  2.671   1.00 0.00 ?  3  ARG A HA   1 
ATOM   50   H HB2  . ARG A 1 3  ? 0.841   -4.166  1.455   1.00 0.00 ?  3  ARG A HB2  1 
ATOM   51   H HB3  . ARG A 1 3  ? 1.745   -2.722  1.025   1.00 0.00 ?  3  ARG A HB3  1 
ATOM   52   H HG2  . ARG A 1 3  ? 3.110   -3.859  2.557   1.00 0.00 ?  3  ARG A HG2  1 
ATOM   53   H HG3  . ARG A 1 3  ? 2.369   -2.559  3.490   1.00 0.00 ?  3  ARG A HG3  1 
ATOM   54   H HD2  . ARG A 1 3  ? 0.917   -4.031  4.587   1.00 0.00 ?  3  ARG A HD2  1 
ATOM   55   H HD3  . ARG A 1 3  ? 1.211   -5.322  3.421   1.00 0.00 ?  3  ARG A HD3  1 
ATOM   56   H HE   . ARG A 1 3  ? 3.560   -5.321  4.336   1.00 0.00 ?  3  ARG A HE   1 
ATOM   57   H HH11 . ARG A 1 3  ? 0.848   -4.304  6.328   1.00 0.00 ?  3  ARG A HH11 1 
ATOM   58   H HH12 . ARG A 1 3  ? 1.585   -4.829  7.804   1.00 0.00 ?  3  ARG A HH12 1 
ATOM   59   H HH21 . ARG A 1 3  ? 4.513   -6.009  6.294   1.00 0.00 ?  3  ARG A HH21 1 
ATOM   60   H HH22 . ARG A 1 3  ? 3.669   -5.786  7.786   1.00 0.00 ?  3  ARG A HH22 1 
ATOM   61   N N    . PRO A 1 4  ? -0.421  -0.858  0.279   1.00 0.00 ?  4  PRO A N    1 
ATOM   62   C CA   . PRO A 1 4  ? -1.113  -0.373  -0.920  1.00 0.00 ?  4  PRO A CA   1 
ATOM   63   C C    . PRO A 1 4  ? -1.155  -1.427  -2.025  1.00 0.00 ?  4  PRO A C    1 
ATOM   64   O O    . PRO A 1 4  ? -0.119  -1.824  -2.558  1.00 0.00 ?  4  PRO A O    1 
ATOM   65   C CB   . PRO A 1 4  ? -0.269  0.837   -1.362  1.00 0.00 ?  4  PRO A CB   1 
ATOM   66   C CG   . PRO A 1 4  ? 1.035   0.670   -0.663  1.00 0.00 ?  4  PRO A CG   1 
ATOM   67   C CD   . PRO A 1 4  ? 0.717   -0.004  0.632   1.00 0.00 ?  4  PRO A CD   1 
ATOM   68   H HA   . PRO A 1 4  ? -2.117  -0.056  -0.690  1.00 0.00 ?  4  PRO A HA   1 
ATOM   69   H HB2  . PRO A 1 4  ? -0.149  0.821   -2.436  1.00 0.00 ?  4  PRO A HB2  1 
ATOM   70   H HB3  . PRO A 1 4  ? -0.763  1.750   -1.065  1.00 0.00 ?  4  PRO A HB3  1 
ATOM   71   H HG2  . PRO A 1 4  ? 1.692   0.049   -1.252  1.00 0.00 ?  4  PRO A HG2  1 
ATOM   72   H HG3  . PRO A 1 4  ? 1.487   1.636   -0.482  1.00 0.00 ?  4  PRO A HG3  1 
ATOM   73   H HD2  . PRO A 1 4  ? 1.558   -0.591  0.972   1.00 0.00 ?  4  PRO A HD2  1 
ATOM   74   H HD3  . PRO A 1 4  ? 0.433   0.724   1.377   1.00 0.00 ?  4  PRO A HD3  1 
ATOM   75   N N    . GLY A 1 5  ? -2.352  -1.884  -2.348  1.00 0.00 ?  5  GLY A N    1 
ATOM   76   C CA   . GLY A 1 5  ? -2.508  -2.887  -3.377  1.00 0.00 ?  5  GLY A CA   1 
ATOM   77   C C    . GLY A 1 5  ? -2.687  -4.275  -2.803  1.00 0.00 ?  5  GLY A C    1 
ATOM   78   O O    . GLY A 1 5  ? -2.883  -5.241  -3.541  1.00 0.00 ?  5  GLY A O    1 
ATOM   79   H H    . GLY A 1 5  ? -3.146  -1.540  -1.880  1.00 0.00 ?  5  GLY A H    1 
ATOM   80   H HA2  . GLY A 1 5  ? -3.371  -2.642  -3.979  1.00 0.00 ?  5  GLY A HA2  1 
ATOM   81   H HA3  . GLY A 1 5  ? -1.631  -2.880  -4.004  1.00 0.00 ?  5  GLY A HA3  1 
ATOM   82   N N    . GLY A 1 6  ? -2.618  -4.378  -1.488  1.00 0.00 ?  6  GLY A N    1 
ATOM   83   C CA   . GLY A 1 6  ? -2.792  -5.652  -0.829  1.00 0.00 ?  6  GLY A CA   1 
ATOM   84   C C    . GLY A 1 6  ? -1.508  -6.168  -0.221  1.00 0.00 ?  6  GLY A C    1 
ATOM   85   O O    . GLY A 1 6  ? -1.532  -6.912  0.761   1.00 0.00 ?  6  GLY A O    1 
ATOM   86   H H    . GLY A 1 6  ? -2.447  -3.571  -0.948  1.00 0.00 ?  6  GLY A H    1 
ATOM   87   H HA2  . GLY A 1 6  ? -3.531  -5.545  -0.048  1.00 0.00 ?  6  GLY A HA2  1 
ATOM   88   H HA3  . GLY A 1 6  ? -3.148  -6.372  -1.550  1.00 0.00 ?  6  GLY A HA3  1 
ATOM   89   N N    . GLY A 1 7  ? -0.386  -5.767  -0.790  1.00 0.00 ?  7  GLY A N    1 
ATOM   90   C CA   . GLY A 1 7  ? 0.894   -6.200  -0.285  1.00 0.00 ?  7  GLY A CA   1 
ATOM   91   C C    . GLY A 1 7  ? 1.514   -7.265  -1.156  1.00 0.00 ?  7  GLY A C    1 
ATOM   92   O O    . GLY A 1 7  ? 1.542   -7.131  -2.378  1.00 0.00 ?  7  GLY A O    1 
ATOM   93   H H    . GLY A 1 7  ? -0.424  -5.181  -1.578  1.00 0.00 ?  7  GLY A H    1 
ATOM   94   H HA2  . GLY A 1 7  ? 1.559   -5.351  -0.241  1.00 0.00 ?  7  GLY A HA2  1 
ATOM   95   H HA3  . GLY A 1 7  ? 0.761   -6.595  0.711   1.00 0.00 ?  7  GLY A HA3  1 
ATOM   96   N N    . GLY A 1 8  ? 1.994   -8.328  -0.536  1.00 0.00 ?  8  GLY A N    1 
ATOM   97   C CA   . GLY A 1 8  ? 2.615   -9.396  -1.285  1.00 0.00 ?  8  GLY A CA   1 
ATOM   98   C C    . GLY A 1 8  ? 3.886   -8.947  -1.940  1.00 0.00 ?  8  GLY A C    1 
ATOM   99   O O    . GLY A 1 8  ? 4.795   -8.445  -1.270  1.00 0.00 ?  8  GLY A O    1 
ATOM   100  H H    . GLY A 1 8  ? 1.925   -8.387  0.440   1.00 0.00 ?  8  GLY A H    1 
ATOM   101  H HA2  . GLY A 1 8  ? 2.839   -10.217 -0.628  1.00 0.00 ?  8  GLY A HA2  1 
ATOM   102  H HA3  . GLY A 1 8  ? 1.933   -9.733  -2.048  1.00 0.00 ?  8  GLY A HA3  1 
ATOM   103  N N    . ASN A 1 9  ? 3.957   -9.120  -3.244  1.00 0.00 ?  9  ASN A N    1 
ATOM   104  C CA   . ASN A 1 9  ? 5.113   -8.690  -4.009  1.00 0.00 ?  9  ASN A CA   1 
ATOM   105  C C    . ASN A 1 9  ? 5.130   -7.182  -4.106  1.00 0.00 ?  9  ASN A C    1 
ATOM   106  O O    . ASN A 1 9  ? 4.472   -6.593  -4.964  1.00 0.00 ?  9  ASN A O    1 
ATOM   107  C CB   . ASN A 1 9  ? 5.119   -9.303  -5.413  1.00 0.00 ?  9  ASN A CB   1 
ATOM   108  C CG   . ASN A 1 9  ? 5.189   -10.813 -5.394  1.00 0.00 ?  9  ASN A CG   1 
ATOM   109  O OD1  . ASN A 1 9  ? 4.167   -11.496 -5.469  1.00 0.00 ?  9  ASN A OD1  1 
ATOM   110  N ND2  . ASN A 1 9  ? 6.388   -11.345 -5.285  1.00 0.00 ?  9  ASN A ND2  1 
ATOM   111  H H    . ASN A 1 9  ? 3.202   -9.549  -3.698  1.00 0.00 ?  9  ASN A H    1 
ATOM   112  H HA   . ASN A 1 9  ? 5.996   -9.013  -3.480  1.00 0.00 ?  9  ASN A HA   1 
ATOM   113  H HB2  . ASN A 1 9  ? 4.218   -9.012  -5.926  1.00 0.00 ?  9  ASN A HB2  1 
ATOM   114  H HB3  . ASN A 1 9  ? 5.973   -8.927  -5.956  1.00 0.00 ?  9  ASN A HB3  1 
ATOM   115  H HD21 . ASN A 1 9  ? 7.160   -10.741 -5.220  1.00 0.00 ?  9  ASN A HD21 1 
ATOM   116  H HD22 . ASN A 1 9  ? 6.463   -12.322 -5.262  1.00 0.00 ?  9  ASN A HD22 1 
ATOM   117  N N    . GLY A 1 10 ? 5.864   -6.567  -3.215  1.00 0.00 ?  10 GLY A N    1 
ATOM   118  C CA   . GLY A 1 10 ? 5.927   -5.136  -3.165  1.00 0.00 ?  10 GLY A CA   1 
ATOM   119  C C    . GLY A 1 10 ? 5.421   -4.625  -1.842  1.00 0.00 ?  10 GLY A C    1 
ATOM   120  O O    . GLY A 1 10 ? 4.448   -3.876  -1.786  1.00 0.00 ?  10 GLY A O    1 
ATOM   121  H H    . GLY A 1 10 ? 6.364   -7.100  -2.560  1.00 0.00 ?  10 GLY A H    1 
ATOM   122  H HA2  . GLY A 1 10 ? 6.952   -4.821  -3.302  1.00 0.00 ?  10 GLY A HA2  1 
ATOM   123  H HA3  . GLY A 1 10 ? 5.318   -4.723  -3.956  1.00 0.00 ?  10 GLY A HA3  1 
ATOM   124  N N    . ASP A 1 11 ? 6.066   -5.059  -0.773  1.00 0.00 ?  11 ASP A N    1 
ATOM   125  C CA   . ASP A 1 11 ? 5.685   -4.654  0.571   1.00 0.00 ?  11 ASP A CA   1 
ATOM   126  C C    . ASP A 1 11 ? 6.063   -3.195  0.825   1.00 0.00 ?  11 ASP A C    1 
ATOM   127  O O    . ASP A 1 11 ? 7.155   -2.893  1.312   1.00 0.00 ?  11 ASP A O    1 
ATOM   128  C CB   . ASP A 1 11 ? 6.339   -5.571  1.617   1.00 0.00 ?  11 ASP A CB   1 
ATOM   129  C CG   . ASP A 1 11 ? 5.861   -5.295  3.032   1.00 0.00 ?  11 ASP A CG   1 
ATOM   130  O OD1  . ASP A 1 11 ? 6.509   -4.504  3.743   1.00 0.00 ?  11 ASP A OD1  1 
ATOM   131  O OD2  . ASP A 1 11 ? 4.841   -5.884  3.443   1.00 0.00 -1 11 ASP A OD2  1 
ATOM   132  H H    . ASP A 1 11 ? 6.822   -5.674  -0.890  1.00 0.00 ?  11 ASP A H    1 
ATOM   133  H HA   . ASP A 1 11 ? 4.612   -4.749  0.648   1.00 0.00 ?  11 ASP A HA   1 
ATOM   134  H HB2  . ASP A 1 11 ? 6.108   -6.597  1.377   1.00 0.00 ?  11 ASP A HB2  1 
ATOM   135  H HB3  . ASP A 1 11 ? 7.410   -5.431  1.583   1.00 0.00 ?  11 ASP A HB3  1 
ATOM   136  N N    . PHE A 1 12 ? 5.176   -2.296  0.443   1.00 0.00 ?  12 PHE A N    1 
ATOM   137  C CA   . PHE A 1 12 ? 5.384   -0.872  0.638   1.00 0.00 ?  12 PHE A CA   1 
ATOM   138  C C    . PHE A 1 12 ? 4.654   -0.392  1.874   1.00 0.00 ?  12 PHE A C    1 
ATOM   139  O O    . PHE A 1 12 ? 3.759   -1.066  2.368   1.00 0.00 ?  12 PHE A O    1 
ATOM   140  C CB   . PHE A 1 12 ? 4.922   -0.078  -0.587  1.00 0.00 ?  12 PHE A CB   1 
ATOM   141  C CG   . PHE A 1 12 ? 5.724   -0.353  -1.825  1.00 0.00 ?  12 PHE A CG   1 
ATOM   142  C CD1  . PHE A 1 12 ? 5.177   -1.064  -2.880  1.00 0.00 ?  12 PHE A CD1  1 
ATOM   143  C CD2  . PHE A 1 12 ? 7.027   0.101   -1.932  1.00 0.00 ?  12 PHE A CD2  1 
ATOM   144  C CE1  . PHE A 1 12 ? 5.916   -1.321  -4.018  1.00 0.00 ?  12 PHE A CE1  1 
ATOM   145  C CE2  . PHE A 1 12 ? 7.771   -0.153  -3.066  1.00 0.00 ?  12 PHE A CE2  1 
ATOM   146  C CZ   . PHE A 1 12 ? 7.216   -0.863  -4.111  1.00 0.00 ?  12 PHE A CZ   1 
ATOM   147  H H    . PHE A 1 12 ? 4.350   -2.604  0.005   1.00 0.00 ?  12 PHE A H    1 
ATOM   148  H HA   . PHE A 1 12 ? 6.439   -0.715  0.778   1.00 0.00 ?  12 PHE A HA   1 
ATOM   149  H HB2  . PHE A 1 12 ? 3.893   -0.327  -0.799  1.00 0.00 ?  12 PHE A HB2  1 
ATOM   150  H HB3  . PHE A 1 12 ? 4.992   0.978   -0.371  1.00 0.00 ?  12 PHE A HB3  1 
ATOM   151  H HD1  . PHE A 1 12 ? 4.162   -1.421  -2.807  1.00 0.00 ?  12 PHE A HD1  1 
ATOM   152  H HD2  . PHE A 1 12 ? 7.464   0.657   -1.118  1.00 0.00 ?  12 PHE A HD2  1 
ATOM   153  H HE1  . PHE A 1 12 ? 5.481   -1.878  -4.832  1.00 0.00 ?  12 PHE A HE1  1 
ATOM   154  H HE2  . PHE A 1 12 ? 8.788   0.207   -3.137  1.00 0.00 ?  12 PHE A HE2  1 
ATOM   155  H HZ   . PHE A 1 12 ? 7.798   -1.061  -4.998  1.00 0.00 ?  12 PHE A HZ   1 
ATOM   156  N N    . GLU A 1 13 ? 5.054   0.753   2.388   1.00 0.00 ?  13 GLU A N    1 
ATOM   157  C CA   . GLU A 1 13 ? 4.399   1.327   3.550   1.00 0.00 ?  13 GLU A CA   1 
ATOM   158  C C    . GLU A 1 13 ? 3.004   1.794   3.159   1.00 0.00 ?  13 GLU A C    1 
ATOM   159  O O    . GLU A 1 13 ? 2.732   2.020   1.981   1.00 0.00 ?  13 GLU A O    1 
ATOM   160  C CB   . GLU A 1 13 ? 5.222   2.492   4.101   1.00 0.00 ?  13 GLU A CB   1 
ATOM   161  C CG   . GLU A 1 13 ? 6.652   2.114   4.441   1.00 0.00 ?  13 GLU A CG   1 
ATOM   162  C CD   . GLU A 1 13 ? 7.474   3.294   4.898   1.00 0.00 ?  13 GLU A CD   1 
ATOM   163  O OE1  . GLU A 1 13 ? 7.696   4.221   4.092   1.00 0.00 ?  13 GLU A OE1  1 
ATOM   164  O OE2  . GLU A 1 13 ? 7.938   3.293   6.055   1.00 0.00 -1 13 GLU A OE2  1 
ATOM   165  H H    . GLU A 1 13 ? 5.798   1.235   1.971   1.00 0.00 ?  13 GLU A H    1 
ATOM   166  H HA   . GLU A 1 13 ? 4.318   0.558   4.303   1.00 0.00 ?  13 GLU A HA   1 
ATOM   167  H HB2  . GLU A 1 13 ? 5.243   3.282   3.365   1.00 0.00 ?  13 GLU A HB2  1 
ATOM   168  H HB3  . GLU A 1 13 ? 4.745   2.858   4.997   1.00 0.00 ?  13 GLU A HB3  1 
ATOM   169  H HG2  . GLU A 1 13 ? 6.638   1.380   5.234   1.00 0.00 ?  13 GLU A HG2  1 
ATOM   170  H HG3  . GLU A 1 13 ? 7.116   1.685   3.565   1.00 0.00 ?  13 GLU A HG3  1 
ATOM   171  N N    . GLU A 1 14 ? 2.127   1.935   4.135   1.00 0.00 ?  14 GLU A N    1 
ATOM   172  C CA   . GLU A 1 14 ? 0.751   2.323   3.863   1.00 0.00 ?  14 GLU A CA   1 
ATOM   173  C C    . GLU A 1 14 ? 0.665   3.708   3.230   1.00 0.00 ?  14 GLU A C    1 
ATOM   174  O O    . GLU A 1 14 ? 1.031   4.720   3.840   1.00 0.00 ?  14 GLU A O    1 
ATOM   175  C CB   . GLU A 1 14 ? -0.134  2.226   5.124   1.00 0.00 ?  14 GLU A CB   1 
ATOM   176  C CG   . GLU A 1 14 ? 0.406   2.935   6.364   1.00 0.00 ?  14 GLU A CG   1 
ATOM   177  C CD   . GLU A 1 14 ? 1.565   2.200   6.997   1.00 0.00 ?  14 GLU A CD   1 
ATOM   178  O OE1  . GLU A 1 14 ? 2.723   2.610   6.782   1.00 0.00 ?  14 GLU A OE1  1 
ATOM   179  O OE2  . GLU A 1 14 ? 1.323   1.191   7.690   1.00 0.00 -1 14 GLU A OE2  1 
ATOM   180  H H    . GLU A 1 14 ? 2.417   1.794   5.064   1.00 0.00 ?  14 GLU A H    1 
ATOM   181  H HA   . GLU A 1 14 ? 0.377   1.615   3.138   1.00 0.00 ?  14 GLU A HA   1 
ATOM   182  H HB2  . GLU A 1 14 ? -1.100  2.649   4.898   1.00 0.00 ?  14 GLU A HB2  1 
ATOM   183  H HB3  . GLU A 1 14 ? -0.264  1.182   5.365   1.00 0.00 ?  14 GLU A HB3  1 
ATOM   184  H HG2  . GLU A 1 14 ? 0.739   3.923   6.084   1.00 0.00 ?  14 GLU A HG2  1 
ATOM   185  H HG3  . GLU A 1 14 ? -0.389  3.018   7.090   1.00 0.00 ?  14 GLU A HG3  1 
ATOM   186  N N    . ILE A 1 15 ? 0.199   3.738   1.999   1.00 0.00 ?  15 ILE A N    1 
ATOM   187  C CA   . ILE A 1 15 ? 0.039   4.969   1.256   1.00 0.00 ?  15 ILE A CA   1 
ATOM   188  C C    . ILE A 1 15 ? -1.432  5.236   1.013   1.00 0.00 ?  15 ILE A C    1 
ATOM   189  O O    . ILE A 1 15 ? -2.147  4.355   0.529   1.00 0.00 ?  15 ILE A O    1 
ATOM   190  C CB   . ILE A 1 15 ? 0.773   4.906   -0.106  1.00 0.00 ?  15 ILE A CB   1 
ATOM   191  C CG1  . ILE A 1 15 ? 2.283   4.771   0.103   1.00 0.00 ?  15 ILE A CG1  1 
ATOM   192  C CG2  . ILE A 1 15 ? 0.453   6.135   -0.958  1.00 0.00 ?  15 ILE A CG2  1 
ATOM   193  C CD1  . ILE A 1 15 ? 3.065   4.706   -1.185  1.00 0.00 ?  15 ILE A CD1  1 
ATOM   194  H H    . ILE A 1 15 ? -0.051  2.895   1.568   1.00 0.00 ?  15 ILE A H    1 
ATOM   195  H HA   . ILE A 1 15 ? 0.460   5.775   1.841   1.00 0.00 ?  15 ILE A HA   1 
ATOM   196  H HB   . ILE A 1 15 ? 0.416   4.035   -0.636  1.00 0.00 ?  15 ILE A HB   1 
ATOM   197  H HG12 . ILE A 1 15 ? 2.641   5.623   0.664   1.00 0.00 ?  15 ILE A HG12 1 
ATOM   198  H HG13 . ILE A 1 15 ? 2.482   3.869   0.662   1.00 0.00 ?  15 ILE A HG13 1 
ATOM   199  H HG21 . ILE A 1 15 ? 0.752   7.028   -0.428  1.00 0.00 ?  15 ILE A HG21 1 
ATOM   200  H HG22 . ILE A 1 15 ? -0.608  6.171   -1.154  1.00 0.00 ?  15 ILE A HG22 1 
ATOM   201  H HG23 . ILE A 1 15 ? 0.990   6.075   -1.893  1.00 0.00 ?  15 ILE A HG23 1 
ATOM   202  H HD11 . ILE A 1 15 ? 2.771   3.828   -1.740  1.00 0.00 ?  15 ILE A HD11 1 
ATOM   203  H HD12 . ILE A 1 15 ? 4.122   4.662   -0.969  1.00 0.00 ?  15 ILE A HD12 1 
ATOM   204  H HD13 . ILE A 1 15 ? 2.848   5.587   -1.769  1.00 0.00 ?  15 ILE A HD13 1 
ATOM   205  N N    . PRO A 1 16 ? -1.904  6.443   1.376   1.00 0.00 ?  16 PRO A N    1 
ATOM   206  C CA   . PRO A 1 16 ? -3.295  6.867   1.184   1.00 0.00 ?  16 PRO A CA   1 
ATOM   207  C C    . PRO A 1 16 ? -3.868  6.437   -0.157  1.00 0.00 ?  16 PRO A C    1 
ATOM   208  O O    . PRO A 1 16 ? -3.350  6.802   -1.214  1.00 0.00 ?  16 PRO A O    1 
ATOM   209  C CB   . PRO A 1 16 ? -3.167  8.375   1.226   1.00 0.00 ?  16 PRO A CB   1 
ATOM   210  C CG   . PRO A 1 16 ? -2.114  8.608   2.232   1.00 0.00 ?  16 PRO A CG   1 
ATOM   211  C CD   . PRO A 1 16 ? -1.111  7.504   2.032   1.00 0.00 ?  16 PRO A CD   1 
ATOM   212  H HA   . PRO A 1 16 ? -3.935  6.533   1.986   1.00 0.00 ?  16 PRO A HA   1 
ATOM   213  H HB2  . PRO A 1 16 ? -2.861  8.728   0.250   1.00 0.00 ?  16 PRO A HB2  1 
ATOM   214  H HB3  . PRO A 1 16 ? -4.107  8.825   1.513   1.00 0.00 ?  16 PRO A HB3  1 
ATOM   215  H HG2  . PRO A 1 16 ? -1.657  9.570   2.065   1.00 0.00 ?  16 PRO A HG2  1 
ATOM   216  H HG3  . PRO A 1 16 ? -2.539  8.553   3.223   1.00 0.00 ?  16 PRO A HG3  1 
ATOM   217  H HD2  . PRO A 1 16 ? -0.305  7.835   1.394   1.00 0.00 ?  16 PRO A HD2  1 
ATOM   218  H HD3  . PRO A 1 16 ? -0.726  7.165   2.984   1.00 0.00 ?  16 PRO A HD3  1 
ATOM   219  N N    . GLU A 1 17 ? -4.940  5.672   -0.105  1.00 0.00 ?  17 GLU A N    1 
ATOM   220  C CA   . GLU A 1 17 ? -5.592  5.189   -1.311  1.00 0.00 ?  17 GLU A CA   1 
ATOM   221  C C    . GLU A 1 17 ? -6.239  6.354   -2.050  1.00 0.00 ?  17 GLU A C    1 
ATOM   222  O O    . GLU A 1 17 ? -6.456  6.298   -3.263  1.00 0.00 ?  17 GLU A O    1 
ATOM   223  C CB   . GLU A 1 17 ? -6.668  4.131   -0.986  1.00 0.00 ?  17 GLU A CB   1 
ATOM   224  C CG   . GLU A 1 17 ? -6.304  3.152   0.129   1.00 0.00 ?  17 GLU A CG   1 
ATOM   225  C CD   . GLU A 1 17 ? -6.454  3.762   1.509   1.00 0.00 ?  17 GLU A CD   1 
ATOM   226  O OE1  . GLU A 1 17 ? -5.426  4.128   2.115   1.00 0.00 ?  17 GLU A OE1  1 
ATOM   227  O OE2  . GLU A 1 17 ? -7.597  3.912   1.978   1.00 0.00 -1 17 GLU A OE2  1 
ATOM   228  H H    . GLU A 1 17 ? -5.293  5.402   0.773   1.00 0.00 ?  17 GLU A H    1 
ATOM   229  H HA   . GLU A 1 17 ? -4.833  4.750   -1.934  1.00 0.00 ?  17 GLU A HA   1 
ATOM   230  H HB2  . GLU A 1 17 ? -7.573  4.640   -0.696  1.00 0.00 ?  17 GLU A HB2  1 
ATOM   231  H HB3  . GLU A 1 17 ? -6.866  3.561   -1.882  1.00 0.00 ?  17 GLU A HB3  1 
ATOM   232  H HG2  . GLU A 1 17 ? -6.951  2.289   0.063   1.00 0.00 ?  17 GLU A HG2  1 
ATOM   233  H HG3  . GLU A 1 17 ? -5.277  2.842   -0.003  1.00 0.00 ?  17 GLU A HG3  1 
ATOM   234  N N    . GLU A 1 18 ? -6.528  7.410   -1.303  1.00 0.00 ?  18 GLU A N    1 
ATOM   235  C CA   . GLU A 1 18 ? -7.164  8.602   -1.836  1.00 0.00 ?  18 GLU A CA   1 
ATOM   236  C C    . GLU A 1 18 ? -6.223  9.353   -2.776  1.00 0.00 ?  18 GLU A C    1 
ATOM   237  O O    . GLU A 1 18 ? -6.670  10.086  -3.659  1.00 0.00 ?  18 GLU A O    1 
ATOM   238  C CB   . GLU A 1 18 ? -7.577  9.515   -0.684  1.00 0.00 ?  18 GLU A CB   1 
ATOM   239  C CG   . GLU A 1 18 ? -8.381  8.803   0.389   1.00 0.00 ?  18 GLU A CG   1 
ATOM   240  C CD   . GLU A 1 18 ? -8.625  9.664   1.604   1.00 0.00 ?  18 GLU A CD   1 
ATOM   241  O OE1  . GLU A 1 18 ? -7.660  9.942   2.339   1.00 0.00 ?  18 GLU A OE1  1 
ATOM   242  O OE2  . GLU A 1 18 ? -9.790  10.049  1.840   1.00 0.00 -1 18 GLU A OE2  1 
ATOM   243  H H    . GLU A 1 18 ? -6.305  7.381   -0.350  1.00 0.00 ?  18 GLU A H    1 
ATOM   244  H HA   . GLU A 1 18 ? -8.048  8.302   -2.378  1.00 0.00 ?  18 GLU A HA   1 
ATOM   245  H HB2  . GLU A 1 18 ? -6.688  9.923   -0.227  1.00 0.00 ?  18 GLU A HB2  1 
ATOM   246  H HB3  . GLU A 1 18 ? -8.176  10.322  -1.077  1.00 0.00 ?  18 GLU A HB3  1 
ATOM   247  H HG2  . GLU A 1 18 ? -9.335  8.513   -0.024  1.00 0.00 ?  18 GLU A HG2  1 
ATOM   248  H HG3  . GLU A 1 18 ? -7.840  7.918   0.696   1.00 0.00 ?  18 GLU A HG3  1 
ATOM   249  N N    . TYR A 1 19 ? -4.928  9.149   -2.599  1.00 0.00 ?  19 TYR A N    1 
ATOM   250  C CA   . TYR A 1 19 ? -3.941  9.810   -3.407  1.00 0.00 ?  19 TYR A CA   1 
ATOM   251  C C    . TYR A 1 19 ? -3.504  8.899   -4.549  1.00 0.00 ?  19 TYR A C    1 
ATOM   252  O O    . TYR A 1 19 ? -2.947  7.828   -4.315  1.00 0.00 ?  19 TYR A O    1 
ATOM   253  C CB   . TYR A 1 19 ? -2.753  10.225  -2.522  1.00 0.00 ?  19 TYR A CB   1 
ATOM   254  C CG   . TYR A 1 19 ? -1.447  10.377  -3.256  1.00 0.00 ?  19 TYR A CG   1 
ATOM   255  C CD1  . TYR A 1 19 ? -0.515  9.360   -3.224  1.00 0.00 ?  19 TYR A CD1  1 
ATOM   256  C CD2  . TYR A 1 19 ? -1.151  11.522  -3.982  1.00 0.00 ?  19 TYR A CD2  1 
ATOM   257  C CE1  . TYR A 1 19 ? 0.674   9.465   -3.886  1.00 0.00 ?  19 TYR A CE1  1 
ATOM   258  C CE2  . TYR A 1 19 ? 0.050   11.641  -4.656  1.00 0.00 ?  19 TYR A CE2  1 
ATOM   259  C CZ   . TYR A 1 19 ? 0.961   10.606  -4.604  1.00 0.00 ?  19 TYR A CZ   1 
ATOM   260  O OH   . TYR A 1 19 ? 2.160   10.712  -5.275  1.00 0.00 ?  19 TYR A OH   1 
ATOM   261  H H    . TYR A 1 19 ? -4.612  8.514   -1.923  1.00 0.00 ?  19 TYR A H    1 
ATOM   262  H HA   . TYR A 1 19 ? -4.394  10.696  -3.822  1.00 0.00 ?  19 TYR A HA   1 
ATOM   263  H HB2  . TYR A 1 19 ? -2.977  11.174  -2.058  1.00 0.00 ?  19 TYR A HB2  1 
ATOM   264  H HB3  . TYR A 1 19 ? -2.617  9.482   -1.751  1.00 0.00 ?  19 TYR A HB3  1 
ATOM   265  H HD1  . TYR A 1 19 ? -0.735  8.465   -2.663  1.00 0.00 ?  19 TYR A HD1  1 
ATOM   266  H HD2  . TYR A 1 19 ? -1.869  12.327  -4.015  1.00 0.00 ?  19 TYR A HD2  1 
ATOM   267  H HE1  . TYR A 1 19 ? 1.370   8.648   -3.837  1.00 0.00 ?  19 TYR A HE1  1 
ATOM   268  H HE2  . TYR A 1 19 ? 0.270   12.536  -5.217  1.00 0.00 ?  19 TYR A HE2  1 
ATOM   269  H HH   . TYR A 1 19 ? 2.324   9.894   -5.762  1.00 0.00 ?  19 TYR A HH   1 
ATOM   270  N N    . LEU A 1 20 ? -3.786  9.337   -5.777  1.00 0.00 ?  20 LEU A N    1 
ATOM   271  C CA   . LEU A 1 20 ? -3.456  8.591   -6.994  1.00 0.00 ?  20 LEU A CA   1 
ATOM   272  C C    . LEU A 1 20 ? -4.005  7.165   -6.930  1.00 0.00 ?  20 LEU A C    1 
ATOM   273  O O    . LEU A 1 20 ? -5.225  6.993   -7.129  1.00 0.00 ?  20 LEU A O    1 
ATOM   274  C CB   . LEU A 1 20 ? -1.935  8.584   -7.239  1.00 0.00 ?  20 LEU A CB   1 
ATOM   275  C CG   . LEU A 1 20 ? -1.473  7.924   -8.545  1.00 0.00 ?  20 LEU A CG   1 
ATOM   276  C CD1  . LEU A 1 20 ? -2.007  8.681   -9.753  1.00 0.00 ?  20 LEU A CD1  1 
ATOM   277  C CD2  . LEU A 1 20 ? 0.045   7.841   -8.593  1.00 0.00 ?  20 LEU A CD2  1 
ATOM   278  O OXT  . LEU A 1 20 ? -3.223  6.227   -6.669  1.00 0.00 ?  20 LEU A OXT  1 
ATOM   279  H H    . LEU A 1 20 ? -4.242  10.200  -5.871  1.00 0.00 ?  20 LEU A H    1 
ATOM   280  H HA   . LEU A 1 20 ? -3.936  9.099   -7.815  1.00 0.00 ?  20 LEU A HA   1 
ATOM   281  H HB2  . LEU A 1 20 ? -1.590  9.606   -7.240  1.00 0.00 ?  20 LEU A HB2  1 
ATOM   282  H HB3  . LEU A 1 20 ? -1.464  8.067   -6.417  1.00 0.00 ?  20 LEU A HB3  1 
ATOM   283  H HG   . LEU A 1 20 ? -1.866  6.918   -8.586  1.00 0.00 ?  20 LEU A HG   1 
ATOM   284  H HD11 . LEU A 1 20 ? -1.653  8.208   -10.658 1.00 0.00 ?  20 LEU A HD11 1 
ATOM   285  H HD12 . LEU A 1 20 ? -1.659  9.703   -9.721  1.00 0.00 ?  20 LEU A HD12 1 
ATOM   286  H HD13 . LEU A 1 20 ? -3.086  8.669   -9.738  1.00 0.00 ?  20 LEU A HD13 1 
ATOM   287  H HD21 . LEU A 1 20 ? 0.398   7.246   -7.763  1.00 0.00 ?  20 LEU A HD21 1 
ATOM   288  H HD22 . LEU A 1 20 ? 0.460   8.834   -8.528  1.00 0.00 ?  20 LEU A HD22 1 
ATOM   289  H HD23 . LEU A 1 20 ? 0.351   7.381   -9.520  1.00 0.00 ?  20 LEU A HD23 1 
HETATM 290  N N    . DPN A 1 1  ? 0.255   -0.196  8.108   1.00 0.00 ?  1  DPN A N    2 
HETATM 291  C CA   . DPN A 1 1  ? -0.328  -1.542  8.249   1.00 0.00 ?  1  DPN A CA   2 
HETATM 292  C C    . DPN A 1 1  ? -0.553  -2.175  6.889   1.00 0.00 ?  1  DPN A C    2 
HETATM 293  O O    . DPN A 1 1  ? 0.407   -2.489  6.179   1.00 0.00 ?  1  DPN A O    2 
HETATM 294  C CB   . DPN A 1 1  ? 0.579   -2.427  9.093   1.00 0.00 ?  1  DPN A CB   2 
HETATM 295  C CG   . DPN A 1 1  ? 0.712   -1.948  10.503  1.00 0.00 ?  1  DPN A CG   2 
HETATM 296  C CD1  . DPN A 1 1  ? -0.381  -1.973  11.356  1.00 0.00 ?  1  DPN A CD1  2 
HETATM 297  C CD2  . DPN A 1 1  ? 1.919   -1.469  10.981  1.00 0.00 ?  1  DPN A CD2  2 
HETATM 298  C CE1  . DPN A 1 1  ? -0.273  -1.530  12.655  1.00 0.00 ?  1  DPN A CE1  2 
HETATM 299  C CE2  . DPN A 1 1  ? 2.034   -1.025  12.282  1.00 0.00 ?  1  DPN A CE2  2 
HETATM 300  C CZ   . DPN A 1 1  ? 0.935   -1.054  13.122  1.00 0.00 ?  1  DPN A CZ   2 
HETATM 301  H H1   . DPN A 1 1  ? 0.465   0.203   9.045   1.00 0.00 ?  1  DPN A H1   2 
HETATM 302  H H2   . DPN A 1 1  ? -0.438  0.433   7.641   1.00 0.00 ?  1  DPN A H2   2 
HETATM 303  H H3   . DPN A 1 1  ? 1.124   -0.227  7.541   1.00 0.00 ?  1  DPN A H3   2 
HETATM 304  H HA   . DPN A 1 1  ? -1.280  -1.440  8.745   1.00 0.00 ?  1  DPN A HA   2 
HETATM 305  H HB2  . DPN A 1 1  ? 1.562   -2.448  8.641   1.00 0.00 ?  1  DPN A HB2  2 
HETATM 306  H HB3  . DPN A 1 1  ? 0.173   -3.427  9.115   1.00 0.00 ?  1  DPN A HB3  2 
HETATM 307  H HD1  . DPN A 1 1  ? -1.326  -2.346  10.991  1.00 0.00 ?  1  DPN A HD1  2 
HETATM 308  H HD2  . DPN A 1 1  ? 2.777   -1.446  10.325  1.00 0.00 ?  1  DPN A HD2  2 
HETATM 309  H HE1  . DPN A 1 1  ? -1.134  -1.555  13.305  1.00 0.00 ?  1  DPN A HE1  2 
HETATM 310  H HE2  . DPN A 1 1  ? 2.980   -0.654  12.645  1.00 0.00 ?  1  DPN A HE2  2 
HETATM 311  H HZ   . DPN A 1 1  ? 1.021   -0.707  14.141  1.00 0.00 ?  1  DPN A HZ   2 
ATOM   312  N N    . PRO A 1 2  ? -1.827  -2.389  6.514   1.00 0.00 ?  2  PRO A N    2 
ATOM   313  C CA   . PRO A 1 2  ? -2.183  -2.952  5.208   1.00 0.00 ?  2  PRO A CA   2 
ATOM   314  C C    . PRO A 1 2  ? -1.559  -2.150  4.073   1.00 0.00 ?  2  PRO A C    2 
ATOM   315  O O    . PRO A 1 2  ? -1.708  -0.923  4.010   1.00 0.00 ?  2  PRO A O    2 
ATOM   316  C CB   . PRO A 1 2  ? -3.710  -2.832  5.165   1.00 0.00 ?  2  PRO A CB   2 
ATOM   317  C CG   . PRO A 1 2  ? -4.133  -2.784  6.594   1.00 0.00 ?  2  PRO A CG   2 
ATOM   318  C CD   . PRO A 1 2  ? -3.018  -2.107  7.341   1.00 0.00 ?  2  PRO A CD   2 
ATOM   319  H HA   . PRO A 1 2  ? -1.889  -3.988  5.126   1.00 0.00 ?  2  PRO A HA   2 
ATOM   320  H HB2  . PRO A 1 2  ? -3.989  -1.931  4.640   1.00 0.00 ?  2  PRO A HB2  2 
ATOM   321  H HB3  . PRO A 1 2  ? -4.129  -3.689  4.662   1.00 0.00 ?  2  PRO A HB3  2 
ATOM   322  H HG2  . PRO A 1 2  ? -5.046  -2.215  6.688   1.00 0.00 ?  2  PRO A HG2  2 
ATOM   323  H HG3  . PRO A 1 2  ? -4.277  -3.788  6.967   1.00 0.00 ?  2  PRO A HG3  2 
ATOM   324  H HD2  . PRO A 1 2  ? -3.196  -1.044  7.415   1.00 0.00 ?  2  PRO A HD2  2 
ATOM   325  H HD3  . PRO A 1 2  ? -2.911  -2.543  8.323   1.00 0.00 ?  2  PRO A HD3  2 
ATOM   326  N N    . ARG A 1 3  ? -0.854  -2.830  3.190   1.00 0.00 ?  3  ARG A N    2 
ATOM   327  C CA   . ARG A 1 3  ? -0.192  -2.162  2.089   1.00 0.00 ?  3  ARG A CA   2 
ATOM   328  C C    . ARG A 1 3  ? -1.154  -1.994  0.922   1.00 0.00 ?  3  ARG A C    2 
ATOM   329  O O    . ARG A 1 3  ? -1.897  -2.922  0.590   1.00 0.00 ?  3  ARG A O    2 
ATOM   330  C CB   . ARG A 1 3  ? 1.057   -2.934  1.624   1.00 0.00 ?  3  ARG A CB   2 
ATOM   331  C CG   . ARG A 1 3  ? 2.129   -3.156  2.693   1.00 0.00 ?  3  ARG A CG   2 
ATOM   332  C CD   . ARG A 1 3  ? 1.820   -4.348  3.580   1.00 0.00 ?  3  ARG A CD   2 
ATOM   333  N NE   . ARG A 1 3  ? 3.038   -4.901  4.170   1.00 0.00 ?  3  ARG A NE   2 
ATOM   334  C CZ   . ARG A 1 3  ? 3.238   -5.098  5.476   1.00 0.00 ?  3  ARG A CZ   2 
ATOM   335  N NH1  . ARG A 1 3  ? 2.316   -4.728  6.364   1.00 0.00 1  3  ARG A NH1  2 
ATOM   336  N NH2  . ARG A 1 3  ? 4.370   -5.650  5.891   1.00 0.00 ?  3  ARG A NH2  2 
ATOM   337  H H    . ARG A 1 3  ? -0.796  -3.808  3.269   1.00 0.00 ?  3  ARG A H    2 
ATOM   338  H HA   . ARG A 1 3  ? 0.111   -1.186  2.436   1.00 0.00 ?  3  ARG A HA   2 
ATOM   339  H HB2  . ARG A 1 3  ? 0.746   -3.903  1.262   1.00 0.00 ?  3  ARG A HB2  2 
ATOM   340  H HB3  . ARG A 1 3  ? 1.511   -2.390  0.807   1.00 0.00 ?  3  ARG A HB3  2 
ATOM   341  H HG2  . ARG A 1 3  ? 3.080   -3.322  2.211   1.00 0.00 ?  3  ARG A HG2  2 
ATOM   342  H HG3  . ARG A 1 3  ? 2.191   -2.272  3.313   1.00 0.00 ?  3  ARG A HG3  2 
ATOM   343  H HD2  . ARG A 1 3  ? 1.152   -4.034  4.368   1.00 0.00 ?  3  ARG A HD2  2 
ATOM   344  H HD3  . ARG A 1 3  ? 1.343   -5.112  2.984   1.00 0.00 ?  3  ARG A HD3  2 
ATOM   345  H HE   . ARG A 1 3  ? 3.750   -5.160  3.528   1.00 0.00 ?  3  ARG A HE   2 
ATOM   346  H HH11 . ARG A 1 3  ? 1.461   -4.295  6.065   1.00 0.00 ?  3  ARG A HH11 2 
ATOM   347  H HH12 . ARG A 1 3  ? 2.462   -4.883  7.344   1.00 0.00 ?  3  ARG A HH12 2 
ATOM   348  H HH21 . ARG A 1 3  ? 5.076   -5.920  5.226   1.00 0.00 ?  3  ARG A HH21 2 
ATOM   349  H HH22 . ARG A 1 3  ? 4.544   -5.812  6.866   1.00 0.00 ?  3  ARG A HH22 2 
ATOM   350  N N    . PRO A 1 4  ? -1.167  -0.803  0.295   1.00 0.00 ?  4  PRO A N    2 
ATOM   351  C CA   . PRO A 1 4  ? -2.030  -0.522  -0.861  1.00 0.00 ?  4  PRO A CA   2 
ATOM   352  C C    . PRO A 1 4  ? -1.833  -1.551  -1.969  1.00 0.00 ?  4  PRO A C    2 
ATOM   353  O O    . PRO A 1 4  ? -0.704  -1.935  -2.281  1.00 0.00 ?  4  PRO A O    2 
ATOM   354  C CB   . PRO A 1 4  ? -1.562  0.857   -1.329  1.00 0.00 ?  4  PRO A CB   2 
ATOM   355  C CG   . PRO A 1 4  ? -0.970  1.482   -0.118  1.00 0.00 ?  4  PRO A CG   2 
ATOM   356  C CD   . PRO A 1 4  ? -0.349  0.365   0.666   1.00 0.00 ?  4  PRO A CD   2 
ATOM   357  H HA   . PRO A 1 4  ? -3.072  -0.484  -0.582  1.00 0.00 ?  4  PRO A HA   2 
ATOM   358  H HB2  . PRO A 1 4  ? -0.830  0.742   -2.116  1.00 0.00 ?  4  PRO A HB2  2 
ATOM   359  H HB3  . PRO A 1 4  ? -2.405  1.424   -1.693  1.00 0.00 ?  4  PRO A HB3  2 
ATOM   360  H HG2  . PRO A 1 4  ? -0.218  2.201   -0.409  1.00 0.00 ?  4  PRO A HG2  2 
ATOM   361  H HG3  . PRO A 1 4  ? -1.744  1.964   0.462   1.00 0.00 ?  4  PRO A HG3  2 
ATOM   362  H HD2  . PRO A 1 4  ? 0.682   0.225   0.374   1.00 0.00 ?  4  PRO A HD2  2 
ATOM   363  H HD3  . PRO A 1 4  ? -0.420  0.567   1.723   1.00 0.00 ?  4  PRO A HD3  2 
ATOM   364  N N    . GLY A 1 5  ? -2.928  -2.010  -2.542  1.00 0.00 ?  5  GLY A N    2 
ATOM   365  C CA   . GLY A 1 5  ? -2.847  -3.015  -3.576  1.00 0.00 ?  5  GLY A CA   2 
ATOM   366  C C    . GLY A 1 5  ? -2.827  -4.415  -2.999  1.00 0.00 ?  5  GLY A C    2 
ATOM   367  O O    . GLY A 1 5  ? -2.806  -5.402  -3.737  1.00 0.00 ?  5  GLY A O    2 
ATOM   368  H H    . GLY A 1 5  ? -3.805  -1.663  -2.269  1.00 0.00 ?  5  GLY A H    2 
ATOM   369  H HA2  . GLY A 1 5  ? -3.698  -2.914  -4.232  1.00 0.00 ?  5  GLY A HA2  2 
ATOM   370  H HA3  . GLY A 1 5  ? -1.943  -2.859  -4.145  1.00 0.00 ?  5  GLY A HA3  2 
ATOM   371  N N    . GLY A 1 6  ? -2.828  -4.500  -1.675  1.00 0.00 ?  6  GLY A N    2 
ATOM   372  C CA   . GLY A 1 6  ? -2.812  -5.784  -1.009  1.00 0.00 ?  6  GLY A CA   2 
ATOM   373  C C    . GLY A 1 6  ? -1.408  -6.232  -0.677  1.00 0.00 ?  6  GLY A C    2 
ATOM   374  O O    . GLY A 1 6  ? -1.199  -7.336  -0.176  1.00 0.00 ?  6  GLY A O    2 
ATOM   375  H H    . GLY A 1 6  ? -2.830  -3.677  -1.138  1.00 0.00 ?  6  GLY A H    2 
ATOM   376  H HA2  . GLY A 1 6  ? -3.381  -5.710  -0.095  1.00 0.00 ?  6  GLY A HA2  2 
ATOM   377  H HA3  . GLY A 1 6  ? -3.273  -6.519  -1.652  1.00 0.00 ?  6  GLY A HA3  2 
ATOM   378  N N    . GLY A 1 7  ? -0.443  -5.370  -0.950  1.00 0.00 ?  7  GLY A N    2 
ATOM   379  C CA   . GLY A 1 7  ? 0.938   -5.707  -0.692  1.00 0.00 ?  7  GLY A CA   2 
ATOM   380  C C    . GLY A 1 7  ? 1.528   -6.539  -1.805  1.00 0.00 ?  7  GLY A C    2 
ATOM   381  O O    . GLY A 1 7  ? 1.353   -6.217  -2.987  1.00 0.00 ?  7  GLY A O    2 
ATOM   382  H H    . GLY A 1 7  ? -0.672  -4.498  -1.334  1.00 0.00 ?  7  GLY A H    2 
ATOM   383  H HA2  . GLY A 1 7  ? 1.508   -4.795  -0.593  1.00 0.00 ?  7  GLY A HA2  2 
ATOM   384  H HA3  . GLY A 1 7  ? 0.998   -6.263  0.232   1.00 0.00 ?  7  GLY A HA3  2 
ATOM   385  N N    . GLY A 1 8  ? 2.215   -7.611  -1.439  1.00 0.00 ?  8  GLY A N    2 
ATOM   386  C CA   . GLY A 1 8  ? 2.819   -8.474  -2.432  1.00 0.00 ?  8  GLY A CA   2 
ATOM   387  C C    . GLY A 1 8  ? 3.928   -7.783  -3.175  1.00 0.00 ?  8  GLY A C    2 
ATOM   388  O O    . GLY A 1 8  ? 4.918   -7.356  -2.578  1.00 0.00 ?  8  GLY A O    2 
ATOM   389  H H    . GLY A 1 8  ? 2.321   -7.812  -0.484  1.00 0.00 ?  8  GLY A H    2 
ATOM   390  H HA2  . GLY A 1 8  ? 3.214   -9.354  -1.957  1.00 0.00 ?  8  GLY A HA2  2 
ATOM   391  H HA3  . GLY A 1 8  ? 2.061   -8.771  -3.141  1.00 0.00 ?  8  GLY A HA3  2 
ATOM   392  N N    . ASN A 1 9  ? 3.758   -7.661  -4.472  1.00 0.00 ?  9  ASN A N    2 
ATOM   393  C CA   . ASN A 1 9  ? 4.731   -6.977  -5.317  1.00 0.00 ?  9  ASN A CA   2 
ATOM   394  C C    . ASN A 1 9  ? 4.738   -5.488  -5.005  1.00 0.00 ?  9  ASN A C    2 
ATOM   395  O O    . ASN A 1 9  ? 5.750   -4.807  -5.164  1.00 0.00 ?  9  ASN A O    2 
ATOM   396  C CB   . ASN A 1 9  ? 4.420   -7.205  -6.801  1.00 0.00 ?  9  ASN A CB   2 
ATOM   397  C CG   . ASN A 1 9  ? 4.608   -8.652  -7.230  1.00 0.00 ?  9  ASN A CG   2 
ATOM   398  O OD1  . ASN A 1 9  ? 5.688   -9.048  -7.672  1.00 0.00 ?  9  ASN A OD1  2 
ATOM   399  N ND2  . ASN A 1 9  ? 3.564   -9.447  -7.104  1.00 0.00 ?  9  ASN A ND2  2 
ATOM   400  H H    . ASN A 1 9  ? 2.951   -8.049  -4.868  1.00 0.00 ?  9  ASN A H    2 
ATOM   401  H HA   . ASN A 1 9  ? 5.707   -7.383  -5.095  1.00 0.00 ?  9  ASN A HA   2 
ATOM   402  H HB2  . ASN A 1 9  ? 3.395   -6.926  -6.992  1.00 0.00 ?  9  ASN A HB2  2 
ATOM   403  H HB3  . ASN A 1 9  ? 5.072   -6.583  -7.398  1.00 0.00 ?  9  ASN A HB3  2 
ATOM   404  H HD21 . ASN A 1 9  ? 2.729   -9.076  -6.743  1.00 0.00 ?  9  ASN A HD21 2 
ATOM   405  H HD22 . ASN A 1 9  ? 3.662   -10.384 -7.381  1.00 0.00 ?  9  ASN A HD22 2 
ATOM   406  N N    . GLY A 1 10 ? 3.601   -4.992  -4.545  1.00 0.00 ?  10 GLY A N    2 
ATOM   407  C CA   . GLY A 1 10 ? 3.487   -3.605  -4.182  1.00 0.00 ?  10 GLY A CA   2 
ATOM   408  C C    . GLY A 1 10 ? 3.523   -3.421  -2.682  1.00 0.00 ?  10 GLY A C    2 
ATOM   409  O O    . GLY A 1 10 ? 2.646   -2.781  -2.102  1.00 0.00 ?  10 GLY A O    2 
ATOM   410  H H    . GLY A 1 10 ? 2.823   -5.584  -4.438  1.00 0.00 ?  10 GLY A H    2 
ATOM   411  H HA2  . GLY A 1 10 ? 4.306   -3.056  -4.626  1.00 0.00 ?  10 GLY A HA2  2 
ATOM   412  H HA3  . GLY A 1 10 ? 2.554   -3.215  -4.560  1.00 0.00 ?  10 GLY A HA3  2 
ATOM   413  N N    . ASP A 1 11 ? 4.532   -3.998  -2.043  1.00 0.00 ?  11 ASP A N    2 
ATOM   414  C CA   . ASP A 1 11 ? 4.675   -3.895  -0.596  1.00 0.00 ?  11 ASP A CA   2 
ATOM   415  C C    . ASP A 1 11 ? 5.293   -2.559  -0.212  1.00 0.00 ?  11 ASP A C    2 
ATOM   416  O O    . ASP A 1 11 ? 6.477   -2.469  0.105   1.00 0.00 ?  11 ASP A O    2 
ATOM   417  C CB   . ASP A 1 11 ? 5.517   -5.052  -0.035  1.00 0.00 ?  11 ASP A CB   2 
ATOM   418  C CG   . ASP A 1 11 ? 5.542   -5.072  1.487   1.00 0.00 ?  11 ASP A CG   2 
ATOM   419  O OD1  . ASP A 1 11 ? 6.475   -4.504  2.087   1.00 0.00 ?  11 ASP A OD1  2 
ATOM   420  O OD2  . ASP A 1 11 ? 4.622   -5.658  2.090   1.00 0.00 -1 11 ASP A OD2  2 
ATOM   421  H H    . ASP A 1 11 ? 5.196   -4.505  -2.559  1.00 0.00 ?  11 ASP A H    2 
ATOM   422  H HA   . ASP A 1 11 ? 3.684   -3.947  -0.168  1.00 0.00 ?  11 ASP A HA   2 
ATOM   423  H HB2  . ASP A 1 11 ? 5.104   -5.988  -0.381  1.00 0.00 ?  11 ASP A HB2  2 
ATOM   424  H HB3  . ASP A 1 11 ? 6.531   -4.957  -0.393  1.00 0.00 ?  11 ASP A HB3  2 
ATOM   425  N N    . PHE A 1 12 ? 4.502   -1.521  -0.306  1.00 0.00 ?  12 PHE A N    2 
ATOM   426  C CA   . PHE A 1 12 ? 4.942   -0.188  0.050   1.00 0.00 ?  12 PHE A CA   2 
ATOM   427  C C    . PHE A 1 12 ? 4.458   0.169   1.437   1.00 0.00 ?  12 PHE A C    2 
ATOM   428  O O    . PHE A 1 12 ? 3.539   -0.466  1.956   1.00 0.00 ?  12 PHE A O    2 
ATOM   429  C CB   . PHE A 1 12 ? 4.425   0.844   -0.954  1.00 0.00 ?  12 PHE A CB   2 
ATOM   430  C CG   . PHE A 1 12 ? 4.890   0.614   -2.360  1.00 0.00 ?  12 PHE A CG   2 
ATOM   431  C CD1  . PHE A 1 12 ? 4.014   0.144   -3.323  1.00 0.00 ?  12 PHE A CD1  2 
ATOM   432  C CD2  . PHE A 1 12 ? 6.202   0.866   -2.718  1.00 0.00 ?  12 PHE A CD2  2 
ATOM   433  C CE1  . PHE A 1 12 ? 4.439   -0.067  -4.618  1.00 0.00 ?  12 PHE A CE1  2 
ATOM   434  C CE2  . PHE A 1 12 ? 6.633   0.655   -4.010  1.00 0.00 ?  12 PHE A CE2  2 
ATOM   435  C CZ   . PHE A 1 12 ? 5.750   0.189   -4.962  1.00 0.00 ?  12 PHE A CZ   2 
ATOM   436  H H    . PHE A 1 12 ? 3.583   -1.650  -0.628  1.00 0.00 ?  12 PHE A H    2 
ATOM   437  H HA   . PHE A 1 12 ? 6.019   -0.180  0.040   1.00 0.00 ?  12 PHE A HA   2 
ATOM   438  H HB2  . PHE A 1 12 ? 3.346   0.821   -0.954  1.00 0.00 ?  12 PHE A HB2  2 
ATOM   439  H HB3  . PHE A 1 12 ? 4.756   1.826   -0.649  1.00 0.00 ?  12 PHE A HB3  2 
ATOM   440  H HD1  . PHE A 1 12 ? 2.987   -0.055  -3.054  1.00 0.00 ?  12 PHE A HD1  2 
ATOM   441  H HD2  . PHE A 1 12 ? 6.892   1.231   -1.971  1.00 0.00 ?  12 PHE A HD2  2 
ATOM   442  H HE1  . PHE A 1 12 ? 3.745   -0.434  -5.360  1.00 0.00 ?  12 PHE A HE1  2 
ATOM   443  H HE2  . PHE A 1 12 ? 7.659   0.856   -4.277  1.00 0.00 ?  12 PHE A HE2  2 
ATOM   444  H HZ   . PHE A 1 12 ? 6.084   0.023   -5.975  1.00 0.00 ?  12 PHE A HZ   2 
ATOM   445  N N    . GLU A 1 13 ? 5.090   1.151   2.047   1.00 0.00 ?  13 GLU A N    2 
ATOM   446  C CA   . GLU A 1 13 ? 4.644   1.651   3.328   1.00 0.00 ?  13 GLU A CA   2 
ATOM   447  C C    . GLU A 1 13 ? 3.242   2.222   3.187   1.00 0.00 ?  13 GLU A C    2 
ATOM   448  O O    . GLU A 1 13 ? 2.871   2.706   2.109   1.00 0.00 ?  13 GLU A O    2 
ATOM   449  C CB   . GLU A 1 13 ? 5.611   2.701   3.860   1.00 0.00 ?  13 GLU A CB   2 
ATOM   450  C CG   . GLU A 1 13 ? 6.756   2.122   4.662   1.00 0.00 ?  13 GLU A CG   2 
ATOM   451  C CD   . GLU A 1 13 ? 6.302   1.625   6.018   1.00 0.00 ?  13 GLU A CD   2 
ATOM   452  O OE1  . GLU A 1 13 ? 6.481   2.360   7.007   1.00 0.00 ?  13 GLU A OE1  2 
ATOM   453  O OE2  . GLU A 1 13 ? 5.750   0.513   6.100   1.00 0.00 -1 13 GLU A OE2  2 
ATOM   454  H H    . GLU A 1 13 ? 5.881   1.552   1.625   1.00 0.00 ?  13 GLU A H    2 
ATOM   455  H HA   . GLU A 1 13 ? 4.613   0.816   4.012   1.00 0.00 ?  13 GLU A HA   2 
ATOM   456  H HB2  . GLU A 1 13 ? 6.027   3.248   3.026   1.00 0.00 ?  13 GLU A HB2  2 
ATOM   457  H HB3  . GLU A 1 13 ? 5.067   3.384   4.492   1.00 0.00 ?  13 GLU A HB3  2 
ATOM   458  H HG2  . GLU A 1 13 ? 7.182   1.293   4.116   1.00 0.00 ?  13 GLU A HG2  2 
ATOM   459  H HG3  . GLU A 1 13 ? 7.506   2.885   4.806   1.00 0.00 ?  13 GLU A HG3  2 
ATOM   460  N N    . GLU A 1 14 ? 2.469   2.166   4.258   1.00 0.00 ?  14 GLU A N    2 
ATOM   461  C CA   . GLU A 1 14 ? 1.076   2.578   4.213   1.00 0.00 ?  14 GLU A CA   2 
ATOM   462  C C    . GLU A 1 14 ? 0.910   4.026   3.749   1.00 0.00 ?  14 GLU A C    2 
ATOM   463  O O    . GLU A 1 14 ? 1.352   4.973   4.412   1.00 0.00 ?  14 GLU A O    2 
ATOM   464  C CB   . GLU A 1 14 ? 0.419   2.393   5.573   1.00 0.00 ?  14 GLU A CB   2 
ATOM   465  C CG   . GLU A 1 14 ? -1.085  2.574   5.544   1.00 0.00 ?  14 GLU A CG   2 
ATOM   466  C CD   . GLU A 1 14 ? -1.695  2.573   6.919   1.00 0.00 ?  14 GLU A CD   2 
ATOM   467  O OE1  . GLU A 1 14 ? -2.219  3.629   7.340   1.00 0.00 ?  14 GLU A OE1  2 
ATOM   468  O OE2  . GLU A 1 14 ? -1.646  1.528   7.591   1.00 0.00 -1 14 GLU A OE2  2 
ATOM   469  H H    . GLU A 1 14 ? 2.844   1.838   5.103   1.00 0.00 ?  14 GLU A H    2 
ATOM   470  H HA   . GLU A 1 14 ? 0.574   1.937   3.505   1.00 0.00 ?  14 GLU A HA   2 
ATOM   471  H HB2  . GLU A 1 14 ? 0.633   1.397   5.932   1.00 0.00 ?  14 GLU A HB2  2 
ATOM   472  H HB3  . GLU A 1 14 ? 0.833   3.113   6.262   1.00 0.00 ?  14 GLU A HB3  2 
ATOM   473  H HG2  . GLU A 1 14 ? -1.312  3.516   5.068   1.00 0.00 ?  14 GLU A HG2  2 
ATOM   474  H HG3  . GLU A 1 14 ? -1.521  1.770   4.971   1.00 0.00 ?  14 GLU A HG3  2 
ATOM   475  N N    . ILE A 1 15 ? 0.311   4.169   2.593   1.00 0.00 ?  15 ILE A N    2 
ATOM   476  C CA   . ILE A 1 15 ? -0.035  5.455   2.038   1.00 0.00 ?  15 ILE A CA   2 
ATOM   477  C C    . ILE A 1 15 ? -1.528  5.462   1.724   1.00 0.00 ?  15 ILE A C    2 
ATOM   478  O O    . ILE A 1 15 ? -2.050  4.456   1.240   1.00 0.00 ?  15 ILE A O    2 
ATOM   479  C CB   . ILE A 1 15 ? 0.788   5.760   0.746   1.00 0.00 ?  15 ILE A CB   2 
ATOM   480  C CG1  . ILE A 1 15 ? 0.324   7.071   0.094   1.00 0.00 ?  15 ILE A CG1  2 
ATOM   481  C CG2  . ILE A 1 15 ? 0.711   4.603   -0.241  1.00 0.00 ?  15 ILE A CG2  2 
ATOM   482  C CD1  . ILE A 1 15 ? 1.032   7.397   -1.202  1.00 0.00 ?  15 ILE A CD1  2 
ATOM   483  H H    . ILE A 1 15 ? 0.077   3.368   2.079   1.00 0.00 ?  15 ILE A H    2 
ATOM   484  H HA   . ILE A 1 15 ? 0.177   6.211   2.780   1.00 0.00 ?  15 ILE A HA   2 
ATOM   485  H HB   . ILE A 1 15 ? 1.822   5.869   1.037   1.00 0.00 ?  15 ILE A HB   2 
ATOM   486  H HG12 . ILE A 1 15 ? -0.733  7.006   -0.117  1.00 0.00 ?  15 ILE A HG12 2 
ATOM   487  H HG13 . ILE A 1 15 ? 0.497   7.886   0.782   1.00 0.00 ?  15 ILE A HG13 2 
ATOM   488  H HG21 . ILE A 1 15 ? 1.131   3.716   0.212   1.00 0.00 ?  15 ILE A HG21 2 
ATOM   489  H HG22 . ILE A 1 15 ? 1.269   4.851   -1.131  1.00 0.00 ?  15 ILE A HG22 2 
ATOM   490  H HG23 . ILE A 1 15 ? -0.321  4.421   -0.503  1.00 0.00 ?  15 ILE A HG23 2 
ATOM   491  H HD11 . ILE A 1 15 ? 0.684   8.350   -1.569  1.00 0.00 ?  15 ILE A HD11 2 
ATOM   492  H HD12 . ILE A 1 15 ? 0.820   6.630   -1.932  1.00 0.00 ?  15 ILE A HD12 2 
ATOM   493  H HD13 . ILE A 1 15 ? 2.097   7.444   -1.028  1.00 0.00 ?  15 ILE A HD13 2 
ATOM   494  N N    . PRO A 1 16 ? -2.252  6.557   2.037   1.00 0.00 ?  16 PRO A N    2 
ATOM   495  C CA   . PRO A 1 16 ? -3.673  6.664   1.711   1.00 0.00 ?  16 PRO A CA   2 
ATOM   496  C C    . PRO A 1 16 ? -3.921  6.316   0.253   1.00 0.00 ?  16 PRO A C    2 
ATOM   497  O O    . PRO A 1 16 ? -3.374  6.958   -0.651  1.00 0.00 ?  16 PRO A O    2 
ATOM   498  C CB   . PRO A 1 16 ? -3.981  8.134   1.966   1.00 0.00 ?  16 PRO A CB   2 
ATOM   499  C CG   . PRO A 1 16 ? -3.007  8.538   3.010   1.00 0.00 ?  16 PRO A CG   2 
ATOM   500  C CD   . PRO A 1 16 ? -1.755  7.749   2.744   1.00 0.00 ?  16 PRO A CD   2 
ATOM   501  H HA   . PRO A 1 16 ? -4.281  6.037   2.348   1.00 0.00 ?  16 PRO A HA   2 
ATOM   502  H HB2  . PRO A 1 16 ? -3.845  8.696   1.052   1.00 0.00 ?  16 PRO A HB2  2 
ATOM   503  H HB3  . PRO A 1 16 ? -4.997  8.241   2.313   1.00 0.00 ?  16 PRO A HB3  2 
ATOM   504  H HG2  . PRO A 1 16 ? -2.809  9.595   2.933   1.00 0.00 ?  16 PRO A HG2  2 
ATOM   505  H HG3  . PRO A 1 16 ? -3.401  8.295   3.984   1.00 0.00 ?  16 PRO A HG3  2 
ATOM   506  H HD2  . PRO A 1 16 ? -1.079  8.315   2.121   1.00 0.00 ?  16 PRO A HD2  2 
ATOM   507  H HD3  . PRO A 1 16 ? -1.277  7.476   3.673   1.00 0.00 ?  16 PRO A HD3  2 
ATOM   508  N N    . GLU A 1 17 ? -4.749  5.310   0.031   1.00 0.00 ?  17 GLU A N    2 
ATOM   509  C CA   . GLU A 1 17 ? -5.021  4.797   -1.306  1.00 0.00 ?  17 GLU A CA   2 
ATOM   510  C C    . GLU A 1 17 ? -5.682  5.837   -2.212  1.00 0.00 ?  17 GLU A C    2 
ATOM   511  O O    . GLU A 1 17 ? -5.855  5.608   -3.407  1.00 0.00 ?  17 GLU A O    2 
ATOM   512  C CB   . GLU A 1 17 ? -5.884  3.528   -1.241  1.00 0.00 ?  17 GLU A CB   2 
ATOM   513  C CG   . GLU A 1 17 ? -5.368  2.464   -0.277  1.00 0.00 ?  17 GLU A CG   2 
ATOM   514  C CD   . GLU A 1 17 ? -5.914  2.629   1.133   1.00 0.00 ?  17 GLU A CD   2 
ATOM   515  O OE1  . GLU A 1 17 ? -5.481  3.555   1.849   1.00 0.00 ?  17 GLU A OE1  2 
ATOM   516  O OE2  . GLU A 1 17 ? -6.781  1.826   1.528   1.00 0.00 -1 17 GLU A OE2  2 
ATOM   517  H H    . GLU A 1 17 ? -5.175  4.867   0.806   1.00 0.00 ?  17 GLU A H    2 
ATOM   518  H HA   . GLU A 1 17 ? -4.066  4.538   -1.731  1.00 0.00 ?  17 GLU A HA   2 
ATOM   519  H HB2  . GLU A 1 17 ? -6.882  3.805   -0.932  1.00 0.00 ?  17 GLU A HB2  2 
ATOM   520  H HB3  . GLU A 1 17 ? -5.934  3.094   -2.228  1.00 0.00 ?  17 GLU A HB3  2 
ATOM   521  H HG2  . GLU A 1 17 ? -5.658  1.492   -0.645  1.00 0.00 ?  17 GLU A HG2  2 
ATOM   522  H HG3  . GLU A 1 17 ? -4.290  2.526   -0.239  1.00 0.00 ?  17 GLU A HG3  2 
ATOM   523  N N    . GLU A 1 18 ? -6.055  6.964   -1.644  1.00 0.00 ?  18 GLU A N    2 
ATOM   524  C CA   . GLU A 1 18 ? -6.661  8.040   -2.406  1.00 0.00 ?  18 GLU A CA   2 
ATOM   525  C C    . GLU A 1 18 ? -5.588  8.856   -3.124  1.00 0.00 ?  18 GLU A C    2 
ATOM   526  O O    . GLU A 1 18 ? -5.879  9.589   -4.070  1.00 0.00 ?  18 GLU A O    2 
ATOM   527  C CB   . GLU A 1 18 ? -7.484  8.936   -1.490  1.00 0.00 ?  18 GLU A CB   2 
ATOM   528  C CG   . GLU A 1 18 ? -8.616  8.206   -0.793  1.00 0.00 ?  18 GLU A CG   2 
ATOM   529  C CD   . GLU A 1 18 ? -9.371  9.088   0.166   1.00 0.00 ?  18 GLU A CD   2 
ATOM   530  O OE1  . GLU A 1 18 ? -8.948  9.192   1.334   1.00 0.00 ?  18 GLU A OE1  2 
ATOM   531  O OE2  . GLU A 1 18 ? -10.389 9.675   -0.239  1.00 0.00 -1 18 GLU A OE2  2 
ATOM   532  H H    . GLU A 1 18 ? -5.919  7.074   -0.680  1.00 0.00 ?  18 GLU A H    2 
ATOM   533  H HA   . GLU A 1 18 ? -7.312  7.599   -3.144  1.00 0.00 ?  18 GLU A HA   2 
ATOM   534  H HB2  . GLU A 1 18 ? -6.834  9.356   -0.735  1.00 0.00 ?  18 GLU A HB2  2 
ATOM   535  H HB3  . GLU A 1 18 ? -7.908  9.739   -2.076  1.00 0.00 ?  18 GLU A HB3  2 
ATOM   536  H HG2  . GLU A 1 18 ? -9.306  7.844   -1.540  1.00 0.00 ?  18 GLU A HG2  2 
ATOM   537  H HG3  . GLU A 1 18 ? -8.206  7.369   -0.247  1.00 0.00 ?  18 GLU A HG3  2 
ATOM   538  N N    . TYR A 1 19 ? -4.354  8.729   -2.668  1.00 0.00 ?  19 TYR A N    2 
ATOM   539  C CA   . TYR A 1 19 ? -3.242  9.446   -3.270  1.00 0.00 ?  19 TYR A CA   2 
ATOM   540  C C    . TYR A 1 19 ? -2.461  8.551   -4.213  1.00 0.00 ?  19 TYR A C    2 
ATOM   541  O O    . TYR A 1 19 ? -2.484  7.322   -4.073  1.00 0.00 ?  19 TYR A O    2 
ATOM   542  C CB   . TYR A 1 19 ? -2.304  10.005  -2.201  1.00 0.00 ?  19 TYR A CB   2 
ATOM   543  C CG   . TYR A 1 19 ? -2.918  11.080  -1.340  1.00 0.00 ?  19 TYR A CG   2 
ATOM   544  C CD1  . TYR A 1 19 ? -2.865  10.997  0.041   1.00 0.00 ?  19 TYR A CD1  2 
ATOM   545  C CD2  . TYR A 1 19 ? -3.548  12.176  -1.909  1.00 0.00 ?  19 TYR A CD2  2 
ATOM   546  C CE1  . TYR A 1 19 ? -3.423  11.979  0.832   1.00 0.00 ?  19 TYR A CE1  2 
ATOM   547  C CE2  . TYR A 1 19 ? -4.109  13.161  -1.127  1.00 0.00 ?  19 TYR A CE2  2 
ATOM   548  C CZ   . TYR A 1 19 ? -4.044  13.060  0.244   1.00 0.00 ?  19 TYR A CZ   2 
ATOM   549  O OH   . TYR A 1 19 ? -4.600  14.042  1.028   1.00 0.00 ?  19 TYR A OH   2 
ATOM   550  H H    . TYR A 1 19 ? -4.176  8.121   -1.916  1.00 0.00 ?  19 TYR A H    2 
ATOM   551  H HA   . TYR A 1 19 ? -3.653  10.269  -3.836  1.00 0.00 ?  19 TYR A HA   2 
ATOM   552  H HB2  . TYR A 1 19 ? -1.993  9.202   -1.552  1.00 0.00 ?  19 TYR A HB2  2 
ATOM   553  H HB3  . TYR A 1 19 ? -1.433  10.423  -2.685  1.00 0.00 ?  19 TYR A HB3  2 
ATOM   554  H HD1  . TYR A 1 19 ? -2.377  10.150  0.500   1.00 0.00 ?  19 TYR A HD1  2 
ATOM   555  H HD2  . TYR A 1 19 ? -3.597  12.254  -2.985  1.00 0.00 ?  19 TYR A HD2  2 
ATOM   556  H HE1  . TYR A 1 19 ? -3.369  11.895  1.907   1.00 0.00 ?  19 TYR A HE1  2 
ATOM   557  H HE2  . TYR A 1 19 ? -4.596  14.007  -1.589  1.00 0.00 ?  19 TYR A HE2  2 
ATOM   558  H HH   . TYR A 1 19 ? -3.986  14.255  1.743   1.00 0.00 ?  19 TYR A HH   2 
ATOM   559  N N    . LEU A 1 20 ? -1.782  9.178   -5.173  1.00 0.00 ?  20 LEU A N    2 
ATOM   560  C CA   . LEU A 1 20 ? -0.925  8.484   -6.144  1.00 0.00 ?  20 LEU A CA   2 
ATOM   561  C C    . LEU A 1 20 ? -1.654  7.322   -6.812  1.00 0.00 ?  20 LEU A C    2 
ATOM   562  O O    . LEU A 1 20 ? -1.314  6.154   -6.528  1.00 0.00 ?  20 LEU A O    2 
ATOM   563  C CB   . LEU A 1 20 ? 0.384   7.995   -5.482  1.00 0.00 ?  20 LEU A CB   2 
ATOM   564  C CG   . LEU A 1 20 ? 1.448   9.071   -5.160  1.00 0.00 ?  20 LEU A CG   2 
ATOM   565  C CD1  . LEU A 1 20 ? 1.847   9.828   -6.414  1.00 0.00 ?  20 LEU A CD1  2 
ATOM   566  C CD2  . LEU A 1 20 ? 0.962   10.033  -4.085  1.00 0.00 ?  20 LEU A CD2  2 
ATOM   567  O OXT  . LEU A 1 20 ? -2.584  7.580   -7.604  1.00 0.00 ?  20 LEU A OXT  2 
ATOM   568  H H    . LEU A 1 20 ? -1.867  10.153  -5.240  1.00 0.00 ?  20 LEU A H    2 
ATOM   569  H HA   . LEU A 1 20 ? -0.672  9.200   -6.910  1.00 0.00 ?  20 LEU A HA   2 
ATOM   570  H HB2  . LEU A 1 20 ? 0.125   7.502   -4.556  1.00 0.00 ?  20 LEU A HB2  2 
ATOM   571  H HB3  . LEU A 1 20 ? 0.836   7.265   -6.137  1.00 0.00 ?  20 LEU A HB3  2 
ATOM   572  H HG   . LEU A 1 20 ? 2.334   8.573   -4.790  1.00 0.00 ?  20 LEU A HG   2 
ATOM   573  H HD11 . LEU A 1 20 ? 2.225   9.134   -7.149  1.00 0.00 ?  20 LEU A HD11 2 
ATOM   574  H HD12 . LEU A 1 20 ? 2.615   10.545  -6.168  1.00 0.00 ?  20 LEU A HD12 2 
ATOM   575  H HD13 . LEU A 1 20 ? 0.988   10.345  -6.814  1.00 0.00 ?  20 LEU A HD13 2 
ATOM   576  H HD21 . LEU A 1 20 ? 0.735   9.486   -3.183  1.00 0.00 ?  20 LEU A HD21 2 
ATOM   577  H HD22 . LEU A 1 20 ? 0.072   10.540  -4.428  1.00 0.00 ?  20 LEU A HD22 2 
ATOM   578  H HD23 . LEU A 1 20 ? 1.733   10.762  -3.877  1.00 0.00 ?  20 LEU A HD23 2 
HETATM 579  N N    . DPN A 1 1  ? -2.589  -1.298  8.604   1.00 0.00 ?  1  DPN A N    3 
HETATM 580  C CA   . DPN A 1 1  ? -2.212  -2.719  8.720   1.00 0.00 ?  1  DPN A CA   3 
HETATM 581  C C    . DPN A 1 1  ? -1.962  -3.303  7.353   1.00 0.00 ?  1  DPN A C    3 
HETATM 582  O O    . DPN A 1 1  ? -0.850  -3.202  6.826   1.00 0.00 ?  1  DPN A O    3 
HETATM 583  C CB   . DPN A 1 1  ? -0.966  -2.875  9.588   1.00 0.00 ?  1  DPN A CB   3 
HETATM 584  C CG   . DPN A 1 1  ? -1.163  -2.385  10.990  1.00 0.00 ?  1  DPN A CG   3 
HETATM 585  C CD1  . DPN A 1 1  ? -2.166  -2.920  11.780  1.00 0.00 ?  1  DPN A CD1  3 
HETATM 586  C CD2  . DPN A 1 1  ? -0.353  -1.396  11.519  1.00 0.00 ?  1  DPN A CD2  3 
HETATM 587  C CE1  . DPN A 1 1  ? -2.362  -2.478  13.067  1.00 0.00 ?  1  DPN A CE1  3 
HETATM 588  C CE2  . DPN A 1 1  ? -0.541  -0.947  12.812  1.00 0.00 ?  1  DPN A CE2  3 
HETATM 589  C CZ   . DPN A 1 1  ? -1.550  -1.490  13.588  1.00 0.00 ?  1  DPN A CZ   3 
HETATM 590  H H1   . DPN A 1 1  ? -2.728  -0.874  9.540   1.00 0.00 ?  1  DPN A H1   3 
HETATM 591  H H2   . DPN A 1 1  ? -3.482  -1.215  8.075   1.00 0.00 ?  1  DPN A H2   3 
HETATM 592  H H3   . DPN A 1 1  ? -1.850  -0.764  8.090   1.00 0.00 ?  1  DPN A H3   3 
HETATM 593  H HA   . DPN A 1 1  ? -3.032  -3.251  9.179   1.00 0.00 ?  1  DPN A HA   3 
HETATM 594  H HB2  . DPN A 1 1  ? -0.154  -2.316  9.138   1.00 0.00 ?  1  DPN A HB2  3 
HETATM 595  H HB3  . DPN A 1 1  ? -0.697  -3.920  9.633   1.00 0.00 ?  1  DPN A HB3  3 
HETATM 596  H HD1  . DPN A 1 1  ? -2.802  -3.693  11.375  1.00 0.00 ?  1  DPN A HD1  3 
HETATM 597  H HD2  . DPN A 1 1  ? 0.433   -0.972  10.912  1.00 0.00 ?  1  DPN A HD2  3 
HETATM 598  H HE1  . DPN A 1 1  ? -3.151  -2.907  13.664  1.00 0.00 ?  1  DPN A HE1  3 
HETATM 599  H HE2  . DPN A 1 1  ? 0.095   -0.174  13.213  1.00 0.00 ?  1  DPN A HE2  3 
HETATM 600  H HZ   . DPN A 1 1  ? -1.700  -1.142  14.599  1.00 0.00 ?  1  DPN A HZ   3 
ATOM   601  N N    . PRO A 1 2  ? -2.990  -3.940  6.751   1.00 0.00 ?  2  PRO A N    3 
ATOM   602  C CA   . PRO A 1 2  ? -2.896  -4.452  5.392   1.00 0.00 ?  2  PRO A CA   3 
ATOM   603  C C    . PRO A 1 2  ? -2.353  -3.370  4.477   1.00 0.00 ?  2  PRO A C    3 
ATOM   604  O O    . PRO A 1 2  ? -2.905  -2.264  4.414   1.00 0.00 ?  2  PRO A O    3 
ATOM   605  C CB   . PRO A 1 2  ? -4.346  -4.769  5.031   1.00 0.00 ?  2  PRO A CB   3 
ATOM   606  C CG   . PRO A 1 2  ? -5.009  -5.057  6.332   1.00 0.00 ?  2  PRO A CG   3 
ATOM   607  C CD   . PRO A 1 2  ? -4.301  -4.222  7.366   1.00 0.00 ?  2  PRO A CD   3 
ATOM   608  H HA   . PRO A 1 2  ? -2.283  -5.339  5.328   1.00 0.00 ?  2  PRO A HA   3 
ATOM   609  H HB2  . PRO A 1 2  ? -4.789  -3.916  4.540   1.00 0.00 ?  2  PRO A HB2  3 
ATOM   610  H HB3  . PRO A 1 2  ? -4.378  -5.626  4.374   1.00 0.00 ?  2  PRO A HB3  3 
ATOM   611  H HG2  . PRO A 1 2  ? -6.052  -4.783  6.282   1.00 0.00 ?  2  PRO A HG2  3 
ATOM   612  H HG3  . PRO A 1 2  ? -4.910  -6.106  6.571   1.00 0.00 ?  2  PRO A HG3  3 
ATOM   613  H HD2  . PRO A 1 2  ? -4.840  -3.306  7.562   1.00 0.00 ?  2  PRO A HD2  3 
ATOM   614  H HD3  . PRO A 1 2  ? -4.180  -4.786  8.279   1.00 0.00 ?  2  PRO A HD3  3 
ATOM   615  N N    . ARG A 1 3  ? -1.282  -3.671  3.784   1.00 0.00 ?  3  ARG A N    3 
ATOM   616  C CA   . ARG A 1 3  ? -0.630  -2.683  2.968   1.00 0.00 ?  3  ARG A CA   3 
ATOM   617  C C    . ARG A 1 3  ? -1.464  -2.327  1.748   1.00 0.00 ?  3  ARG A C    3 
ATOM   618  O O    . ARG A 1 3  ? -1.956  -3.210  1.033   1.00 0.00 ?  3  ARG A O    3 
ATOM   619  C CB   . ARG A 1 3  ? 0.781   -3.122  2.570   1.00 0.00 ?  3  ARG A CB   3 
ATOM   620  C CG   . ARG A 1 3  ? 1.836   -2.957  3.674   1.00 0.00 ?  3  ARG A CG   3 
ATOM   621  C CD   . ARG A 1 3  ? 1.689   -3.977  4.790   1.00 0.00 ?  3  ARG A CD   3 
ATOM   622  N NE   . ARG A 1 3  ? 2.858   -3.976  5.676   1.00 0.00 ?  3  ARG A NE   3 
ATOM   623  C CZ   . ARG A 1 3  ? 2.838   -4.320  6.966   1.00 0.00 ?  3  ARG A CZ   3 
ATOM   624  N NH1  . ARG A 1 3  ? 1.693   -4.623  7.568   1.00 0.00 1  3  ARG A NH1  3 
ATOM   625  N NH2  . ARG A 1 3  ? 3.974   -4.347  7.653   1.00 0.00 ?  3  ARG A NH2  3 
ATOM   626  H H    . ARG A 1 3  ? -0.934  -4.586  3.806   1.00 0.00 ?  3  ARG A H    3 
ATOM   627  H HA   . ARG A 1 3  ? -0.547  -1.797  3.580   1.00 0.00 ?  3  ARG A HA   3 
ATOM   628  H HB2  . ARG A 1 3  ? 0.753   -4.163  2.285   1.00 0.00 ?  3  ARG A HB2  3 
ATOM   629  H HB3  . ARG A 1 3  ? 1.094   -2.535  1.717   1.00 0.00 ?  3  ARG A HB3  3 
ATOM   630  H HG2  . ARG A 1 3  ? 2.820   -3.060  3.245   1.00 0.00 ?  3  ARG A HG2  3 
ATOM   631  H HG3  . ARG A 1 3  ? 1.736   -1.969  4.101   1.00 0.00 ?  3  ARG A HG3  3 
ATOM   632  H HD2  . ARG A 1 3  ? 0.807   -3.741  5.365   1.00 0.00 ?  3  ARG A HD2  3 
ATOM   633  H HD3  . ARG A 1 3  ? 1.583   -4.959  4.355   1.00 0.00 ?  3  ARG A HD3  3 
ATOM   634  H HE   . ARG A 1 3  ? 3.718   -3.722  5.269   1.00 0.00 ?  3  ARG A HE   3 
ATOM   635  H HH11 . ARG A 1 3  ? 0.826   -4.598  7.063   1.00 0.00 ?  3  ARG A HH11 3 
ATOM   636  H HH12 . ARG A 1 3  ? 1.681   -4.889  8.535   1.00 0.00 ?  3  ARG A HH12 3 
ATOM   637  H HH21 . ARG A 1 3  ? 4.844   -4.108  7.195   1.00 0.00 ?  3  ARG A HH21 3 
ATOM   638  H HH22 . ARG A 1 3  ? 3.986   -4.601  8.623   1.00 0.00 ?  3  ARG A HH22 3 
ATOM   639  N N    . PRO A 1 4  ? -1.657  -1.021  1.523   1.00 0.00 ?  4  PRO A N    3 
ATOM   640  C CA   . PRO A 1 4  ? -2.435  -0.493  0.395   1.00 0.00 ?  4  PRO A CA   3 
ATOM   641  C C    . PRO A 1 4  ? -1.827  -0.862  -0.953  1.00 0.00 ?  4  PRO A C    3 
ATOM   642  O O    . PRO A 1 4  ? -0.628  -1.146  -1.053  1.00 0.00 ?  4  PRO A O    3 
ATOM   643  C CB   . PRO A 1 4  ? -2.387  1.020   0.603   1.00 0.00 ?  4  PRO A CB   3 
ATOM   644  C CG   . PRO A 1 4  ? -1.203  1.240   1.470   1.00 0.00 ?  4  PRO A CG   3 
ATOM   645  C CD   . PRO A 1 4  ? -1.133  0.058   2.367   1.00 0.00 ?  4  PRO A CD   3 
ATOM   646  H HA   . PRO A 1 4  ? -3.458  -0.834  0.429   1.00 0.00 ?  4  PRO A HA   3 
ATOM   647  H HB2  . PRO A 1 4  ? -2.279  1.514   -0.352  1.00 0.00 ?  4  PRO A HB2  3 
ATOM   648  H HB3  . PRO A 1 4  ? -3.294  1.350   1.085   1.00 0.00 ?  4  PRO A HB3  3 
ATOM   649  H HG2  . PRO A 1 4  ? -0.311  1.300   0.864   1.00 0.00 ?  4  PRO A HG2  3 
ATOM   650  H HG3  . PRO A 1 4  ? -1.331  2.141   2.047   1.00 0.00 ?  4  PRO A HG3  3 
ATOM   651  H HD2  . PRO A 1 4  ? -0.108  -0.134  2.653   1.00 0.00 ?  4  PRO A HD2  3 
ATOM   652  H HD3  . PRO A 1 4  ? -1.751  0.202   3.240   1.00 0.00 ?  4  PRO A HD3  3 
ATOM   653  N N    . GLY A 1 5  ? -2.662  -0.868  -1.980  1.00 0.00 ?  5  GLY A N    3 
ATOM   654  C CA   . GLY A 1 5  ? -2.212  -1.238  -3.307  1.00 0.00 ?  5  GLY A CA   3 
ATOM   655  C C    . GLY A 1 5  ? -1.878  -2.708  -3.393  1.00 0.00 ?  5  GLY A C    3 
ATOM   656  O O    . GLY A 1 5  ? -1.194  -3.147  -4.314  1.00 0.00 ?  5  GLY A O    3 
ATOM   657  H H    . GLY A 1 5  ? -3.602  -0.602  -1.833  1.00 0.00 ?  5  GLY A H    3 
ATOM   658  H HA2  . GLY A 1 5  ? -2.992  -1.011  -4.017  1.00 0.00 ?  5  GLY A HA2  3 
ATOM   659  H HA3  . GLY A 1 5  ? -1.331  -0.663  -3.553  1.00 0.00 ?  5  GLY A HA3  3 
ATOM   660  N N    . GLY A 1 6  ? -2.356  -3.468  -2.421  1.00 0.00 ?  6  GLY A N    3 
ATOM   661  C CA   . GLY A 1 6  ? -2.087  -4.885  -2.381  1.00 0.00 ?  6  GLY A CA   3 
ATOM   662  C C    . GLY A 1 6  ? -0.807  -5.209  -1.643  1.00 0.00 ?  6  GLY A C    3 
ATOM   663  O O    . GLY A 1 6  ? -0.560  -6.365  -1.291  1.00 0.00 ?  6  GLY A O    3 
ATOM   664  H H    . GLY A 1 6  ? -2.905  -3.053  -1.721  1.00 0.00 ?  6  GLY A H    3 
ATOM   665  H HA2  . GLY A 1 6  ? -2.906  -5.379  -1.881  1.00 0.00 ?  6  GLY A HA2  3 
ATOM   666  H HA3  . GLY A 1 6  ? -2.010  -5.256  -3.393  1.00 0.00 ?  6  GLY A HA3  3 
ATOM   667  N N    . GLY A 1 7  ? 0.006   -4.195  -1.400  1.00 0.00 ?  7  GLY A N    3 
ATOM   668  C CA   . GLY A 1 7  ? 1.252   -4.394  -0.700  1.00 0.00 ?  7  GLY A CA   3 
ATOM   669  C C    . GLY A 1 7  ? 2.356   -4.881  -1.608  1.00 0.00 ?  7  GLY A C    3 
ATOM   670  O O    . GLY A 1 7  ? 2.441   -4.470  -2.768  1.00 0.00 ?  7  GLY A O    3 
ATOM   671  H H    . GLY A 1 7  ? -0.240  -3.296  -1.713  1.00 0.00 ?  7  GLY A H    3 
ATOM   672  H HA2  . GLY A 1 7  ? 1.553   -3.459  -0.253  1.00 0.00 ?  7  GLY A HA2  3 
ATOM   673  H HA3  . GLY A 1 7  ? 1.097   -5.121  0.083   1.00 0.00 ?  7  GLY A HA3  3 
ATOM   674  N N    . GLY A 1 8  ? 3.195   -5.757  -1.088  1.00 0.00 ?  8  GLY A N    3 
ATOM   675  C CA   . GLY A 1 8  ? 4.298   -6.277  -1.861  1.00 0.00 ?  8  GLY A CA   3 
ATOM   676  C C    . GLY A 1 8  ? 5.563   -5.491  -1.622  1.00 0.00 ?  8  GLY A C    3 
ATOM   677  O O    . GLY A 1 8  ? 5.623   -4.684  -0.689  1.00 0.00 ?  8  GLY A O    3 
ATOM   678  H H    . GLY A 1 8  ? 3.073   -6.050  -0.163  1.00 0.00 ?  8  GLY A H    3 
ATOM   679  H HA2  . GLY A 1 8  ? 4.468   -7.308  -1.583  1.00 0.00 ?  8  GLY A HA2  3 
ATOM   680  H HA3  . GLY A 1 8  ? 4.049   -6.229  -2.910  1.00 0.00 ?  8  GLY A HA3  3 
ATOM   681  N N    . ASN A 1 9  ? 6.582   -5.733  -2.453  1.00 0.00 ?  9  ASN A N    3 
ATOM   682  C CA   . ASN A 1 9  ? 7.870   -5.023  -2.357  1.00 0.00 ?  9  ASN A CA   3 
ATOM   683  C C    . ASN A 1 9  ? 8.524   -5.269  -0.999  1.00 0.00 ?  9  ASN A C    3 
ATOM   684  O O    . ASN A 1 9  ? 9.265   -4.421  -0.485  1.00 0.00 ?  9  ASN A O    3 
ATOM   685  C CB   . ASN A 1 9  ? 7.680   -3.505  -2.585  1.00 0.00 ?  9  ASN A CB   3 
ATOM   686  C CG   . ASN A 1 9  ? 7.190   -3.159  -3.986  1.00 0.00 ?  9  ASN A CG   3 
ATOM   687  O OD1  . ASN A 1 9  ? 6.517   -3.952  -4.639  1.00 0.00 ?  9  ASN A OD1  3 
ATOM   688  N ND2  . ASN A 1 9  ? 7.519   -1.967  -4.451  1.00 0.00 ?  9  ASN A ND2  3 
ATOM   689  H H    . ASN A 1 9  ? 6.464   -6.409  -3.156  1.00 0.00 ?  9  ASN A H    3 
ATOM   690  H HA   . ASN A 1 9  ? 8.519   -5.413  -3.128  1.00 0.00 ?  9  ASN A HA   3 
ATOM   691  H HB2  . ASN A 1 9  ? 6.955   -3.136  -1.875  1.00 0.00 ?  9  ASN A HB2  3 
ATOM   692  H HB3  . ASN A 1 9  ? 8.622   -3.005  -2.416  1.00 0.00 ?  9  ASN A HB3  3 
ATOM   693  H HD21 . ASN A 1 9  ? 8.052   -1.370  -3.885  1.00 0.00 ?  9  ASN A HD21 3 
ATOM   694  H HD22 . ASN A 1 9  ? 7.210   -1.723  -5.351  1.00 0.00 ?  9  ASN A HD22 3 
ATOM   695  N N    . GLY A 1 10 ? 8.261   -6.441  -0.432  1.00 0.00 ?  10 GLY A N    3 
ATOM   696  C CA   . GLY A 1 10 ? 8.777   -6.769  0.881   1.00 0.00 ?  10 GLY A CA   3 
ATOM   697  C C    . GLY A 1 10 ? 7.891   -6.201  1.961   1.00 0.00 ?  10 GLY A C    3 
ATOM   698  O O    . GLY A 1 10 ? 7.124   -6.921  2.600   1.00 0.00 ?  10 GLY A O    3 
ATOM   699  H H    . GLY A 1 10 ? 7.702   -7.089  -0.912  1.00 0.00 ?  10 GLY A H    3 
ATOM   700  H HA2  . GLY A 1 10 ? 8.820   -7.844  0.987   1.00 0.00 ?  10 GLY A HA2  3 
ATOM   701  H HA3  . GLY A 1 10 ? 9.768   -6.358  0.987   1.00 0.00 ?  10 GLY A HA3  3 
ATOM   702  N N    . ASP A 1 11 ? 7.990   -4.904  2.151   1.00 0.00 ?  11 ASP A N    3 
ATOM   703  C CA   . ASP A 1 11 ? 7.156   -4.196  3.097   1.00 0.00 ?  11 ASP A CA   3 
ATOM   704  C C    . ASP A 1 11 ? 6.756   -2.868  2.500   1.00 0.00 ?  11 ASP A C    3 
ATOM   705  O O    . ASP A 1 11 ? 7.534   -1.903  2.509   1.00 0.00 ?  11 ASP A O    3 
ATOM   706  C CB   . ASP A 1 11 ? 7.863   -3.991  4.441   1.00 0.00 ?  11 ASP A CB   3 
ATOM   707  C CG   . ASP A 1 11 ? 6.959   -3.329  5.467   1.00 0.00 ?  11 ASP A CG   3 
ATOM   708  O OD1  . ASP A 1 11 ? 7.221   -2.162  5.834   1.00 0.00 ?  11 ASP A OD1  3 
ATOM   709  O OD2  . ASP A 1 11 ? 5.980   -3.969  5.907   1.00 0.00 -1 11 ASP A OD2  3 
ATOM   710  H H    . ASP A 1 11 ? 8.645   -4.400  1.621   1.00 0.00 ?  11 ASP A H    3 
ATOM   711  H HA   . ASP A 1 11 ? 6.265   -4.785  3.250   1.00 0.00 ?  11 ASP A HA   3 
ATOM   712  H HB2  . ASP A 1 11 ? 8.173   -4.951  4.827   1.00 0.00 ?  11 ASP A HB2  3 
ATOM   713  H HB3  . ASP A 1 11 ? 8.731   -3.368  4.294   1.00 0.00 ?  11 ASP A HB3  3 
ATOM   714  N N    . PHE A 1 12 ? 5.571   -2.836  1.935   1.00 0.00 ?  12 PHE A N    3 
ATOM   715  C CA   . PHE A 1 12 ? 5.064   -1.656  1.266   1.00 0.00 ?  12 PHE A CA   3 
ATOM   716  C C    . PHE A 1 12 ? 4.728   -0.565  2.277   1.00 0.00 ?  12 PHE A C    3 
ATOM   717  O O    . PHE A 1 12 ? 4.003   -0.804  3.242   1.00 0.00 ?  12 PHE A O    3 
ATOM   718  C CB   . PHE A 1 12 ? 3.818   -2.024  0.452   1.00 0.00 ?  12 PHE A CB   3 
ATOM   719  C CG   . PHE A 1 12 ? 3.473   -1.051  -0.643  1.00 0.00 ?  12 PHE A CG   3 
ATOM   720  C CD1  . PHE A 1 12 ? 3.890   -1.286  -1.942  1.00 0.00 ?  12 PHE A CD1  3 
ATOM   721  C CD2  . PHE A 1 12 ? 2.727   0.087   -0.381  1.00 0.00 ?  12 PHE A CD2  3 
ATOM   722  C CE1  . PHE A 1 12 ? 3.573   -0.409  -2.958  1.00 0.00 ?  12 PHE A CE1  3 
ATOM   723  C CE2  . PHE A 1 12 ? 2.409   0.972   -1.393  1.00 0.00 ?  12 PHE A CE2  3 
ATOM   724  C CZ   . PHE A 1 12 ? 2.831   0.722   -2.682  1.00 0.00 ?  12 PHE A CZ   3 
ATOM   725  H H    . PHE A 1 12 ? 5.011   -3.643  1.966   1.00 0.00 ?  12 PHE A H    3 
ATOM   726  H HA   . PHE A 1 12 ? 5.824   -1.296  0.593   1.00 0.00 ?  12 PHE A HA   3 
ATOM   727  H HB2  . PHE A 1 12 ? 3.970   -2.990  -0.004  1.00 0.00 ?  12 PHE A HB2  3 
ATOM   728  H HB3  . PHE A 1 12 ? 2.974   -2.083  1.123   1.00 0.00 ?  12 PHE A HB3  3 
ATOM   729  H HD1  . PHE A 1 12 ? 4.471   -2.171  -2.161  1.00 0.00 ?  12 PHE A HD1  3 
ATOM   730  H HD2  . PHE A 1 12 ? 2.396   0.289   0.628   1.00 0.00 ?  12 PHE A HD2  3 
ATOM   731  H HE1  . PHE A 1 12 ? 3.904   -0.604  -3.966  1.00 0.00 ?  12 PHE A HE1  3 
ATOM   732  H HE2  . PHE A 1 12 ? 1.829   1.855   -1.177  1.00 0.00 ?  12 PHE A HE2  3 
ATOM   733  H HZ   . PHE A 1 12 ? 2.581   1.411   -3.476  1.00 0.00 ?  12 PHE A HZ   3 
ATOM   734  N N    . GLU A 1 13 ? 5.273   0.620   2.059   1.00 0.00 ?  13 GLU A N    3 
ATOM   735  C CA   . GLU A 1 13 ? 4.989   1.755   2.916   1.00 0.00 ?  13 GLU A CA   3 
ATOM   736  C C    . GLU A 1 13 ? 3.552   2.199   2.707   1.00 0.00 ?  13 GLU A C    3 
ATOM   737  O O    . GLU A 1 13 ? 3.164   2.542   1.587   1.00 0.00 ?  13 GLU A O    3 
ATOM   738  C CB   . GLU A 1 13 ? 5.954   2.902   2.624   1.00 0.00 ?  13 GLU A CB   3 
ATOM   739  C CG   . GLU A 1 13 ? 7.399   2.592   2.978   1.00 0.00 ?  13 GLU A CG   3 
ATOM   740  C CD   . GLU A 1 13 ? 8.343   3.721   2.625   1.00 0.00 ?  13 GLU A CD   3 
ATOM   741  O OE1  . GLU A 1 13 ? 8.230   4.809   3.230   1.00 0.00 ?  13 GLU A OE1  3 
ATOM   742  O OE2  . GLU A 1 13 ? 9.213   3.518   1.748   1.00 0.00 -1 13 GLU A OE2  3 
ATOM   743  H H    . GLU A 1 13 ? 5.876   0.735   1.295   1.00 0.00 ?  13 GLU A H    3 
ATOM   744  H HA   . GLU A 1 13 ? 5.112   1.436   3.942   1.00 0.00 ?  13 GLU A HA   3 
ATOM   745  H HB2  . GLU A 1 13 ? 5.908   3.133   1.571   1.00 0.00 ?  13 GLU A HB2  3 
ATOM   746  H HB3  . GLU A 1 13 ? 5.644   3.770   3.187   1.00 0.00 ?  13 GLU A HB3  3 
ATOM   747  H HG2  . GLU A 1 13 ? 7.465   2.413   4.041   1.00 0.00 ?  13 GLU A HG2  3 
ATOM   748  H HG3  . GLU A 1 13 ? 7.705   1.705   2.445   1.00 0.00 ?  13 GLU A HG3  3 
ATOM   749  N N    . GLU A 1 14 ? 2.768   2.175   3.774   1.00 0.00 ?  14 GLU A N    3 
ATOM   750  C CA   . GLU A 1 14 ? 1.351   2.505   3.701   1.00 0.00 ?  14 GLU A CA   3 
ATOM   751  C C    . GLU A 1 14 ? 1.113   3.890   3.103   1.00 0.00 ?  14 GLU A C    3 
ATOM   752  O O    . GLU A 1 14 ? 1.505   4.913   3.669   1.00 0.00 ?  14 GLU A O    3 
ATOM   753  C CB   . GLU A 1 14 ? 0.693   2.388   5.076   1.00 0.00 ?  14 GLU A CB   3 
ATOM   754  C CG   . GLU A 1 14 ? 0.786   0.995   5.693   1.00 0.00 ?  14 GLU A CG   3 
ATOM   755  C CD   . GLU A 1 14 ? 0.137   0.919   7.059   1.00 0.00 ?  14 GLU A CD   3 
ATOM   756  O OE1  . GLU A 1 14 ? 0.649   1.560   7.999   1.00 0.00 ?  14 GLU A OE1  3 
ATOM   757  O OE2  . GLU A 1 14 ? -0.894  0.225   7.199   1.00 0.00 -1 14 GLU A OE2  3 
ATOM   758  H H    . GLU A 1 14 ? 3.153   1.930   4.642   1.00 0.00 ?  14 GLU A H    3 
ATOM   759  H HA   . GLU A 1 14 ? 0.895   1.779   3.044   1.00 0.00 ?  14 GLU A HA   3 
ATOM   760  H HB2  . GLU A 1 14 ? 1.165   3.090   5.746   1.00 0.00 ?  14 GLU A HB2  3 
ATOM   761  H HB3  . GLU A 1 14 ? -0.353  2.646   4.982   1.00 0.00 ?  14 GLU A HB3  3 
ATOM   762  H HG2  . GLU A 1 14 ? 0.294   0.292   5.040   1.00 0.00 ?  14 GLU A HG2  3 
ATOM   763  H HG3  . GLU A 1 14 ? 1.828   0.727   5.788   1.00 0.00 ?  14 GLU A HG3  3 
ATOM   764  N N    . ILE A 1 15 ? 0.478   3.893   1.955   1.00 0.00 ?  15 ILE A N    3 
ATOM   765  C CA   . ILE A 1 15 ? 0.133   5.094   1.238   1.00 0.00 ?  15 ILE A CA   3 
ATOM   766  C C    . ILE A 1 15 ? -1.394  5.231   1.220   1.00 0.00 ?  15 ILE A C    3 
ATOM   767  O O    . ILE A 1 15 ? -2.100  4.232   1.080   1.00 0.00 ?  15 ILE A O    3 
ATOM   768  C CB   . ILE A 1 15 ? 0.678   5.023   -0.228  1.00 0.00 ?  15 ILE A CB   3 
ATOM   769  C CG1  . ILE A 1 15 ? 0.437   6.329   -0.986  1.00 0.00 ?  15 ILE A CG1  3 
ATOM   770  C CG2  . ILE A 1 15 ? 0.079   3.849   -0.986  1.00 0.00 ?  15 ILE A CG2  3 
ATOM   771  C CD1  . ILE A 1 15 ? 1.362   7.444   -0.569  1.00 0.00 ?  15 ILE A CD1  3 
ATOM   772  H H    . ILE A 1 15 ? 0.222   3.035   1.561   1.00 0.00 ?  15 ILE A H    3 
ATOM   773  H HA   . ILE A 1 15 ? 0.575   5.940   1.742   1.00 0.00 ?  15 ILE A HA   3 
ATOM   774  H HB   . ILE A 1 15 ? 1.742   4.853   -0.167  1.00 0.00 ?  15 ILE A HB   3 
ATOM   775  H HG12 . ILE A 1 15 ? 0.584   6.157   -2.042  1.00 0.00 ?  15 ILE A HG12 3 
ATOM   776  H HG13 . ILE A 1 15 ? -0.578  6.655   -0.817  1.00 0.00 ?  15 ILE A HG13 3 
ATOM   777  H HG21 . ILE A 1 15 ? -0.990  3.980   -1.066  1.00 0.00 ?  15 ILE A HG21 3 
ATOM   778  H HG22 . ILE A 1 15 ? 0.287   2.933   -0.453  1.00 0.00 ?  15 ILE A HG22 3 
ATOM   779  H HG23 . ILE A 1 15 ? 0.511   3.797   -1.975  1.00 0.00 ?  15 ILE A HG23 3 
ATOM   780  H HD11 . ILE A 1 15 ? 1.236   7.642   0.485   1.00 0.00 ?  15 ILE A HD11 3 
ATOM   781  H HD12 . ILE A 1 15 ? 1.134   8.334   -1.135  1.00 0.00 ?  15 ILE A HD12 3 
ATOM   782  H HD13 . ILE A 1 15 ? 2.381   7.146   -0.757  1.00 0.00 ?  15 ILE A HD13 3 
ATOM   783  N N    . PRO A 1 16 ? -1.931  6.438   1.440   1.00 0.00 ?  16 PRO A N    3 
ATOM   784  C CA   . PRO A 1 16 ? -3.374  6.664   1.383   1.00 0.00 ?  16 PRO A CA   3 
ATOM   785  C C    . PRO A 1 16 ? -3.950  6.216   0.046   1.00 0.00 ?  16 PRO A C    3 
ATOM   786  O O    . PRO A 1 16 ? -3.488  6.647   -1.016  1.00 0.00 ?  16 PRO A O    3 
ATOM   787  C CB   . PRO A 1 16 ? -3.508  8.179   1.530   1.00 0.00 ?  16 PRO A CB   3 
ATOM   788  C CG   . PRO A 1 16 ? -2.278  8.591   2.251   1.00 0.00 ?  16 PRO A CG   3 
ATOM   789  C CD   . PRO A 1 16 ? -1.194  7.662   1.791   1.00 0.00 ?  16 PRO A CD   3 
ATOM   790  H HA   . PRO A 1 16 ? -3.892  6.166   2.189   1.00 0.00 ?  16 PRO A HA   3 
ATOM   791  H HB2  . PRO A 1 16 ? -3.569  8.635   0.553   1.00 0.00 ?  16 PRO A HB2  3 
ATOM   792  H HB3  . PRO A 1 16 ? -4.393  8.412   2.100   1.00 0.00 ?  16 PRO A HB3  3 
ATOM   793  H HG2  . PRO A 1 16 ? -2.034  9.609   1.996   1.00 0.00 ?  16 PRO A HG2  3 
ATOM   794  H HG3  . PRO A 1 16 ? -2.433  8.490   3.313   1.00 0.00 ?  16 PRO A HG3  3 
ATOM   795  H HD2  . PRO A 1 16 ? -0.691  8.070   0.927   1.00 0.00 ?  16 PRO A HD2  3 
ATOM   796  H HD3  . PRO A 1 16 ? -0.494  7.476   2.591   1.00 0.00 ?  16 PRO A HD3  3 
ATOM   797  N N    . GLU A 1 17 ? -4.959  5.357   0.097   1.00 0.00 ?  17 GLU A N    3 
ATOM   798  C CA   . GLU A 1 17 ? -5.583  4.833   -1.110  1.00 0.00 ?  17 GLU A CA   3 
ATOM   799  C C    . GLU A 1 17 ? -6.276  5.934   -1.906  1.00 0.00 ?  17 GLU A C    3 
ATOM   800  O O    . GLU A 1 17 ? -6.646  5.737   -3.060  1.00 0.00 ?  17 GLU A O    3 
ATOM   801  C CB   . GLU A 1 17 ? -6.581  3.721   -0.767  1.00 0.00 ?  17 GLU A CB   3 
ATOM   802  C CG   . GLU A 1 17 ? -5.937  2.420   -0.304  1.00 0.00 ?  17 GLU A CG   3 
ATOM   803  C CD   . GLU A 1 17 ? -5.393  1.576   -1.452  1.00 0.00 ?  17 GLU A CD   3 
ATOM   804  O OE1  . GLU A 1 17 ? -5.097  0.376   -1.222  1.00 0.00 ?  17 GLU A OE1  3 
ATOM   805  O OE2  . GLU A 1 17 ? -5.276  2.094   -2.589  1.00 0.00 -1 17 GLU A OE2  3 
ATOM   806  H H    . GLU A 1 17 ? -5.293  5.062   0.974   1.00 0.00 ?  17 GLU A H    3 
ATOM   807  H HA   . GLU A 1 17 ? -4.792  4.417   -1.712  1.00 0.00 ?  17 GLU A HA   3 
ATOM   808  H HB2  . GLU A 1 17 ? -7.230  4.072   0.021   1.00 0.00 ?  17 GLU A HB2  3 
ATOM   809  H HB3  . GLU A 1 17 ? -7.178  3.512   -1.643  1.00 0.00 ?  17 GLU A HB3  3 
ATOM   810  H HG2  . GLU A 1 17 ? -5.122  2.657   0.361   1.00 0.00 ?  17 GLU A HG2  3 
ATOM   811  H HG3  . GLU A 1 17 ? -6.677  1.840   0.228   1.00 0.00 ?  17 GLU A HG3  3 
ATOM   812  N N    . GLU A 1 18 ? -6.428  7.099   -1.285  1.00 0.00 ?  18 GLU A N    3 
ATOM   813  C CA   . GLU A 1 18 ? -7.062  8.246   -1.922  1.00 0.00 ?  18 GLU A CA   3 
ATOM   814  C C    . GLU A 1 18 ? -6.167  8.830   -3.031  1.00 0.00 ?  18 GLU A C    3 
ATOM   815  O O    . GLU A 1 18 ? -6.592  9.706   -3.788  1.00 0.00 ?  18 GLU A O    3 
ATOM   816  C CB   . GLU A 1 18 ? -7.362  9.321   -0.871  1.00 0.00 ?  18 GLU A CB   3 
ATOM   817  C CG   . GLU A 1 18 ? -8.269  10.441  -1.360  1.00 0.00 ?  18 GLU A CG   3 
ATOM   818  C CD   . GLU A 1 18 ? -9.644  9.943   -1.737  1.00 0.00 ?  18 GLU A CD   3 
ATOM   819  O OE1  . GLU A 1 18 ? -10.437 9.649   -0.829  1.00 0.00 ?  18 GLU A OE1  3 
ATOM   820  O OE2  . GLU A 1 18 ? -9.940  9.841   -2.943  1.00 0.00 -1 18 GLU A OE2  3 
ATOM   821  H H    . GLU A 1 18 ? -6.109  7.183   -0.362  1.00 0.00 ?  18 GLU A H    3 
ATOM   822  H HA   . GLU A 1 18 ? -7.992  7.916   -2.360  1.00 0.00 ?  18 GLU A HA   3 
ATOM   823  H HB2  . GLU A 1 18 ? -7.838  8.852   -0.023  1.00 0.00 ?  18 GLU A HB2  3 
ATOM   824  H HB3  . GLU A 1 18 ? -6.428  9.758   -0.548  1.00 0.00 ?  18 GLU A HB3  3 
ATOM   825  H HG2  . GLU A 1 18 ? -8.371  11.174  -0.575  1.00 0.00 ?  18 GLU A HG2  3 
ATOM   826  H HG3  . GLU A 1 18 ? -7.816  10.903  -2.225  1.00 0.00 ?  18 GLU A HG3  3 
ATOM   827  N N    . TYR A 1 19 ? -4.930  8.345   -3.123  1.00 0.00 ?  19 TYR A N    3 
ATOM   828  C CA   . TYR A 1 19 ? -4.003  8.818   -4.143  1.00 0.00 ?  19 TYR A CA   3 
ATOM   829  C C    . TYR A 1 19 ? -4.522  8.545   -5.545  1.00 0.00 ?  19 TYR A C    3 
ATOM   830  O O    . TYR A 1 19 ? -4.580  7.401   -5.995  1.00 0.00 ?  19 TYR A O    3 
ATOM   831  C CB   . TYR A 1 19 ? -2.606  8.229   -3.951  1.00 0.00 ?  19 TYR A CB   3 
ATOM   832  C CG   . TYR A 1 19 ? -1.685  9.144   -3.183  1.00 0.00 ?  19 TYR A CG   3 
ATOM   833  C CD1  . TYR A 1 19 ? -1.847  9.341   -1.823  1.00 0.00 ?  19 TYR A CD1  3 
ATOM   834  C CD2  . TYR A 1 19 ? -0.659  9.826   -3.826  1.00 0.00 ?  19 TYR A CD2  3 
ATOM   835  C CE1  . TYR A 1 19 ? -1.016  10.188  -1.119  1.00 0.00 ?  19 TYR A CE1  3 
ATOM   836  C CE2  . TYR A 1 19 ? 0.180   10.675  -3.129  1.00 0.00 ?  19 TYR A CE2  3 
ATOM   837  C CZ   . TYR A 1 19 ? -0.004  10.851  -1.775  1.00 0.00 ?  19 TYR A CZ   3 
ATOM   838  O OH   . TYR A 1 19 ? 0.825   11.700  -1.074  1.00 0.00 ?  19 TYR A OH   3 
ATOM   839  H H    . TYR A 1 19 ? -4.636  7.651   -2.493  1.00 0.00 ?  19 TYR A H    3 
ATOM   840  H HA   . TYR A 1 19 ? -3.936  9.889   -4.024  1.00 0.00 ?  19 TYR A HA   3 
ATOM   841  H HB2  . TYR A 1 19 ? -2.684  7.300   -3.406  1.00 0.00 ?  19 TYR A HB2  3 
ATOM   842  H HB3  . TYR A 1 19 ? -2.164  8.043   -4.918  1.00 0.00 ?  19 TYR A HB3  3 
ATOM   843  H HD1  . TYR A 1 19 ? -2.638  8.816   -1.308  1.00 0.00 ?  19 TYR A HD1  3 
ATOM   844  H HD2  . TYR A 1 19 ? -0.520  9.686   -4.887  1.00 0.00 ?  19 TYR A HD2  3 
ATOM   845  H HE1  . TYR A 1 19 ? -1.165  10.327  -0.063  1.00 0.00 ?  19 TYR A HE1  3 
ATOM   846  H HE2  . TYR A 1 19 ? 0.973   11.195  -3.644  1.00 0.00 ?  19 TYR A HE2  3 
ATOM   847  H HH   . TYR A 1 19 ? 1.242   11.212  -0.353  1.00 0.00 ?  19 TYR A HH   3 
ATOM   848  N N    . LEU A 1 20 ? -4.913  9.616   -6.206  1.00 0.00 ?  20 LEU A N    3 
ATOM   849  C CA   . LEU A 1 20 ? -5.438  9.571   -7.554  1.00 0.00 ?  20 LEU A CA   3 
ATOM   850  C C    . LEU A 1 20 ? -4.385  9.080   -8.541  1.00 0.00 ?  20 LEU A C    3 
ATOM   851  O O    . LEU A 1 20 ? -3.283  9.674   -8.590  1.00 0.00 ?  20 LEU A O    3 
ATOM   852  C CB   . LEU A 1 20 ? -5.984  10.956  -7.979  1.00 0.00 ?  20 LEU A CB   3 
ATOM   853  C CG   . LEU A 1 20 ? -4.966  12.120  -8.076  1.00 0.00 ?  20 LEU A CG   3 
ATOM   854  C CD1  . LEU A 1 20 ? -5.604  13.316  -8.754  1.00 0.00 ?  20 LEU A CD1  3 
ATOM   855  C CD2  . LEU A 1 20 ? -4.435  12.526  -6.697  1.00 0.00 ?  20 LEU A CD2  3 
ATOM   856  O OXT  . LEU A 1 20 ? -4.660  8.110   -9.270  1.00 0.00 ?  20 LEU A OXT  3 
ATOM   857  H H    . LEU A 1 20 ? -4.844  10.483  -5.762  1.00 0.00 ?  20 LEU A H    3 
ATOM   858  H HA   . LEU A 1 20 ? -6.257  8.867   -7.555  1.00 0.00 ?  20 LEU A HA   3 
ATOM   859  H HB2  . LEU A 1 20 ? -6.451  10.846  -8.946  1.00 0.00 ?  20 LEU A HB2  3 
ATOM   860  H HB3  . LEU A 1 20 ? -6.748  11.241  -7.268  1.00 0.00 ?  20 LEU A HB3  3 
ATOM   861  H HG   . LEU A 1 20 ? -4.132  11.804  -8.684  1.00 0.00 ?  20 LEU A HG   3 
ATOM   862  H HD11 . LEU A 1 20 ? -4.884  14.118  -8.815  1.00 0.00 ?  20 LEU A HD11 3 
ATOM   863  H HD12 . LEU A 1 20 ? -6.458  13.642  -8.178  1.00 0.00 ?  20 LEU A HD12 3 
ATOM   864  H HD13 . LEU A 1 20 ? -5.922  13.040  -9.748  1.00 0.00 ?  20 LEU A HD13 3 
ATOM   865  H HD21 . LEU A 1 20 ? -3.817  13.406  -6.795  1.00 0.00 ?  20 LEU A HD21 3 
ATOM   866  H HD22 . LEU A 1 20 ? -3.837  11.722  -6.286  1.00 0.00 ?  20 LEU A HD22 3 
ATOM   867  H HD23 . LEU A 1 20 ? -5.259  12.735  -6.034  1.00 0.00 ?  20 LEU A HD23 3 
HETATM 868  N N    . DPN A 1 1  ? -2.279  -1.428  8.640   1.00 0.00 ?  1  DPN A N    4 
HETATM 869  C CA   . DPN A 1 1  ? -2.157  -2.894  8.679   1.00 0.00 ?  1  DPN A CA   4 
HETATM 870  C C    . DPN A 1 1  ? -1.816  -3.435  7.297   1.00 0.00 ?  1  DPN A C    4 
HETATM 871  O O    . DPN A 1 1  ? -0.652  -3.443  6.891   1.00 0.00 ?  1  DPN A O    4 
HETATM 872  C CB   . DPN A 1 1  ? -1.093  -3.309  9.695   1.00 0.00 ?  1  DPN A CB   4 
HETATM 873  C CG   . DPN A 1 1  ? -1.399  -2.853  11.092  1.00 0.00 ?  1  DPN A CG   4 
HETATM 874  C CD1  . DPN A 1 1  ? -2.191  -3.625  11.924  1.00 0.00 ?  1  DPN A CD1  4 
HETATM 875  C CD2  . DPN A 1 1  ? -0.906  -1.650  11.569  1.00 0.00 ?  1  DPN A CD2  4 
HETATM 876  C CE1  . DPN A 1 1  ? -2.485  -3.206  13.205  1.00 0.00 ?  1  DPN A CE1  4 
HETATM 877  C CE2  . DPN A 1 1  ? -1.193  -1.226  12.850  1.00 0.00 ?  1  DPN A CE2  4 
HETATM 878  C CZ   . DPN A 1 1  ? -1.986  -2.005  13.671  1.00 0.00 ?  1  DPN A CZ   4 
HETATM 879  H H1   . DPN A 1 1  ? -1.364  -1.005  8.355   1.00 0.00 ?  1  DPN A H1   4 
HETATM 880  H H2   . DPN A 1 1  ? -2.553  -1.054  9.568   1.00 0.00 ?  1  DPN A H2   4 
HETATM 881  H H3   . DPN A 1 1  ? -2.996  -1.145  7.947   1.00 0.00 ?  1  DPN A H3   4 
HETATM 882  H HA   . DPN A 1 1  ? -3.110  -3.302  8.982   1.00 0.00 ?  1  DPN A HA   4 
HETATM 883  H HB2  . DPN A 1 1  ? -0.144  -2.884  9.403   1.00 0.00 ?  1  DPN A HB2  4 
HETATM 884  H HB3  . DPN A 1 1  ? -1.013  -4.385  9.705   1.00 0.00 ?  1  DPN A HB3  4 
HETATM 885  H HD1  . DPN A 1 1  ? -2.581  -4.564  11.563  1.00 0.00 ?  1  DPN A HD1  4 
HETATM 886  H HD2  . DPN A 1 1  ? -0.286  -1.040  10.927  1.00 0.00 ?  1  DPN A HD2  4 
HETATM 887  H HE1  . DPN A 1 1  ? -3.105  -3.818  13.841  1.00 0.00 ?  1  DPN A HE1  4 
HETATM 888  H HE2  . DPN A 1 1  ? -0.802  -0.286  13.209  1.00 0.00 ?  1  DPN A HE2  4 
HETATM 889  H HZ   . DPN A 1 1  ? -2.214  -1.675  14.675  1.00 0.00 ?  1  DPN A HZ   4 
ATOM   890  N N    . PRO A 1 2  ? -2.837  -3.895  6.553   1.00 0.00 ?  2  PRO A N    4 
ATOM   891  C CA   . PRO A 1 2  ? -2.659  -4.394  5.187   1.00 0.00 ?  2  PRO A CA   4 
ATOM   892  C C    . PRO A 1 2  ? -2.122  -3.299  4.266   1.00 0.00 ?  2  PRO A C    4 
ATOM   893  O O    . PRO A 1 2  ? -2.708  -2.214  4.165   1.00 0.00 ?  2  PRO A O    4 
ATOM   894  C CB   . PRO A 1 2  ? -4.079  -4.803  4.762   1.00 0.00 ?  2  PRO A CB   4 
ATOM   895  C CG   . PRO A 1 2  ? -4.983  -4.069  5.694   1.00 0.00 ?  2  PRO A CG   4 
ATOM   896  C CD   . PRO A 1 2  ? -4.239  -3.975  6.990   1.00 0.00 ?  2  PRO A CD   4 
ATOM   897  H HA   . PRO A 1 2  ? -2.000  -5.250  5.156   1.00 0.00 ?  2  PRO A HA   4 
ATOM   898  H HB2  . PRO A 1 2  ? -4.248  -4.509  3.736   1.00 0.00 ?  2  PRO A HB2  4 
ATOM   899  H HB3  . PRO A 1 2  ? -4.195  -5.871  4.861   1.00 0.00 ?  2  PRO A HB3  4 
ATOM   900  H HG2  . PRO A 1 2  ? -5.189  -3.081  5.306   1.00 0.00 ?  2  PRO A HG2  4 
ATOM   901  H HG3  . PRO A 1 2  ? -5.901  -4.620  5.828   1.00 0.00 ?  2  PRO A HG3  4 
ATOM   902  H HD2  . PRO A 1 2  ? -4.529  -3.087  7.537   1.00 0.00 ?  2  PRO A HD2  4 
ATOM   903  H HD3  . PRO A 1 2  ? -4.405  -4.861  7.585   1.00 0.00 ?  2  PRO A HD3  4 
ATOM   904  N N    . ARG A 1 3  ? -1.018  -3.586  3.599   1.00 0.00 ?  3  ARG A N    4 
ATOM   905  C CA   . ARG A 1 3  ? -0.379  -2.618  2.723   1.00 0.00 ?  3  ARG A CA   4 
ATOM   906  C C    . ARG A 1 3  ? -1.201  -2.396  1.456   1.00 0.00 ?  3  ARG A C    4 
ATOM   907  O O    . ARG A 1 3  ? -1.821  -3.331  0.939   1.00 0.00 ?  3  ARG A O    4 
ATOM   908  C CB   . ARG A 1 3  ? 1.033   -3.078  2.366   1.00 0.00 ?  3  ARG A CB   4 
ATOM   909  C CG   . ARG A 1 3  ? 1.953   -3.216  3.565   1.00 0.00 ?  3  ARG A CG   4 
ATOM   910  C CD   . ARG A 1 3  ? 3.312   -3.758  3.159   1.00 0.00 ?  3  ARG A CD   4 
ATOM   911  N NE   . ARG A 1 3  ? 4.235   -3.830  4.289   1.00 0.00 ?  3  ARG A NE   4 
ATOM   912  C CZ   . ARG A 1 3  ? 5.512   -4.201  4.195   1.00 0.00 ?  3  ARG A CZ   4 
ATOM   913  N NH1  . ARG A 1 3  ? 6.023   -4.543  3.018   1.00 0.00 1  3  ARG A NH1  4 
ATOM   914  N NH2  . ARG A 1 3  ? 6.272   -4.230  5.278   1.00 0.00 ?  3  ARG A NH2  4 
ATOM   915  H H    . ARG A 1 3  ? -0.622  -4.478  3.692   1.00 0.00 ?  3  ARG A H    4 
ATOM   916  H HA   . ARG A 1 3  ? -0.313  -1.688  3.265   1.00 0.00 ?  3  ARG A HA   4 
ATOM   917  H HB2  . ARG A 1 3  ? 0.971   -4.037  1.875   1.00 0.00 ?  3  ARG A HB2  4 
ATOM   918  H HB3  . ARG A 1 3  ? 1.470   -2.362  1.685   1.00 0.00 ?  3  ARG A HB3  4 
ATOM   919  H HG2  . ARG A 1 3  ? 2.085   -2.247  4.022   1.00 0.00 ?  3  ARG A HG2  4 
ATOM   920  H HG3  . ARG A 1 3  ? 1.502   -3.894  4.276   1.00 0.00 ?  3  ARG A HG3  4 
ATOM   921  H HD2  . ARG A 1 3  ? 3.182   -4.749  2.750   1.00 0.00 ?  3  ARG A HD2  4 
ATOM   922  H HD3  . ARG A 1 3  ? 3.732   -3.110  2.404   1.00 0.00 ?  3  ARG A HD3  4 
ATOM   923  H HE   . ARG A 1 3  ? 3.874   -3.581  5.172   1.00 0.00 ?  3  ARG A HE   4 
ATOM   924  H HH11 . ARG A 1 3  ? 5.456   -4.526  2.193   1.00 0.00 ?  3  ARG A HH11 4 
ATOM   925  H HH12 . ARG A 1 3  ? 6.985   -4.827  2.939   1.00 0.00 ?  3  ARG A HH12 4 
ATOM   926  H HH21 . ARG A 1 3  ? 5.889   -3.973  6.169   1.00 0.00 ?  3  ARG A HH21 4 
ATOM   927  H HH22 . ARG A 1 3  ? 7.232   -4.511  5.221   1.00 0.00 ?  3  ARG A HH22 4 
ATOM   928  N N    . PRO A 1 4  ? -1.225  -1.150  0.952   1.00 0.00 ?  4  PRO A N    4 
ATOM   929  C CA   . PRO A 1 4  ? -1.973  -0.791  -0.263  1.00 0.00 ?  4  PRO A CA   4 
ATOM   930  C C    . PRO A 1 4  ? -1.537  -1.610  -1.474  1.00 0.00 ?  4  PRO A C    4 
ATOM   931  O O    . PRO A 1 4  ? -0.344  -1.845  -1.688  1.00 0.00 ?  4  PRO A O    4 
ATOM   932  C CB   . PRO A 1 4  ? -1.633  0.688   -0.472  1.00 0.00 ?  4  PRO A CB   4 
ATOM   933  C CG   . PRO A 1 4  ? -1.223  1.171   0.872   1.00 0.00 ?  4  PRO A CG   4 
ATOM   934  C CD   . PRO A 1 4  ? -0.537  0.016   1.529   1.00 0.00 ?  4  PRO A CD   4 
ATOM   935  H HA   . PRO A 1 4  ? -3.037  -0.905  -0.115  1.00 0.00 ?  4  PRO A HA   4 
ATOM   936  H HB2  . PRO A 1 4  ? -0.828  0.776   -1.187  1.00 0.00 ?  4  PRO A HB2  4 
ATOM   937  H HB3  . PRO A 1 4  ? -2.504  1.216   -0.831  1.00 0.00 ?  4  PRO A HB3  4 
ATOM   938  H HG2  . PRO A 1 4  ? -0.544  2.003   0.775   1.00 0.00 ?  4  PRO A HG2  4 
ATOM   939  H HG3  . PRO A 1 4  ? -2.093  1.457   1.442   1.00 0.00 ?  4  PRO A HG3  4 
ATOM   940  H HD2  . PRO A 1 4  ? 0.515   0.011   1.281   1.00 0.00 ?  4  PRO A HD2  4 
ATOM   941  H HD3  . PRO A 1 4  ? -0.678  0.058   2.598   1.00 0.00 ?  4  PRO A HD3  4 
ATOM   942  N N    . GLY A 1 5  ? -2.509  -2.042  -2.261  1.00 0.00 ?  5  GLY A N    4 
ATOM   943  C CA   . GLY A 1 5  ? -2.222  -2.844  -3.433  1.00 0.00 ?  5  GLY A CA   4 
ATOM   944  C C    . GLY A 1 5  ? -1.973  -4.301  -3.093  1.00 0.00 ?  5  GLY A C    4 
ATOM   945  O O    . GLY A 1 5  ? -1.558  -5.083  -3.947  1.00 0.00 ?  5  GLY A O    4 
ATOM   946  H H    . GLY A 1 5  ? -3.439  -1.800  -2.047  1.00 0.00 ?  5  GLY A H    4 
ATOM   947  H HA2  . GLY A 1 5  ? -3.060  -2.783  -4.113  1.00 0.00 ?  5  GLY A HA2  4 
ATOM   948  H HA3  . GLY A 1 5  ? -1.345  -2.447  -3.922  1.00 0.00 ?  5  GLY A HA3  4 
ATOM   949  N N    . GLY A 1 6  ? -2.215  -4.661  -1.839  1.00 0.00 ?  6  GLY A N    4 
ATOM   950  C CA   . GLY A 1 6  ? -2.021  -6.030  -1.408  1.00 0.00 ?  6  GLY A CA   4 
ATOM   951  C C    . GLY A 1 6  ? -0.739  -6.208  -0.631  1.00 0.00 ?  6  GLY A C    4 
ATOM   952  O O    . GLY A 1 6  ? -0.630  -7.098  0.214   1.00 0.00 ?  6  GLY A O    4 
ATOM   953  H H    . GLY A 1 6  ? -2.526  -3.990  -1.196  1.00 0.00 ?  6  GLY A H    4 
ATOM   954  H HA2  . GLY A 1 6  ? -2.853  -6.328  -0.788  1.00 0.00 ?  6  GLY A HA2  4 
ATOM   955  H HA3  . GLY A 1 6  ? -1.987  -6.666  -2.280  1.00 0.00 ?  6  GLY A HA3  4 
ATOM   956  N N    . GLY A 1 7  ? 0.231   -5.352  -0.903  1.00 0.00 ?  7  GLY A N    4 
ATOM   957  C CA   . GLY A 1 7  ? 1.501   -5.450  -0.229  1.00 0.00 ?  7  GLY A CA   4 
ATOM   958  C C    . GLY A 1 7  ? 2.379   -6.523  -0.826  1.00 0.00 ?  7  GLY A C    4 
ATOM   959  O O    . GLY A 1 7  ? 3.038   -7.272  -0.105  1.00 0.00 ?  7  GLY A O    4 
ATOM   960  H H    . GLY A 1 7  ? 0.075   -4.648  -1.566  1.00 0.00 ?  7  GLY A H    4 
ATOM   961  H HA2  . GLY A 1 7  ? 2.010   -4.500  -0.297  1.00 0.00 ?  7  GLY A HA2  4 
ATOM   962  H HA3  . GLY A 1 7  ? 1.327   -5.682  0.810   1.00 0.00 ?  7  GLY A HA3  4 
ATOM   963  N N    . GLY A 1 8  ? 2.374   -6.611  -2.138  1.00 0.00 ?  8  GLY A N    4 
ATOM   964  C CA   . GLY A 1 8  ? 3.192   -7.581  -2.816  1.00 0.00 ?  8  GLY A CA   4 
ATOM   965  C C    . GLY A 1 8  ? 3.711   -7.039  -4.111  1.00 0.00 ?  8  GLY A C    4 
ATOM   966  O O    . GLY A 1 8  ? 3.182   -6.047  -4.618  1.00 0.00 ?  8  GLY A O    4 
ATOM   967  H H    . GLY A 1 8  ? 1.813   -6.003  -2.665  1.00 0.00 ?  8  GLY A H    4 
ATOM   968  H HA2  . GLY A 1 8  ? 4.035   -7.822  -2.184  1.00 0.00 ?  8  GLY A HA2  4 
ATOM   969  H HA3  . GLY A 1 8  ? 2.614   -8.472  -3.009  1.00 0.00 ?  8  GLY A HA3  4 
ATOM   970  N N    . ASN A 1 9  ? 4.758   -7.671  -4.641  1.00 0.00 ?  9  ASN A N    4 
ATOM   971  C CA   . ASN A 1 9  ? 5.401   -7.227  -5.886  1.00 0.00 ?  9  ASN A CA   4 
ATOM   972  C C    . ASN A 1 9  ? 5.964   -5.821  -5.691  1.00 0.00 ?  9  ASN A C    4 
ATOM   973  O O    . ASN A 1 9  ? 6.164   -5.060  -6.639  1.00 0.00 ?  9  ASN A O    4 
ATOM   974  C CB   . ASN A 1 9  ? 4.404   -7.273  -7.064  1.00 0.00 ?  9  ASN A CB   4 
ATOM   975  C CG   . ASN A 1 9  ? 5.053   -7.005  -8.415  1.00 0.00 ?  9  ASN A CG   4 
ATOM   976  O OD1  . ASN A 1 9  ? 6.221   -7.325  -8.634  1.00 0.00 ?  9  ASN A OD1  4 
ATOM   977  N ND2  . ASN A 1 9  ? 4.296   -6.418  -9.323  1.00 0.00 ?  9  ASN A ND2  4 
ATOM   978  H H    . ASN A 1 9  ? 5.114   -8.462  -4.182  1.00 0.00 ?  9  ASN A H    4 
ATOM   979  H HA   . ASN A 1 9  ? 6.227   -7.892  -6.083  1.00 0.00 ?  9  ASN A HA   4 
ATOM   980  H HB2  . ASN A 1 9  ? 3.948   -8.251  -7.100  1.00 0.00 ?  9  ASN A HB2  4 
ATOM   981  H HB3  . ASN A 1 9  ? 3.635   -6.532  -6.900  1.00 0.00 ?  9  ASN A HB3  4 
ATOM   982  H HD21 . ASN A 1 9  ? 3.370   -6.191  -9.084  1.00 0.00 ?  9  ASN A HD21 4 
ATOM   983  H HD22 . ASN A 1 9  ? 4.686   -6.231  -10.204 1.00 0.00 ?  9  ASN A HD22 4 
ATOM   984  N N    . GLY A 1 10 ? 6.240   -5.501  -4.445  1.00 0.00 ?  10 GLY A N    4 
ATOM   985  C CA   . GLY A 1 10 ? 6.759   -4.216  -4.110  1.00 0.00 ?  10 GLY A CA   4 
ATOM   986  C C    . GLY A 1 10 ? 6.495   -3.870  -2.672  1.00 0.00 ?  10 GLY A C    4 
ATOM   987  O O    . GLY A 1 10 ? 5.371   -4.003  -2.187  1.00 0.00 ?  10 GLY A O    4 
ATOM   988  H H    . GLY A 1 10 ? 6.081   -6.158  -3.735  1.00 0.00 ?  10 GLY A H    4 
ATOM   989  H HA2  . GLY A 1 10 ? 7.824   -4.209  -4.286  1.00 0.00 ?  10 GLY A HA2  4 
ATOM   990  H HA3  . GLY A 1 10 ? 6.292   -3.473  -4.739  1.00 0.00 ?  10 GLY A HA3  4 
ATOM   991  N N    . ASP A 1 11 ? 7.535   -3.481  -1.977  1.00 0.00 ?  11 ASP A N    4 
ATOM   992  C CA   . ASP A 1 11 ? 7.422   -3.044  -0.594  1.00 0.00 ?  11 ASP A CA   4 
ATOM   993  C C    . ASP A 1 11 ? 6.672   -1.715  -0.525  1.00 0.00 ?  11 ASP A C    4 
ATOM   994  O O    . ASP A 1 11 ? 7.234   -0.648  -0.774  1.00 0.00 ?  11 ASP A O    4 
ATOM   995  C CB   . ASP A 1 11 ? 8.811   -2.944  0.076   1.00 0.00 ?  11 ASP A CB   4 
ATOM   996  C CG   . ASP A 1 11 ? 9.757   -1.973  -0.614  1.00 0.00 ?  11 ASP A CG   4 
ATOM   997  O OD1  . ASP A 1 11 ? 10.045  -2.163  -1.816  1.00 0.00 ?  11 ASP A OD1  4 
ATOM   998  O OD2  . ASP A 1 11 ? 10.241  -1.029  0.051   1.00 0.00 -1 11 ASP A OD2  4 
ATOM   999  H H    . ASP A 1 11 ? 8.414   -3.503  -2.405  1.00 0.00 ?  11 ASP A H    4 
ATOM   1000 H HA   . ASP A 1 11 ? 6.837   -3.787  -0.071  1.00 0.00 ?  11 ASP A HA   4 
ATOM   1001 H HB2  . ASP A 1 11 ? 8.686   -2.616  1.096   1.00 0.00 ?  11 ASP A HB2  4 
ATOM   1002 H HB3  . ASP A 1 11 ? 9.269   -3.922  0.078   1.00 0.00 ?  11 ASP A HB3  4 
ATOM   1003 N N    . PHE A 1 12 ? 5.389   -1.792  -0.241  1.00 0.00 ?  12 PHE A N    4 
ATOM   1004 C CA   . PHE A 1 12 ? 4.551   -0.608  -0.199  1.00 0.00 ?  12 PHE A CA   4 
ATOM   1005 C C    . PHE A 1 12 ? 4.353   -0.105  1.215   1.00 0.00 ?  12 PHE A C    4 
ATOM   1006 O O    . PHE A 1 12 ? 4.003   -0.868  2.113   1.00 0.00 ?  12 PHE A O    4 
ATOM   1007 C CB   . PHE A 1 12 ? 3.185   -0.879  -0.836  1.00 0.00 ?  12 PHE A CB   4 
ATOM   1008 C CG   . PHE A 1 12 ? 3.246   -1.271  -2.282  1.00 0.00 ?  12 PHE A CG   4 
ATOM   1009 C CD1  . PHE A 1 12 ? 2.722   -2.481  -2.707  1.00 0.00 ?  12 PHE A CD1  4 
ATOM   1010 C CD2  . PHE A 1 12 ? 3.827   -0.432  -3.217  1.00 0.00 ?  12 PHE A CD2  4 
ATOM   1011 C CE1  . PHE A 1 12 ? 2.778   -2.847  -4.036  1.00 0.00 ?  12 PHE A CE1  4 
ATOM   1012 C CE2  . PHE A 1 12 ? 3.886   -0.793  -4.549  1.00 0.00 ?  12 PHE A CE2  4 
ATOM   1013 C CZ   . PHE A 1 12 ? 3.360   -2.001  -4.960  1.00 0.00 ?  12 PHE A CZ   4 
ATOM   1014 H H    . PHE A 1 12 ? 4.990   -2.668  -0.055  1.00 0.00 ?  12 PHE A H    4 
ATOM   1015 H HA   . PHE A 1 12 ? 5.043   0.162   -0.771  1.00 0.00 ?  12 PHE A HA   4 
ATOM   1016 H HB2  . PHE A 1 12 ? 2.703   -1.682  -0.300  1.00 0.00 ?  12 PHE A HB2  4 
ATOM   1017 H HB3  . PHE A 1 12 ? 2.576   0.011   -0.757  1.00 0.00 ?  12 PHE A HB3  4 
ATOM   1018 H HD1  . PHE A 1 12 ? 2.268   -3.143  -1.986  1.00 0.00 ?  12 PHE A HD1  4 
ATOM   1019 H HD2  . PHE A 1 12 ? 4.237   0.513   -2.896  1.00 0.00 ?  12 PHE A HD2  4 
ATOM   1020 H HE1  . PHE A 1 12 ? 2.367   -3.794  -4.355  1.00 0.00 ?  12 PHE A HE1  4 
ATOM   1021 H HE2  . PHE A 1 12 ? 4.341   -0.130  -5.269  1.00 0.00 ?  12 PHE A HE2  4 
ATOM   1022 H HZ   . PHE A 1 12 ? 3.404   -2.285  -6.001  1.00 0.00 ?  12 PHE A HZ   4 
ATOM   1023 N N    . GLU A 1 13 ? 4.584   1.177   1.408   1.00 0.00 ?  13 GLU A N    4 
ATOM   1024 C CA   . GLU A 1 13 ? 4.319   1.821   2.676   1.00 0.00 ?  13 GLU A CA   4 
ATOM   1025 C C    . GLU A 1 13 ? 2.835   2.072   2.784   1.00 0.00 ?  13 GLU A C    4 
ATOM   1026 O O    . GLU A 1 13 ? 2.149   2.152   1.761   1.00 0.00 ?  13 GLU A O    4 
ATOM   1027 C CB   . GLU A 1 13 ? 5.062   3.154   2.755   1.00 0.00 ?  13 GLU A CB   4 
ATOM   1028 C CG   . GLU A 1 13 ? 6.544   3.024   3.009   1.00 0.00 ?  13 GLU A CG   4 
ATOM   1029 C CD   . GLU A 1 13 ? 6.838   2.669   4.442   1.00 0.00 ?  13 GLU A CD   4 
ATOM   1030 O OE1  . GLU A 1 13 ? 6.868   3.589   5.291   1.00 0.00 ?  13 GLU A OE1  4 
ATOM   1031 O OE2  . GLU A 1 13 ? 7.032   1.475   4.734   1.00 0.00 -1 13 GLU A OE2  4 
ATOM   1032 H H    . GLU A 1 13 ? 4.940   1.713   0.669   1.00 0.00 ?  13 GLU A H    4 
ATOM   1033 H HA   . GLU A 1 13 ? 4.645   1.173   3.473   1.00 0.00 ?  13 GLU A HA   4 
ATOM   1034 H HB2  . GLU A 1 13 ? 4.924   3.684   1.827   1.00 0.00 ?  13 GLU A HB2  4 
ATOM   1035 H HB3  . GLU A 1 13 ? 4.632   3.739   3.555   1.00 0.00 ?  13 GLU A HB3  4 
ATOM   1036 H HG2  . GLU A 1 13 ? 6.941   2.248   2.372   1.00 0.00 ?  13 GLU A HG2  4 
ATOM   1037 H HG3  . GLU A 1 13 ? 7.025   3.963   2.777   1.00 0.00 ?  13 GLU A HG3  4 
ATOM   1038 N N    . GLU A 1 14 ? 2.315   2.184   3.992   1.00 0.00 ?  14 GLU A N    4 
ATOM   1039 C CA   . GLU A 1 14 ? 0.913   2.474   4.124   1.00 0.00 ?  14 GLU A CA   4 
ATOM   1040 C C    . GLU A 1 14 ? 0.674   3.918   3.715   1.00 0.00 ?  14 GLU A C    4 
ATOM   1041 O O    . GLU A 1 14 ? 1.077   4.857   4.413   1.00 0.00 ?  14 GLU A O    4 
ATOM   1042 C CB   . GLU A 1 14 ? 0.439   2.230   5.555   1.00 0.00 ?  14 GLU A CB   4 
ATOM   1043 C CG   . GLU A 1 14 ? 0.693   0.815   6.052   1.00 0.00 ?  14 GLU A CG   4 
ATOM   1044 C CD   . GLU A 1 14 ? 0.163   0.579   7.448   1.00 0.00 ?  14 GLU A CD   4 
ATOM   1045 O OE1  . GLU A 1 14 ? -0.174  1.561   8.133   1.00 0.00 ?  14 GLU A OE1  4 
ATOM   1046 O OE2  . GLU A 1 14 ? 0.082   -0.589  7.867   1.00 0.00 -1 14 GLU A OE2  4 
ATOM   1047 H H    . GLU A 1 14 ? 2.876   2.071   4.787   1.00 0.00 ?  14 GLU A H    4 
ATOM   1048 H HA   . GLU A 1 14 ? 0.373   1.826   3.448   1.00 0.00 ?  14 GLU A HA   4 
ATOM   1049 H HB2  . GLU A 1 14 ? 0.950   2.913   6.212   1.00 0.00 ?  14 GLU A HB2  4 
ATOM   1050 H HB3  . GLU A 1 14 ? -0.622  2.419   5.607   1.00 0.00 ?  14 GLU A HB3  4 
ATOM   1051 H HG2  . GLU A 1 14 ? 0.212   0.118   5.380   1.00 0.00 ?  14 GLU A HG2  4 
ATOM   1052 H HG3  . GLU A 1 14 ? 1.758   0.632   6.050   1.00 0.00 ?  14 GLU A HG3  4 
ATOM   1053 N N    . ILE A 1 15 ? 0.033   4.079   2.586   1.00 0.00 ?  15 ILE A N    4 
ATOM   1054 C CA   . ILE A 1 15 ? -0.241  5.376   2.012   1.00 0.00 ?  15 ILE A CA   4 
ATOM   1055 C C    . ILE A 1 15 ? -1.734  5.525   1.780   1.00 0.00 ?  15 ILE A C    4 
ATOM   1056 O O    . ILE A 1 15 ? -2.403  4.543   1.430   1.00 0.00 ?  15 ILE A O    4 
ATOM   1057 C CB   . ILE A 1 15 ? 0.539   5.555   0.661   1.00 0.00 ?  15 ILE A CB   4 
ATOM   1058 C CG1  . ILE A 1 15 ? 0.215   6.900   -0.008  1.00 0.00 ?  15 ILE A CG1  4 
ATOM   1059 C CG2  . ILE A 1 15 ? 0.261   4.395   -0.292  1.00 0.00 ?  15 ILE A CG2  4 
ATOM   1060 C CD1  . ILE A 1 15 ? 0.892   7.097   -1.351  1.00 0.00 ?  15 ILE A CD1  4 
ATOM   1061 H H    . ILE A 1 15 ? -0.277  3.283   2.104   1.00 0.00 ?  15 ILE A H    4 
ATOM   1062 H HA   . ILE A 1 15 ? 0.091   6.132   2.708   1.00 0.00 ?  15 ILE A HA   4 
ATOM   1063 H HB   . ILE A 1 15 ? 1.594   5.529   0.895   1.00 0.00 ?  15 ILE A HB   4 
ATOM   1064 H HG12 . ILE A 1 15 ? -0.850  6.971   -0.163  1.00 0.00 ?  15 ILE A HG12 4 
ATOM   1065 H HG13 . ILE A 1 15 ? 0.534   7.701   0.643   1.00 0.00 ?  15 ILE A HG13 4 
ATOM   1066 H HG21 . ILE A 1 15 ? 0.753   4.580   -1.235  1.00 0.00 ?  15 ILE A HG21 4 
ATOM   1067 H HG22 . ILE A 1 15 ? -0.804  4.303   -0.447  1.00 0.00 ?  15 ILE A HG22 4 
ATOM   1068 H HG23 . ILE A 1 15 ? 0.643   3.481   0.137   1.00 0.00 ?  15 ILE A HG23 4 
ATOM   1069 H HD11 . ILE A 1 15 ? 0.559   6.334   -2.038  1.00 0.00 ?  15 ILE A HD11 4 
ATOM   1070 H HD12 . ILE A 1 15 ? 1.962   7.026   -1.227  1.00 0.00 ?  15 ILE A HD12 4 
ATOM   1071 H HD13 . ILE A 1 15 ? 0.639   8.070   -1.743  1.00 0.00 ?  15 ILE A HD13 4 
ATOM   1072 N N    . PRO A 1 16 ? -2.298  6.726   2.018   1.00 0.00 ?  16 PRO A N    4 
ATOM   1073 C CA   . PRO A 1 16 ? -3.699  6.991   1.737   1.00 0.00 ?  16 PRO A CA   4 
ATOM   1074 C C    . PRO A 1 16 ? -4.049  6.574   0.320   1.00 0.00 ?  16 PRO A C    4 
ATOM   1075 O O    . PRO A 1 16 ? -3.382  6.976   -0.642  1.00 0.00 ?  16 PRO A O    4 
ATOM   1076 C CB   . PRO A 1 16 ? -3.817  8.503   1.887   1.00 0.00 ?  16 PRO A CB   4 
ATOM   1077 C CG   . PRO A 1 16 ? -2.745  8.867   2.845   1.00 0.00 ?  16 PRO A CG   4 
ATOM   1078 C CD   . PRO A 1 16 ? -1.620  7.899   2.606   1.00 0.00 ?  16 PRO A CD   4 
ATOM   1079 H HA   . PRO A 1 16 ? -4.351  6.493   2.440   1.00 0.00 ?  16 PRO A HA   4 
ATOM   1080 H HB2  . PRO A 1 16 ? -3.671  8.973   0.926   1.00 0.00 ?  16 PRO A HB2  4 
ATOM   1081 H HB3  . PRO A 1 16 ? -4.793  8.753   2.272   1.00 0.00 ?  16 PRO A HB3  4 
ATOM   1082 H HG2  . PRO A 1 16 ? -2.416  9.877   2.658   1.00 0.00 ?  16 PRO A HG2  4 
ATOM   1083 H HG3  . PRO A 1 16 ? -3.113  8.768   3.855   1.00 0.00 ?  16 PRO A HG3  4 
ATOM   1084 H HD2  . PRO A 1 16 ? -0.904  8.319   1.916   1.00 0.00 ?  16 PRO A HD2  4 
ATOM   1085 H HD3  . PRO A 1 16 ? -1.141  7.641   3.539   1.00 0.00 ?  16 PRO A HD3  4 
ATOM   1086 N N    . GLU A 1 17 ? -5.097  5.790   0.191   1.00 0.00 ?  17 GLU A N    4 
ATOM   1087 C CA   . GLU A 1 17 ? -5.507  5.254   -1.097  1.00 0.00 ?  17 GLU A CA   4 
ATOM   1088 C C    . GLU A 1 17 ? -6.081  6.346   -1.997  1.00 0.00 ?  17 GLU A C    4 
ATOM   1089 O O    . GLU A 1 17 ? -6.509  6.086   -3.119  1.00 0.00 ?  17 GLU A O    4 
ATOM   1090 C CB   . GLU A 1 17 ? -6.513  4.128   -0.895  1.00 0.00 ?  17 GLU A CB   4 
ATOM   1091 C CG   . GLU A 1 17 ? -6.032  3.072   0.086   1.00 0.00 ?  17 GLU A CG   4 
ATOM   1092 C CD   . GLU A 1 17 ? -7.061  2.005   0.352   1.00 0.00 ?  17 GLU A CD   4 
ATOM   1093 O OE1  . GLU A 1 17 ? -8.077  2.305   1.007   1.00 0.00 ?  17 GLU A OE1  4 
ATOM   1094 O OE2  . GLU A 1 17 ? -6.849  0.855   -0.072  1.00 0.00 -1 17 GLU A OE2  4 
ATOM   1095 H H    . GLU A 1 17 ? -5.618  5.557   0.989   1.00 0.00 ?  17 GLU A H    4 
ATOM   1096 H HA   . GLU A 1 17 ? -4.623  4.854   -1.565  1.00 0.00 ?  17 GLU A HA   4 
ATOM   1097 H HB2  . GLU A 1 17 ? -7.438  4.544   -0.524  1.00 0.00 ?  17 GLU A HB2  4 
ATOM   1098 H HB3  . GLU A 1 17 ? -6.695  3.646   -1.845  1.00 0.00 ?  17 GLU A HB3  4 
ATOM   1099 H HG2  . GLU A 1 17 ? -5.149  2.602   -0.319  1.00 0.00 ?  17 GLU A HG2  4 
ATOM   1100 H HG3  . GLU A 1 17 ? -5.783  3.555   1.019   1.00 0.00 ?  17 GLU A HG3  4 
ATOM   1101 N N    . GLU A 1 18 ? -6.090  7.566   -1.491  1.00 0.00 ?  18 GLU A N    4 
ATOM   1102 C CA   . GLU A 1 18 ? -6.541  8.712   -2.250  1.00 0.00 ?  18 GLU A CA   4 
ATOM   1103 C C    . GLU A 1 18 ? -5.420  9.210   -3.151  1.00 0.00 ?  18 GLU A C    4 
ATOM   1104 O O    . GLU A 1 18 ? -5.654  9.959   -4.091  1.00 0.00 ?  18 GLU A O    4 
ATOM   1105 C CB   . GLU A 1 18 ? -6.960  9.835   -1.311  1.00 0.00 ?  18 GLU A CB   4 
ATOM   1106 C CG   . GLU A 1 18 ? -8.038  9.451   -0.324  1.00 0.00 ?  18 GLU A CG   4 
ATOM   1107 C CD   . GLU A 1 18 ? -8.385  10.592  0.597   1.00 0.00 ?  18 GLU A CD   4 
ATOM   1108 O OE1  . GLU A 1 18 ? -7.815  10.661  1.705   1.00 0.00 ?  18 GLU A OE1  4 
ATOM   1109 O OE2  . GLU A 1 18 ? -9.216  11.439  0.210   1.00 0.00 -1 18 GLU A OE2  4 
ATOM   1110 H H    . GLU A 1 18 ? -5.784  7.693   -0.571  1.00 0.00 ?  18 GLU A H    4 
ATOM   1111 H HA   . GLU A 1 18 ? -7.386  8.417   -2.853  1.00 0.00 ?  18 GLU A HA   4 
ATOM   1112 H HB2  . GLU A 1 18 ? -6.095  10.160  -0.752  1.00 0.00 ?  18 GLU A HB2  4 
ATOM   1113 H HB3  . GLU A 1 18 ? -7.322  10.661  -1.904  1.00 0.00 ?  18 GLU A HB3  4 
ATOM   1114 H HG2  . GLU A 1 18 ? -8.926  9.162   -0.867  1.00 0.00 ?  18 GLU A HG2  4 
ATOM   1115 H HG3  . GLU A 1 18 ? -7.690  8.619   0.269   1.00 0.00 ?  18 GLU A HG3  4 
ATOM   1116 N N    . TYR A 1 19 ? -4.200  8.788   -2.855  1.00 0.00 ?  19 TYR A N    4 
ATOM   1117 C CA   . TYR A 1 19 ? -3.047  9.225   -3.620  1.00 0.00 ?  19 TYR A CA   4 
ATOM   1118 C C    . TYR A 1 19 ? -2.719  8.287   -4.749  1.00 0.00 ?  19 TYR A C    4 
ATOM   1119 O O    . TYR A 1 19 ? -3.009  7.088   -4.700  1.00 0.00 ?  19 TYR A O    4 
ATOM   1120 C CB   . TYR A 1 19 ? -1.820  9.402   -2.733  1.00 0.00 ?  19 TYR A CB   4 
ATOM   1121 C CG   . TYR A 1 19 ? -1.798  10.709  -1.992  1.00 0.00 ?  19 TYR A CG   4 
ATOM   1122 C CD1  . TYR A 1 19 ? -2.055  10.760  -0.642  1.00 0.00 ?  19 TYR A CD1  4 
ATOM   1123 C CD2  . TYR A 1 19 ? -1.523  11.897  -2.657  1.00 0.00 ?  19 TYR A CD2  4 
ATOM   1124 C CE1  . TYR A 1 19 ? -2.041  11.953  0.036   1.00 0.00 ?  19 TYR A CE1  4 
ATOM   1125 C CE2  . TYR A 1 19 ? -1.505  13.097  -1.985  1.00 0.00 ?  19 TYR A CE2  4 
ATOM   1126 C CZ   . TYR A 1 19 ? -1.766  13.121  -0.638  1.00 0.00 ?  19 TYR A CZ   4 
ATOM   1127 O OH   . TYR A 1 19 ? -1.757  14.316  0.044   1.00 0.00 ?  19 TYR A OH   4 
ATOM   1128 H H    . TYR A 1 19 ? -4.071  8.160   -2.112  1.00 0.00 ?  19 TYR A H    4 
ATOM   1129 H HA   . TYR A 1 19 ? -3.294  10.185  -4.042  1.00 0.00 ?  19 TYR A HA   4 
ATOM   1130 H HB2  . TYR A 1 19 ? -1.794  8.608   -2.001  1.00 0.00 ?  19 TYR A HB2  4 
ATOM   1131 H HB3  . TYR A 1 19 ? -0.933  9.350   -3.346  1.00 0.00 ?  19 TYR A HB3  4 
ATOM   1132 H HD1  . TYR A 1 19 ? -2.268  9.843   -0.114  1.00 0.00 ?  19 TYR A HD1  4 
ATOM   1133 H HD2  . TYR A 1 19 ? -1.321  11.870  -3.717  1.00 0.00 ?  19 TYR A HD2  4 
ATOM   1134 H HE1  . TYR A 1 19 ? -2.242  11.970  1.091   1.00 0.00 ?  19 TYR A HE1  4 
ATOM   1135 H HE2  . TYR A 1 19 ? -1.288  14.012  -2.516  1.00 0.00 ?  19 TYR A HE2  4 
ATOM   1136 H HH   . TYR A 1 19 ? -1.191  14.230  0.824   1.00 0.00 ?  19 TYR A HH   4 
ATOM   1137 N N    . LEU A 1 20 ? -2.118  8.861   -5.766  1.00 0.00 ?  20 LEU A N    4 
ATOM   1138 C CA   . LEU A 1 20 ? -1.655  8.150   -6.930  1.00 0.00 ?  20 LEU A CA   4 
ATOM   1139 C C    . LEU A 1 20 ? -0.628  7.082   -6.545  1.00 0.00 ?  20 LEU A C    4 
ATOM   1140 O O    . LEU A 1 20 ? -0.953  5.883   -6.650  1.00 0.00 ?  20 LEU A O    4 
ATOM   1141 C CB   . LEU A 1 20 ? -1.064  9.140   -7.971  1.00 0.00 ?  20 LEU A CB   4 
ATOM   1142 C CG   . LEU A 1 20 ? 0.171   9.988   -7.544  1.00 0.00 ?  20 LEU A CG   4 
ATOM   1143 C CD1  . LEU A 1 20 ? 0.705   10.770  -8.729  1.00 0.00 ?  20 LEU A CD1  4 
ATOM   1144 C CD2  . LEU A 1 20 ? -0.160  10.949  -6.394  1.00 0.00 ?  20 LEU A CD2  4 
ATOM   1145 O OXT  . LEU A 1 20 ? 0.486   7.444   -6.113  1.00 0.00 ?  20 LEU A OXT  4 
ATOM   1146 H H    . LEU A 1 20 ? -1.983  9.830   -5.734  1.00 0.00 ?  20 LEU A H    4 
ATOM   1147 H HA   . LEU A 1 20 ? -2.509  7.658   -7.372  1.00 0.00 ?  20 LEU A HA   4 
ATOM   1148 H HB2  . LEU A 1 20 ? -0.781  8.570   -8.844  1.00 0.00 ?  20 LEU A HB2  4 
ATOM   1149 H HB3  . LEU A 1 20 ? -1.848  9.821   -8.262  1.00 0.00 ?  20 LEU A HB3  4 
ATOM   1150 H HG   . LEU A 1 20 ? 0.954   9.317   -7.214  1.00 0.00 ?  20 LEU A HG   4 
ATOM   1151 H HD11 . LEU A 1 20 ? -0.070  11.423  -9.106  1.00 0.00 ?  20 LEU A HD11 4 
ATOM   1152 H HD12 . LEU A 1 20 ? 1.010   10.086  -9.508  1.00 0.00 ?  20 LEU A HD12 4 
ATOM   1153 H HD13 . LEU A 1 20 ? 1.551   11.362  -8.417  1.00 0.00 ?  20 LEU A HD13 4 
ATOM   1154 H HD21 . LEU A 1 20 ? 0.693   11.579  -6.191  1.00 0.00 ?  20 LEU A HD21 4 
ATOM   1155 H HD22 . LEU A 1 20 ? -0.397  10.386  -5.500  1.00 0.00 ?  20 LEU A HD22 4 
ATOM   1156 H HD23 . LEU A 1 20 ? -1.006  11.563  -6.661  1.00 0.00 ?  20 LEU A HD23 4 
HETATM 1157 N N    . DPN A 1 1  ? 0.924   -1.722  8.594   1.00 0.00 ?  1  DPN A N    5 
HETATM 1158 C CA   . DPN A 1 1  ? -0.471  -2.185  8.557   1.00 0.00 ?  1  DPN A CA   5 
HETATM 1159 C C    . DPN A 1 1  ? -0.816  -2.690  7.177   1.00 0.00 ?  1  DPN A C    5 
HETATM 1160 O O    . DPN A 1 1  ? -0.026  -3.411  6.567   1.00 0.00 ?  1  DPN A O    5 
HETATM 1161 C CB   . DPN A 1 1  ? -0.693  -3.284  9.582   1.00 0.00 ?  1  DPN A CB   5 
HETATM 1162 C CG   . DPN A 1 1  ? -0.542  -2.816  11.001  1.00 0.00 ?  1  DPN A CG   5 
HETATM 1163 C CD1  . DPN A 1 1  ? -1.537  -2.057  11.599  1.00 0.00 ?  1  DPN A CD1  5 
HETATM 1164 C CD2  . DPN A 1 1  ? 0.588   -3.126  11.737  1.00 0.00 ?  1  DPN A CD2  5 
HETATM 1165 C CE1  . DPN A 1 1  ? -1.407  -1.618  12.900  1.00 0.00 ?  1  DPN A CE1  5 
HETATM 1166 C CE2  . DPN A 1 1  ? 0.721   -2.691  13.041  1.00 0.00 ?  1  DPN A CE2  5 
HETATM 1167 C CZ   . DPN A 1 1  ? -0.275  -1.936  13.622  1.00 0.00 ?  1  DPN A CZ   5 
HETATM 1168 H H1   . DPN A 1 1  ? 1.019   -0.858  8.018   1.00 0.00 ?  1  DPN A H1   5 
HETATM 1169 H H2   . DPN A 1 1  ? 1.549   -2.453  8.202   1.00 0.00 ?  1  DPN A H2   5 
HETATM 1170 H H3   . DPN A 1 1  ? 1.220   -1.511  9.566   1.00 0.00 ?  1  DPN A H3   5 
HETATM 1171 H HA   . DPN A 1 1  ? -1.106  -1.345  8.794   1.00 0.00 ?  1  DPN A HA   5 
HETATM 1172 H HB2  . DPN A 1 1  ? 0.026   -4.068  9.397   1.00 0.00 ?  1  DPN A HB2  5 
HETATM 1173 H HB3  . DPN A 1 1  ? -1.692  -3.676  9.462   1.00 0.00 ?  1  DPN A HB3  5 
HETATM 1174 H HD1  . DPN A 1 1  ? -2.424  -1.808  11.034  1.00 0.00 ?  1  DPN A HD1  5 
HETATM 1175 H HD2  . DPN A 1 1  ? 1.368   -3.717  11.286  1.00 0.00 ?  1  DPN A HD2  5 
HETATM 1176 H HE1  . DPN A 1 1  ? -2.189  -1.028  13.354  1.00 0.00 ?  1  DPN A HE1  5 
HETATM 1177 H HE2  . DPN A 1 1  ? 1.607   -2.940  13.604  1.00 0.00 ?  1  DPN A HE2  5 
HETATM 1178 H HZ   . DPN A 1 1  ? -0.170  -1.594  14.642  1.00 0.00 ?  1  DPN A HZ   5 
ATOM   1179 N N    . PRO A 1 2  ? -1.998  -2.321  6.655   1.00 0.00 ?  2  PRO A N    5 
ATOM   1180 C CA   . PRO A 1 2  ? -2.429  -2.744  5.327   1.00 0.00 ?  2  PRO A CA   5 
ATOM   1181 C C    . PRO A 1 2  ? -1.527  -2.169  4.251   1.00 0.00 ?  2  PRO A C    5 
ATOM   1182 O O    . PRO A 1 2  ? -1.318  -0.955  4.184   1.00 0.00 ?  2  PRO A O    5 
ATOM   1183 C CB   . PRO A 1 2  ? -3.849  -2.179  5.202   1.00 0.00 ?  2  PRO A CB   5 
ATOM   1184 C CG   . PRO A 1 2  ? -3.903  -1.063  6.182   1.00 0.00 ?  2  PRO A CG   5 
ATOM   1185 C CD   . PRO A 1 2  ? -2.997  -1.457  7.311   1.00 0.00 ?  2  PRO A CD   5 
ATOM   1186 H HA   . PRO A 1 2  ? -2.450  -3.820  5.241   1.00 0.00 ?  2  PRO A HA   5 
ATOM   1187 H HB2  . PRO A 1 2  ? -4.012  -1.829  4.193   1.00 0.00 ?  2  PRO A HB2  5 
ATOM   1188 H HB3  . PRO A 1 2  ? -4.568  -2.949  5.441   1.00 0.00 ?  2  PRO A HB3  5 
ATOM   1189 H HG2  . PRO A 1 2  ? -3.549  -0.152  5.719   1.00 0.00 ?  2  PRO A HG2  5 
ATOM   1190 H HG3  . PRO A 1 2  ? -4.913  -0.934  6.540   1.00 0.00 ?  2  PRO A HG3  5 
ATOM   1191 H HD2  . PRO A 1 2  ? -2.532  -0.580  7.736   1.00 0.00 ?  2  PRO A HD2  5 
ATOM   1192 H HD3  . PRO A 1 2  ? -3.544  -2.003  8.065   1.00 0.00 ?  2  PRO A HD3  5 
ATOM   1193 N N    . ARG A 1 3  ? -0.988  -3.033  3.429   1.00 0.00 ?  3  ARG A N    5 
ATOM   1194 C CA   . ARG A 1 3  ? -0.086  -2.619  2.384   1.00 0.00 ?  3  ARG A CA   5 
ATOM   1195 C C    . ARG A 1 3  ? -0.857  -2.128  1.161   1.00 0.00 ?  3  ARG A C    5 
ATOM   1196 O O    . ARG A 1 3  ? -1.628  -2.885  0.553   1.00 0.00 ?  3  ARG A O    5 
ATOM   1197 C CB   . ARG A 1 3  ? 0.850   -3.760  2.017   1.00 0.00 ?  3  ARG A CB   5 
ATOM   1198 C CG   . ARG A 1 3  ? 1.798   -4.161  3.142   1.00 0.00 ?  3  ARG A CG   5 
ATOM   1199 C CD   . ARG A 1 3  ? 2.639   -5.355  2.736   1.00 0.00 ?  3  ARG A CD   5 
ATOM   1200 N NE   . ARG A 1 3  ? 3.717   -5.625  3.683   1.00 0.00 ?  3  ARG A NE   5 
ATOM   1201 C CZ   . ARG A 1 3  ? 4.118   -6.845  4.046   1.00 0.00 ?  3  ARG A CZ   5 
ATOM   1202 N NH1  . ARG A 1 3  ? 3.445   -7.925  3.653   1.00 0.00 1  3  ARG A NH1  5 
ATOM   1203 N NH2  . ARG A 1 3  ? 5.171   -6.977  4.833   1.00 0.00 ?  3  ARG A NH2  5 
ATOM   1204 H H    . ARG A 1 3  ? -1.208  -3.987  3.521   1.00 0.00 ?  3  ARG A H    5 
ATOM   1205 H HA   . ARG A 1 3  ? 0.504   -1.804  2.774   1.00 0.00 ?  3  ARG A HA   5 
ATOM   1206 H HB2  . ARG A 1 3  ? 0.259   -4.622  1.747   1.00 0.00 ?  3  ARG A HB2  5 
ATOM   1207 H HB3  . ARG A 1 3  ? 1.443   -3.463  1.166   1.00 0.00 ?  3  ARG A HB3  5 
ATOM   1208 H HG2  . ARG A 1 3  ? 2.450   -3.330  3.367   1.00 0.00 ?  3  ARG A HG2  5 
ATOM   1209 H HG3  . ARG A 1 3  ? 1.221   -4.415  4.025   1.00 0.00 ?  3  ARG A HG3  5 
ATOM   1210 H HD2  . ARG A 1 3  ? 2.000   -6.223  2.676   1.00 0.00 ?  3  ARG A HD2  5 
ATOM   1211 H HD3  . ARG A 1 3  ? 3.065   -5.160  1.763   1.00 0.00 ?  3  ARG A HD3  5 
ATOM   1212 H HE   . ARG A 1 3  ? 4.202   -4.845  4.052   1.00 0.00 ?  3  ARG A HE   5 
ATOM   1213 H HH11 . ARG A 1 3  ? 2.623   -7.843  3.083   1.00 0.00 ?  3  ARG A HH11 5 
ATOM   1214 H HH12 . ARG A 1 3  ? 3.756   -8.838  3.933   1.00 0.00 ?  3  ARG A HH12 5 
ATOM   1215 H HH21 . ARG A 1 3  ? 5.664   -6.159  5.154   1.00 0.00 ?  3  ARG A HH21 5 
ATOM   1216 H HH22 . ARG A 1 3  ? 5.491   -7.885  5.115   1.00 0.00 ?  3  ARG A HH22 5 
ATOM   1217 N N    . PRO A 1 4  ? -0.661  -0.842  0.800   1.00 0.00 ?  4  PRO A N    5 
ATOM   1218 C CA   . PRO A 1 4  ? -1.334  -0.207  -0.346  1.00 0.00 ?  4  PRO A CA   5 
ATOM   1219 C C    . PRO A 1 4  ? -1.150  -0.988  -1.637  1.00 0.00 ?  4  PRO A C    5 
ATOM   1220 O O    . PRO A 1 4  ? -0.060  -1.504  -1.918  1.00 0.00 ?  4  PRO A O    5 
ATOM   1221 C CB   . PRO A 1 4  ? -0.644  1.153   -0.451  1.00 0.00 ?  4  PRO A CB   5 
ATOM   1222 C CG   . PRO A 1 4  ? -0.158  1.425   0.922   1.00 0.00 ?  4  PRO A CG   5 
ATOM   1223 C CD   . PRO A 1 4  ? 0.235   0.098   1.491   1.00 0.00 ?  4  PRO A CD   5 
ATOM   1224 H HA   . PRO A 1 4  ? -2.390  -0.067  -0.158  1.00 0.00 ?  4  PRO A HA   5 
ATOM   1225 H HB2  . PRO A 1 4  ? 0.169   1.092   -1.157  1.00 0.00 ?  4  PRO A HB2  5 
ATOM   1226 H HB3  . PRO A 1 4  ? -1.356  1.899   -0.773  1.00 0.00 ?  4  PRO A HB3  5 
ATOM   1227 H HG2  . PRO A 1 4  ? 0.698   2.081   0.886   1.00 0.00 ?  4  PRO A HG2  5 
ATOM   1228 H HG3  . PRO A 1 4  ? -0.946  1.868   1.514   1.00 0.00 ?  4  PRO A HG3  5 
ATOM   1229 H HD2  . PRO A 1 4  ? 1.269   -0.117  1.272   1.00 0.00 ?  4  PRO A HD2  5 
ATOM   1230 H HD3  . PRO A 1 4  ? 0.060   0.085   2.558   1.00 0.00 ?  4  PRO A HD3  5 
ATOM   1231 N N    . GLY A 1 5  ? -2.210  -1.069  -2.417  1.00 0.00 ?  5  GLY A N    5 
ATOM   1232 C CA   . GLY A 1 5  ? -2.163  -1.818  -3.649  1.00 0.00 ?  5  GLY A CA   5 
ATOM   1233 C C    . GLY A 1 5  ? -2.717  -3.210  -3.473  1.00 0.00 ?  5  GLY A C    5 
ATOM   1234 O O    . GLY A 1 5  ? -2.773  -3.996  -4.423  1.00 0.00 ?  5  GLY A O    5 
ATOM   1235 H H    . GLY A 1 5  ? -3.039  -0.605  -2.154  1.00 0.00 ?  5  GLY A H    5 
ATOM   1236 H HA2  . GLY A 1 5  ? -2.743  -1.298  -4.396  1.00 0.00 ?  5  GLY A HA2  5 
ATOM   1237 H HA3  . GLY A 1 5  ? -1.138  -1.887  -3.980  1.00 0.00 ?  5  GLY A HA3  5 
ATOM   1238 N N    . GLY A 1 6  ? -3.126  -3.522  -2.251  1.00 0.00 ?  6  GLY A N    5 
ATOM   1239 C CA   . GLY A 1 6  ? -3.684  -4.819  -1.966  1.00 0.00 ?  6  GLY A CA   5 
ATOM   1240 C C    . GLY A 1 6  ? -2.620  -5.850  -1.677  1.00 0.00 ?  6  GLY A C    5 
ATOM   1241 O O    . GLY A 1 6  ? -2.670  -6.966  -2.194  1.00 0.00 ?  6  GLY A O    5 
ATOM   1242 H H    . GLY A 1 6  ? -3.048  -2.856  -1.535  1.00 0.00 ?  6  GLY A H    5 
ATOM   1243 H HA2  . GLY A 1 6  ? -4.336  -4.738  -1.112  1.00 0.00 ?  6  GLY A HA2  5 
ATOM   1244 H HA3  . GLY A 1 6  ? -4.260  -5.146  -2.818  1.00 0.00 ?  6  GLY A HA3  5 
ATOM   1245 N N    . GLY A 1 7  ? -1.655  -5.483  -0.858  1.00 0.00 ?  7  GLY A N    5 
ATOM   1246 C CA   . GLY A 1 7  ? -0.599  -6.400  -0.517  1.00 0.00 ?  7  GLY A CA   5 
ATOM   1247 C C    . GLY A 1 7  ? 0.750   -5.917  -0.981  1.00 0.00 ?  7  GLY A C    5 
ATOM   1248 O O    . GLY A 1 7  ? 0.930   -4.732  -1.262  1.00 0.00 ?  7  GLY A O    5 
ATOM   1249 H H    . GLY A 1 7  ? -1.656  -4.573  -0.482  1.00 0.00 ?  7  GLY A H    5 
ATOM   1250 H HA2  . GLY A 1 7  ? -0.573  -6.527  0.555   1.00 0.00 ?  7  GLY A HA2  5 
ATOM   1251 H HA3  . GLY A 1 7  ? -0.803  -7.355  -0.978  1.00 0.00 ?  7  GLY A HA3  5 
ATOM   1252 N N    . GLY A 1 8  ? 1.696   -6.825  -1.065  1.00 0.00 ?  8  GLY A N    5 
ATOM   1253 C CA   . GLY A 1 8  ? 3.027   -6.476  -1.486  1.00 0.00 ?  8  GLY A CA   5 
ATOM   1254 C C    . GLY A 1 8  ? 3.933   -7.672  -1.494  1.00 0.00 ?  8  GLY A C    5 
ATOM   1255 O O    . GLY A 1 8  ? 3.709   -8.622  -0.740  1.00 0.00 ?  8  GLY A O    5 
ATOM   1256 H H    . GLY A 1 8  ? 1.491   -7.757  -0.837  1.00 0.00 ?  8  GLY A H    5 
ATOM   1257 H HA2  . GLY A 1 8  ? 2.994   -6.047  -2.476  1.00 0.00 ?  8  GLY A HA2  5 
ATOM   1258 H HA3  . GLY A 1 8  ? 3.425   -5.746  -0.801  1.00 0.00 ?  8  GLY A HA3  5 
ATOM   1259 N N    . ASN A 1 9  ? 4.941   -7.650  -2.345  1.00 0.00 ?  9  ASN A N    5 
ATOM   1260 C CA   . ASN A 1 9  ? 5.905   -8.741  -2.405  1.00 0.00 ?  9  ASN A CA   5 
ATOM   1261 C C    . ASN A 1 9  ? 6.918   -8.566  -1.316  1.00 0.00 ?  9  ASN A C    5 
ATOM   1262 O O    . ASN A 1 9  ? 7.366   -9.531  -0.692  1.00 0.00 ?  9  ASN A O    5 
ATOM   1263 C CB   . ASN A 1 9  ? 6.587   -8.809  -3.774  1.00 0.00 ?  9  ASN A CB   5 
ATOM   1264 C CG   . ASN A 1 9  ? 5.619   -9.072  -4.915  1.00 0.00 ?  9  ASN A CG   5 
ATOM   1265 O OD1  . ASN A 1 9  ? 5.814   -8.591  -6.027  1.00 0.00 ?  9  ASN A OD1  5 
ATOM   1266 N ND2  . ASN A 1 9  ? 4.574   -9.841  -4.653  1.00 0.00 ?  9  ASN A ND2  5 
ATOM   1267 H H    . ASN A 1 9  ? 5.043   -6.884  -2.951  1.00 0.00 ?  9  ASN A H    5 
ATOM   1268 H HA   . ASN A 1 9  ? 5.377   -9.654  -2.217  1.00 0.00 ?  9  ASN A HA   5 
ATOM   1269 H HB2  . ASN A 1 9  ? 7.084   -7.870  -3.962  1.00 0.00 ?  9  ASN A HB2  5 
ATOM   1270 H HB3  . ASN A 1 9  ? 7.323   -9.600  -3.760  1.00 0.00 ?  9  ASN A HB3  5 
ATOM   1271 H HD21 . ASN A 1 9  ? 4.467   -10.202 -3.747  1.00 0.00 ?  9  ASN A HD21 5 
ATOM   1272 H HD22 . ASN A 1 9  ? 3.943   -10.025 -5.382  1.00 0.00 ?  9  ASN A HD22 5 
ATOM   1273 N N    . GLY A 1 10 ? 7.276   -7.333  -1.092  1.00 0.00 ?  10 GLY A N    5 
ATOM   1274 C CA   . GLY A 1 10 ? 8.153   -7.011  -0.027  1.00 0.00 ?  10 GLY A CA   5 
ATOM   1275 C C    . GLY A 1 10 ? 7.386   -6.392  1.107   1.00 0.00 ?  10 GLY A C    5 
ATOM   1276 O O    . GLY A 1 10 ? 6.668   -7.079  1.831   1.00 0.00 ?  10 GLY A O    5 
ATOM   1277 H H    . GLY A 1 10 ? 6.927   -6.623  -1.671  1.00 0.00 ?  10 GLY A H    5 
ATOM   1278 H HA2  . GLY A 1 10 ? 8.643   -7.910  0.316   1.00 0.00 ?  10 GLY A HA2  5 
ATOM   1279 H HA3  . GLY A 1 10 ? 8.894   -6.308  -0.372  1.00 0.00 ?  10 GLY A HA3  5 
ATOM   1280 N N    . ASP A 1 11 ? 7.511   -5.101  1.241   1.00 0.00 ?  11 ASP A N    5 
ATOM   1281 C CA   . ASP A 1 11 ? 6.825   -4.374  2.300   1.00 0.00 ?  11 ASP A CA   5 
ATOM   1282 C C    . ASP A 1 11 ? 6.513   -2.942  1.881   1.00 0.00 ?  11 ASP A C    5 
ATOM   1283 O O    . ASP A 1 11 ? 7.377   -2.066  1.947   1.00 0.00 ?  11 ASP A O    5 
ATOM   1284 C CB   . ASP A 1 11 ? 7.635   -4.390  3.596   1.00 0.00 ?  11 ASP A CB   5 
ATOM   1285 C CG   . ASP A 1 11 ? 6.878   -3.781  4.754   1.00 0.00 ?  11 ASP A CG   5 
ATOM   1286 O OD1  . ASP A 1 11 ? 5.784   -4.281  5.080   1.00 0.00 ?  11 ASP A OD1  5 
ATOM   1287 O OD2  . ASP A 1 11 ? 7.384   -2.812  5.359   1.00 0.00 -1 11 ASP A OD2  5 
ATOM   1288 H H    . ASP A 1 11 ? 8.049   -4.618  0.584   1.00 0.00 ?  11 ASP A H    5 
ATOM   1289 H HA   . ASP A 1 11 ? 5.886   -4.882  2.477   1.00 0.00 ?  11 ASP A HA   5 
ATOM   1290 H HB2  . ASP A 1 11 ? 7.881   -5.412  3.847   1.00 0.00 ?  11 ASP A HB2  5 
ATOM   1291 H HB3  . ASP A 1 11 ? 8.545   -3.830  3.448   1.00 0.00 ?  11 ASP A HB3  5 
ATOM   1292 N N    . PHE A 1 12 ? 5.296   -2.712  1.430   1.00 0.00 ?  12 PHE A N    5 
ATOM   1293 C CA   . PHE A 1 12 ? 4.883   -1.377  1.021   1.00 0.00 ?  12 PHE A CA   5 
ATOM   1294 C C    . PHE A 1 12 ? 4.548   -0.515  2.223   1.00 0.00 ?  12 PHE A C    5 
ATOM   1295 O O    . PHE A 1 12 ? 3.822   -0.945  3.128   1.00 0.00 ?  12 PHE A O    5 
ATOM   1296 C CB   . PHE A 1 12 ? 3.678   -1.433  0.080   1.00 0.00 ?  12 PHE A CB   5 
ATOM   1297 C CG   . PHE A 1 12 ? 4.029   -1.691  -1.351  1.00 0.00 ?  12 PHE A CG   5 
ATOM   1298 C CD1  . PHE A 1 12 ? 4.014   -2.975  -1.862  1.00 0.00 ?  12 PHE A CD1  5 
ATOM   1299 C CD2  . PHE A 1 12 ? 4.367   -0.644  -2.191  1.00 0.00 ?  12 PHE A CD2  5 
ATOM   1300 C CE1  . PHE A 1 12 ? 4.330   -3.209  -3.185  1.00 0.00 ?  12 PHE A CE1  5 
ATOM   1301 C CE2  . PHE A 1 12 ? 4.684   -0.872  -3.512  1.00 0.00 ?  12 PHE A CE2  5 
ATOM   1302 C CZ   . PHE A 1 12 ? 4.665   -2.156  -4.011  1.00 0.00 ?  12 PHE A CZ   5 
ATOM   1303 H H    . PHE A 1 12 ? 4.658   -3.451  1.378   1.00 0.00 ?  12 PHE A H    5 
ATOM   1304 H HA   . PHE A 1 12 ? 5.709   -0.927  0.494   1.00 0.00 ?  12 PHE A HA   5 
ATOM   1305 H HB2  . PHE A 1 12 ? 3.015   -2.222  0.405   1.00 0.00 ?  12 PHE A HB2  5 
ATOM   1306 H HB3  . PHE A 1 12 ? 3.152   -0.490  0.131   1.00 0.00 ?  12 PHE A HB3  5 
ATOM   1307 H HD1  . PHE A 1 12 ? 3.752   -3.797  -1.217  1.00 0.00 ?  12 PHE A HD1  5 
ATOM   1308 H HD2  . PHE A 1 12 ? 4.380   0.365   -1.800  1.00 0.00 ?  12 PHE A HD2  5 
ATOM   1309 H HE1  . PHE A 1 12 ? 4.316   -4.216  -3.573  1.00 0.00 ?  12 PHE A HE1  5 
ATOM   1310 H HE2  . PHE A 1 12 ? 4.948   -0.044  -4.156  1.00 0.00 ?  12 PHE A HE2  5 
ATOM   1311 H HZ   . PHE A 1 12 ? 4.914   -2.337  -5.045  1.00 0.00 ?  12 PHE A HZ   5 
ATOM   1312 N N    . GLU A 1 13 ? 5.084   0.691   2.233   1.00 0.00 ?  13 GLU A N    5 
ATOM   1313 C CA   . GLU A 1 13 ? 4.799   1.649   3.278   1.00 0.00 ?  13 GLU A CA   5 
ATOM   1314 C C    . GLU A 1 13 ? 3.373   2.152   3.098   1.00 0.00 ?  13 GLU A C    5 
ATOM   1315 O O    . GLU A 1 13 ? 2.885   2.236   1.969   1.00 0.00 ?  13 GLU A O    5 
ATOM   1316 C CB   . GLU A 1 13 ? 5.790   2.812   3.202   1.00 0.00 ?  13 GLU A CB   5 
ATOM   1317 C CG   . GLU A 1 13 ? 5.713   3.777   4.371   1.00 0.00 ?  13 GLU A CG   5 
ATOM   1318 C CD   . GLU A 1 13 ? 6.708   4.904   4.246   1.00 0.00 ?  13 GLU A CD   5 
ATOM   1319 O OE1  . GLU A 1 13 ? 6.311   6.009   3.824   1.00 0.00 ?  13 GLU A OE1  5 
ATOM   1320 O OE2  . GLU A 1 13 ? 7.894   4.691   4.562   1.00 0.00 -1 13 GLU A OE2  5 
ATOM   1321 H H    . GLU A 1 13 ? 5.690   0.948   1.504   1.00 0.00 ?  13 GLU A H    5 
ATOM   1322 H HA   . GLU A 1 13 ? 4.889   1.156   4.232   1.00 0.00 ?  13 GLU A HA   5 
ATOM   1323 H HB2  . GLU A 1 13 ? 6.791   2.411   3.165   1.00 0.00 ?  13 GLU A HB2  5 
ATOM   1324 H HB3  . GLU A 1 13 ? 5.604   3.365   2.294   1.00 0.00 ?  13 GLU A HB3  5 
ATOM   1325 H HG2  . GLU A 1 13 ? 4.718   4.197   4.412   1.00 0.00 ?  13 GLU A HG2  5 
ATOM   1326 H HG3  . GLU A 1 13 ? 5.914   3.237   5.283   1.00 0.00 ?  13 GLU A HG3  5 
ATOM   1327 N N    . GLU A 1 14 ? 2.703   2.472   4.188   1.00 0.00 ?  14 GLU A N    5 
ATOM   1328 C CA   . GLU A 1 14 ? 1.324   2.895   4.098   1.00 0.00 ?  14 GLU A CA   5 
ATOM   1329 C C    . GLU A 1 14 ? 1.181   4.299   3.535   1.00 0.00 ?  14 GLU A C    5 
ATOM   1330 O O    . GLU A 1 14 ? 1.580   5.288   4.155   1.00 0.00 ?  14 GLU A O    5 
ATOM   1331 C CB   . GLU A 1 14 ? 0.634   2.789   5.448   1.00 0.00 ?  14 GLU A CB   5 
ATOM   1332 C CG   . GLU A 1 14 ? 0.362   1.365   5.875   1.00 0.00 ?  14 GLU A CG   5 
ATOM   1333 C CD   . GLU A 1 14 ? -0.291  1.285   7.225   1.00 0.00 ?  14 GLU A CD   5 
ATOM   1334 O OE1  . GLU A 1 14 ? 0.351   0.798   8.163   1.00 0.00 ?  14 GLU A OE1  5 
ATOM   1335 O OE2  . GLU A 1 14 ? -1.452  1.720   7.360   1.00 0.00 -1 14 GLU A OE2  5 
ATOM   1336 H H    . GLU A 1 14 ? 3.146   2.424   5.064   1.00 0.00 ?  14 GLU A H    5 
ATOM   1337 H HA   . GLU A 1 14 ? 0.831   2.216   3.419   1.00 0.00 ?  14 GLU A HA   5 
ATOM   1338 H HB2  . GLU A 1 14 ? 1.258   3.255   6.195   1.00 0.00 ?  14 GLU A HB2  5 
ATOM   1339 H HB3  . GLU A 1 14 ? -0.308  3.315   5.400   1.00 0.00 ?  14 GLU A HB3  5 
ATOM   1340 H HG2  . GLU A 1 14 ? -0.291  0.902   5.150   1.00 0.00 ?  14 GLU A HG2  5 
ATOM   1341 H HG3  . GLU A 1 14 ? 1.298   0.827   5.911   1.00 0.00 ?  14 GLU A HG3  5 
ATOM   1342 N N    . ILE A 1 15 ? 0.606   4.361   2.360   1.00 0.00 ?  15 ILE A N    5 
ATOM   1343 C CA   . ILE A 1 15 ? 0.286   5.595   1.693   1.00 0.00 ?  15 ILE A CA   5 
ATOM   1344 C C    . ILE A 1 15 ? -1.218  5.589   1.408   1.00 0.00 ?  15 ILE A C    5 
ATOM   1345 O O    . ILE A 1 15 ? -1.768  4.539   1.073   1.00 0.00 ?  15 ILE A O    5 
ATOM   1346 C CB   . ILE A 1 15 ? 1.113   5.756   0.368   1.00 0.00 ?  15 ILE A CB   5 
ATOM   1347 C CG1  . ILE A 1 15 ? 0.787   7.076   -0.341  1.00 0.00 ?  15 ILE A CG1  5 
ATOM   1348 C CG2  . ILE A 1 15 ? 0.896   4.574   -0.567  1.00 0.00 ?  15 ILE A CG2  5 
ATOM   1349 C CD1  . ILE A 1 15 ? 1.607   7.321   -1.592  1.00 0.00 ?  15 ILE A CD1  5 
ATOM   1350 H H    . ILE A 1 15 ? 0.379   3.523   1.908   1.00 0.00 ?  15 ILE A H    5 
ATOM   1351 H HA   . ILE A 1 15 ? 0.520   6.411   2.364   1.00 0.00 ?  15 ILE A HA   5 
ATOM   1352 H HB   . ILE A 1 15 ? 2.159   5.759   0.639   1.00 0.00 ?  15 ILE A HB   5 
ATOM   1353 H HG12 . ILE A 1 15 ? -0.256  7.081   -0.622  1.00 0.00 ?  15 ILE A HG12 5 
ATOM   1354 H HG13 . ILE A 1 15 ? 0.974   7.892   0.341   1.00 0.00 ?  15 ILE A HG13 5 
ATOM   1355 H HG21 . ILE A 1 15 ? 1.273   3.676   -0.104  1.00 0.00 ?  15 ILE A HG21 5 
ATOM   1356 H HG22 . ILE A 1 15 ? 1.418   4.748   -1.496  1.00 0.00 ?  15 ILE A HG22 5 
ATOM   1357 H HG23 . ILE A 1 15 ? -0.161  4.461   -0.765  1.00 0.00 ?  15 ILE A HG23 5 
ATOM   1358 H HD11 . ILE A 1 15 ? 1.447   6.513   -2.291  1.00 0.00 ?  15 ILE A HD11 5 
ATOM   1359 H HD12 . ILE A 1 15 ? 2.654   7.367   -1.332  1.00 0.00 ?  15 ILE A HD12 5 
ATOM   1360 H HD13 . ILE A 1 15 ? 1.307   8.253   -2.045  1.00 0.00 ?  15 ILE A HD13 5 
ATOM   1361 N N    . PRO A 1 16 ? -1.915  6.728   1.601   1.00 0.00 ?  16 PRO A N    5 
ATOM   1362 C CA   . PRO A 1 16 ? -3.363  6.823   1.373   1.00 0.00 ?  16 PRO A CA   5 
ATOM   1363 C C    . PRO A 1 16 ? -3.801  6.189   0.065   1.00 0.00 ?  16 PRO A C    5 
ATOM   1364 O O    . PRO A 1 16 ? -3.356  6.591   -1.001  1.00 0.00 ?  16 PRO A O    5 
ATOM   1365 C CB   . PRO A 1 16 ? -3.603  8.324   1.322   1.00 0.00 ?  16 PRO A CB   5 
ATOM   1366 C CG   . PRO A 1 16 ? -2.565  8.890   2.213   1.00 0.00 ?  16 PRO A CG   5 
ATOM   1367 C CD   . PRO A 1 16 ? -1.353  8.010   2.064   1.00 0.00 ?  16 PRO A CD   5 
ATOM   1368 H HA   . PRO A 1 16 ? -3.923  6.395   2.188   1.00 0.00 ?  16 PRO A HA   5 
ATOM   1369 H HB2  . PRO A 1 16 ? -3.488  8.673   0.307   1.00 0.00 ?  16 PRO A HB2  5 
ATOM   1370 H HB3  . PRO A 1 16 ? -4.594  8.550   1.678   1.00 0.00 ?  16 PRO A HB3  5 
ATOM   1371 H HG2  . PRO A 1 16 ? -2.335  9.898   1.909   1.00 0.00 ?  16 PRO A HG2  5 
ATOM   1372 H HG3  . PRO A 1 16 ? -2.916  8.871   3.232   1.00 0.00 ?  16 PRO A HG3  5 
ATOM   1373 H HD2  . PRO A 1 16 ? -0.680  8.422   1.330   1.00 0.00 ?  16 PRO A HD2  5 
ATOM   1374 H HD3  . PRO A 1 16 ? -0.854  7.890   3.012   1.00 0.00 ?  16 PRO A HD3  5 
ATOM   1375 N N    . GLU A 1 17 ? -4.691  5.207   0.152   1.00 0.00 ?  17 GLU A N    5 
ATOM   1376 C CA   . GLU A 1 17 ? -5.204  4.532   -1.038  1.00 0.00 ?  17 GLU A CA   5 
ATOM   1377 C C    . GLU A 1 17 ? -6.095  5.464   -1.853  1.00 0.00 ?  17 GLU A C    5 
ATOM   1378 O O    . GLU A 1 17 ? -6.470  5.160   -2.981  1.00 0.00 ?  17 GLU A O    5 
ATOM   1379 C CB   . GLU A 1 17 ? -5.963  3.254   -0.659  1.00 0.00 ?  17 GLU A CB   5 
ATOM   1380 C CG   . GLU A 1 17 ? -5.064  2.097   -0.234  1.00 0.00 ?  17 GLU A CG   5 
ATOM   1381 C CD   . GLU A 1 17 ? -4.399  1.396   -1.415  1.00 0.00 ?  17 GLU A CD   5 
ATOM   1382 O OE1  . GLU A 1 17 ? -4.795  0.252   -1.732  1.00 0.00 ?  17 GLU A OE1  5 
ATOM   1383 O OE2  . GLU A 1 17 ? -3.488  1.973   -2.026  1.00 0.00 -1 17 GLU A OE2  5 
ATOM   1384 H H    . GLU A 1 17 ? -5.003  4.923   1.037   1.00 0.00 ?  17 GLU A H    5 
ATOM   1385 H HA   . GLU A 1 17 ? -4.346  4.268   -1.638  1.00 0.00 ?  17 GLU A HA   5 
ATOM   1386 H HB2  . GLU A 1 17 ? -6.631  3.479   0.157   1.00 0.00 ?  17 GLU A HB2  5 
ATOM   1387 H HB3  . GLU A 1 17 ? -6.546  2.933   -1.510  1.00 0.00 ?  17 GLU A HB3  5 
ATOM   1388 H HG2  . GLU A 1 17 ? -4.291  2.479   0.417   1.00 0.00 ?  17 GLU A HG2  5 
ATOM   1389 H HG3  . GLU A 1 17 ? -5.660  1.375   0.305   1.00 0.00 ?  17 GLU A HG3  5 
ATOM   1390 N N    . GLU A 1 18 ? -6.417  6.613   -1.272  1.00 0.00 ?  18 GLU A N    5 
ATOM   1391 C CA   . GLU A 1 18 ? -7.207  7.630   -1.952  1.00 0.00 ?  18 GLU A CA   5 
ATOM   1392 C C    . GLU A 1 18 ? -6.309  8.490   -2.849  1.00 0.00 ?  18 GLU A C    5 
ATOM   1393 O O    . GLU A 1 18 ? -6.719  9.540   -3.348  1.00 0.00 ?  18 GLU A O    5 
ATOM   1394 C CB   . GLU A 1 18 ? -7.949  8.497   -0.928  1.00 0.00 ?  18 GLU A CB   5 
ATOM   1395 C CG   . GLU A 1 18 ? -7.049  9.133   0.118   1.00 0.00 ?  18 GLU A CG   5 
ATOM   1396 C CD   . GLU A 1 18 ? -7.828  9.874   1.180   1.00 0.00 ?  18 GLU A CD   5 
ATOM   1397 O OE1  . GLU A 1 18 ? -8.009  9.321   2.285   1.00 0.00 ?  18 GLU A OE1  5 
ATOM   1398 O OE2  . GLU A 1 18 ? -8.270  11.009  0.918   1.00 0.00 -1 18 GLU A OE2  5 
ATOM   1399 H H    . GLU A 1 18 ? -6.115  6.778   -0.355  1.00 0.00 ?  18 GLU A H    5 
ATOM   1400 H HA   . GLU A 1 18 ? -7.930  7.123   -2.573  1.00 0.00 ?  18 GLU A HA   5 
ATOM   1401 H HB2  . GLU A 1 18 ? -8.466  9.288   -1.452  1.00 0.00 ?  18 GLU A HB2  5 
ATOM   1402 H HB3  . GLU A 1 18 ? -8.678  7.885   -0.417  1.00 0.00 ?  18 GLU A HB3  5 
ATOM   1403 H HG2  . GLU A 1 18 ? -6.471  8.356   0.596   1.00 0.00 ?  18 GLU A HG2  5 
ATOM   1404 H HG3  . GLU A 1 18 ? -6.380  9.827   -0.370  1.00 0.00 ?  18 GLU A HG3  5 
ATOM   1405 N N    . TYR A 1 19 ? -5.079  8.023   -3.037  1.00 0.00 ?  19 TYR A N    5 
ATOM   1406 C CA   . TYR A 1 19 ? -4.098  8.676   -3.894  1.00 0.00 ?  19 TYR A CA   5 
ATOM   1407 C C    . TYR A 1 19 ? -4.480  8.556   -5.361  1.00 0.00 ?  19 TYR A C    5 
ATOM   1408 O O    . TYR A 1 19 ? -5.362  7.762   -5.716  1.00 0.00 ?  19 TYR A O    5 
ATOM   1409 C CB   . TYR A 1 19 ? -2.678  8.091   -3.673  1.00 0.00 ?  19 TYR A CB   5 
ATOM   1410 C CG   . TYR A 1 19 ? -2.536  6.567   -3.883  1.00 0.00 ?  19 TYR A CG   5 
ATOM   1411 C CD1  . TYR A 1 19 ? -1.428  5.893   -3.394  1.00 0.00 ?  19 TYR A CD1  5 
ATOM   1412 C CD2  . TYR A 1 19 ? -3.501  5.816   -4.555  1.00 0.00 ?  19 TYR A CD2  5 
ATOM   1413 C CE1  . TYR A 1 19 ? -1.289  4.529   -3.561  1.00 0.00 ?  19 TYR A CE1  5 
ATOM   1414 C CE2  . TYR A 1 19 ? -3.364  4.457   -4.726  1.00 0.00 ?  19 TYR A CE2  5 
ATOM   1415 C CZ   . TYR A 1 19 ? -2.257  3.818   -4.228  1.00 0.00 ?  19 TYR A CZ   5 
ATOM   1416 O OH   . TYR A 1 19 ? -2.122  2.458   -4.385  1.00 0.00 ?  19 TYR A OH   5 
ATOM   1417 H H    . TYR A 1 19 ? -4.820  7.196   -2.579  1.00 0.00 ?  19 TYR A H    5 
ATOM   1418 H HA   . TYR A 1 19 ? -4.081  9.723   -3.631  1.00 0.00 ?  19 TYR A HA   5 
ATOM   1419 H HB2  . TYR A 1 19 ? -1.996  8.571   -4.358  1.00 0.00 ?  19 TYR A HB2  5 
ATOM   1420 H HB3  . TYR A 1 19 ? -2.368  8.314   -2.663  1.00 0.00 ?  19 TYR A HB3  5 
ATOM   1421 H HD1  . TYR A 1 19 ? -0.666  6.450   -2.868  1.00 0.00 ?  19 TYR A HD1  5 
ATOM   1422 H HD2  . TYR A 1 19 ? -4.371  6.320   -4.949  1.00 0.00 ?  19 TYR A HD2  5 
ATOM   1423 H HE1  . TYR A 1 19 ? -0.418  4.025   -3.178  1.00 0.00 ?  19 TYR A HE1  5 
ATOM   1424 H HE2  . TYR A 1 19 ? -4.126  3.899   -5.251  1.00 0.00 ?  19 TYR A HE2  5 
ATOM   1425 H HH   . TYR A 1 19 ? -2.160  2.059   -3.500  1.00 0.00 ?  19 TYR A HH   5 
ATOM   1426 N N    . LEU A 1 20 ? -3.852  9.378   -6.191  1.00 0.00 ?  20 LEU A N    5 
ATOM   1427 C CA   . LEU A 1 20 ? -4.020  9.308   -7.632  1.00 0.00 ?  20 LEU A CA   5 
ATOM   1428 C C    . LEU A 1 20 ? -5.433  9.704   -8.040  1.00 0.00 ?  20 LEU A C    5 
ATOM   1429 O O    . LEU A 1 20 ? -5.679  10.920  -8.202  1.00 0.00 ?  20 LEU A O    5 
ATOM   1430 C CB   . LEU A 1 20 ? -3.664  7.889   -8.119  1.00 0.00 ?  20 LEU A CB   5 
ATOM   1431 C CG   . LEU A 1 20 ? -3.674  7.648   -9.623  1.00 0.00 ?  20 LEU A CG   5 
ATOM   1432 C CD1  . LEU A 1 20 ? -2.712  8.591   -10.326 1.00 0.00 ?  20 LEU A CD1  5 
ATOM   1433 C CD2  . LEU A 1 20 ? -3.306  6.199   -9.908  1.00 0.00 ?  20 LEU A CD2  5 
ATOM   1434 O OXT  . LEU A 1 20 ? -6.294  8.816   -8.187  1.00 0.00 ?  20 LEU A OXT  5 
ATOM   1435 H H    . LEU A 1 20 ? -3.257  10.062  -5.820  1.00 0.00 ?  20 LEU A H    5 
ATOM   1436 H HA   . LEU A 1 20 ? -3.326  10.006  -8.075  1.00 0.00 ?  20 LEU A HA   5 
ATOM   1437 H HB2  . LEU A 1 20 ? -2.677  7.652   -7.755  1.00 0.00 ?  20 LEU A HB2  5 
ATOM   1438 H HB3  . LEU A 1 20 ? -4.362  7.201   -7.665  1.00 0.00 ?  20 LEU A HB3  5 
ATOM   1439 H HG   . LEU A 1 20 ? -4.666  7.825   -10.009 1.00 0.00 ?  20 LEU A HG   5 
ATOM   1440 H HD11 . LEU A 1 20 ? -2.708  8.376   -11.383 1.00 0.00 ?  20 LEU A HD11 5 
ATOM   1441 H HD12 . LEU A 1 20 ? -1.718  8.457   -9.925  1.00 0.00 ?  20 LEU A HD12 5 
ATOM   1442 H HD13 . LEU A 1 20 ? -3.029  9.612   -10.168 1.00 0.00 ?  20 LEU A HD13 5 
ATOM   1443 H HD21 . LEU A 1 20 ? -4.047  5.548   -9.470  1.00 0.00 ?  20 LEU A HD21 5 
ATOM   1444 H HD22 . LEU A 1 20 ? -2.341  5.982   -9.469  1.00 0.00 ?  20 LEU A HD22 5 
ATOM   1445 H HD23 . LEU A 1 20 ? -3.264  6.036   -10.975 1.00 0.00 ?  20 LEU A HD23 5 
# 
